data_7L2M
#
_entry.id   7L2M
#
_cell.length_a   1.00
_cell.length_b   1.00
_cell.length_c   1.00
_cell.angle_alpha   90.00
_cell.angle_beta   90.00
_cell.angle_gamma   90.00
#
_symmetry.space_group_name_H-M   'P 1'
#
loop_
_entity.id
_entity.type
_entity.pdbx_description
1 polymer 'Transient receptor potential cation channel subfamily V member 1'
2 polymer Tau-theraphotoxin-Hs1a
3 non-polymer resiniferatoxin
4 non-polymer 'SODIUM ION'
#
loop_
_entity_poly.entity_id
_entity_poly.type
_entity_poly.pdbx_seq_one_letter_code
_entity_poly.pdbx_strand_id
1 'polypeptide(L)'
;GAMGSEQRASLDSEESESPPQENSCLDPPDRDPNCKPPPVKPHIFTTRSRTRLFGKGDSEEASPLDCPYEEGGLASCPII
TVSSVLTIQRPGDGPASVRPSSQDSVSAGEKPPRLYDRRSIFDAVAQSNCQELESLLPFLQRSKKRLTDSEFKDPETGKT
CLLKAMLNLHNGQNDTIALLLDVARKTDSLKQFVNASYTDSYYKGQTALHIAIERRNMTLVTLLVENGADVQAAANGDFF
KKTKGRPGFYFGELPLSLAACTNQLAIVKFLLQNSWQPADISARDSVGNTVLHALVEVADNTVDNTKFVTSMYNEILILG
AKLHPTLKLEEITNRKGLTPLALAASSGKIGVLAYILQREIHEPECRHLSRKFTEWAYGPVHSSLYDLSCIDTCEKNSVL
EVIAYSSSETPNRHDMLLVEPLNRLLQDKWDRFVKRIFYFNFFVYCLYMIIFTAAAYYRPVEGLPPYKLKNTVGDYFRVT
GEILSVSGGVYFFFRGIQYFLQRRPSLKSLFVDSYSEILFFVQSLFMLVSVVLYFSQRKEYVASMVFSLAMGWTNMLYYT
RGFQQMGIYAVMIEKMILRDLCRFMFVYLVFLFGFSTAVVTLIEDGKNNSLPMESTPHKCRGSACKPGNSYNSLYSTCLE
LFKFTIGMGDLEFTENYDFKAVFIILLLAYVILTYILLLNMLIALMGETVNKIAQESKNIWKLQRAITILDTEKSFLKCM
RKAFRSGKLLQVGFTPDGKDDYRWCFRVDEVNWTTWNTNVGIINEDPGNCEGVKRTLSFSLRSGRVSGRNWKNFALVPLL
RDASTRDRHATQQEEVQLKHYTGSLKPEDAEVFKDSMVPGEK
;
A,C,D,B
2 'polypeptide(L)' MDCAKEGEVCSWGKKCCDLDNFYCPMEFIPHCKKYKPYVPVTTNCAKEGEVCGWGSKCCHGLDCPLAFIPYCEKYR E,F
#
# COMPACT_ATOMS: atom_id res chain seq x y z
N ARG A 284 -20.42 -53.60 -11.13
CA ARG A 284 -19.05 -53.74 -11.60
C ARG A 284 -18.12 -52.82 -10.82
N ASP A 285 -16.83 -53.18 -10.81
CA ASP A 285 -15.83 -52.43 -10.07
C ASP A 285 -14.50 -52.56 -10.79
N SER A 286 -13.53 -51.76 -10.35
CA SER A 286 -12.22 -51.70 -11.00
C SER A 286 -11.21 -52.62 -10.34
N VAL A 287 -10.93 -52.41 -9.05
CA VAL A 287 -9.86 -53.08 -8.35
C VAL A 287 -10.36 -53.70 -7.05
N GLY A 288 -11.60 -54.16 -7.05
CA GLY A 288 -12.20 -54.70 -5.84
C GLY A 288 -12.78 -53.65 -4.93
N ASN A 289 -12.99 -52.44 -5.42
CA ASN A 289 -13.52 -51.36 -4.60
C ASN A 289 -14.97 -51.63 -4.21
N THR A 290 -15.34 -51.24 -3.01
CA THR A 290 -16.71 -51.31 -2.54
C THR A 290 -17.52 -50.15 -3.12
N VAL A 291 -18.83 -50.22 -2.95
CA VAL A 291 -19.69 -49.14 -3.41
C VAL A 291 -19.43 -47.87 -2.60
N LEU A 292 -19.14 -48.02 -1.31
CA LEU A 292 -18.77 -46.87 -0.49
C LEU A 292 -17.51 -46.21 -1.03
N HIS A 293 -16.55 -47.02 -1.46
CA HIS A 293 -15.33 -46.48 -2.07
C HIS A 293 -15.66 -45.62 -3.29
N ALA A 294 -16.51 -46.14 -4.17
CA ALA A 294 -16.87 -45.40 -5.36
C ALA A 294 -17.60 -44.11 -5.01
N LEU A 295 -18.47 -44.17 -3.99
CA LEU A 295 -19.17 -42.95 -3.57
C LEU A 295 -18.21 -41.91 -3.01
N VAL A 296 -17.18 -42.34 -2.28
CA VAL A 296 -16.18 -41.40 -1.80
C VAL A 296 -15.46 -40.77 -2.98
N GLU A 297 -15.09 -41.59 -3.98
CA GLU A 297 -14.39 -41.05 -5.14
C GLU A 297 -15.26 -40.04 -5.88
N VAL A 298 -16.54 -40.35 -6.05
CA VAL A 298 -17.40 -39.52 -6.90
C VAL A 298 -17.77 -38.22 -6.20
N ALA A 299 -17.87 -38.25 -4.87
CA ALA A 299 -18.31 -37.08 -4.12
C ALA A 299 -17.38 -35.88 -4.39
N ASP A 300 -18.00 -34.71 -4.62
CA ASP A 300 -17.26 -33.49 -4.92
C ASP A 300 -17.70 -32.33 -4.02
N ASN A 301 -18.17 -32.64 -2.81
CA ASN A 301 -18.46 -31.64 -1.79
C ASN A 301 -19.58 -30.67 -2.19
N THR A 302 -20.42 -31.05 -3.15
CA THR A 302 -21.64 -30.31 -3.42
C THR A 302 -22.72 -30.73 -2.43
N VAL A 303 -23.59 -29.77 -2.07
CA VAL A 303 -24.57 -30.00 -1.01
C VAL A 303 -25.53 -31.12 -1.39
N ASP A 304 -26.05 -31.09 -2.61
CA ASP A 304 -27.01 -32.11 -3.01
C ASP A 304 -26.32 -33.45 -3.27
N ASN A 305 -25.10 -33.42 -3.79
CA ASN A 305 -24.32 -34.65 -3.87
C ASN A 305 -23.99 -35.17 -2.48
N THR A 306 -23.80 -34.27 -1.51
CA THR A 306 -23.62 -34.71 -0.14
C THR A 306 -24.85 -35.43 0.38
N LYS A 307 -26.04 -34.87 0.13
CA LYS A 307 -27.27 -35.54 0.54
C LYS A 307 -27.42 -36.88 -0.14
N PHE A 308 -27.12 -36.95 -1.43
CA PHE A 308 -27.24 -38.20 -2.19
C PHE A 308 -26.33 -39.28 -1.60
N VAL A 309 -25.05 -38.95 -1.44
CA VAL A 309 -24.11 -39.92 -0.89
C VAL A 309 -24.49 -40.28 0.54
N THR A 310 -25.00 -39.32 1.29
CA THR A 310 -25.40 -39.59 2.66
C THR A 310 -26.53 -40.61 2.72
N SER A 311 -27.57 -40.40 1.91
CA SER A 311 -28.69 -41.32 1.91
C SER A 311 -28.25 -42.70 1.41
N MET A 312 -27.39 -42.72 0.40
CA MET A 312 -26.86 -43.98 -0.09
C MET A 312 -26.12 -44.72 1.02
N TYR A 313 -25.30 -44.01 1.80
CA TYR A 313 -24.61 -44.64 2.90
C TYR A 313 -25.58 -45.17 3.93
N ASN A 314 -26.61 -44.40 4.26
CA ASN A 314 -27.58 -44.84 5.27
C ASN A 314 -28.25 -46.13 4.84
N GLU A 315 -28.77 -46.16 3.60
CA GLU A 315 -29.45 -47.35 3.11
C GLU A 315 -28.49 -48.53 2.99
N ILE A 316 -27.30 -48.31 2.45
CA ILE A 316 -26.35 -49.40 2.24
C ILE A 316 -25.92 -49.99 3.58
N LEU A 317 -25.64 -49.14 4.56
CA LEU A 317 -25.23 -49.64 5.86
C LEU A 317 -26.35 -50.45 6.52
N ILE A 318 -27.59 -49.95 6.42
CA ILE A 318 -28.70 -50.71 7.00
C ILE A 318 -28.81 -52.07 6.33
N LEU A 319 -28.74 -52.09 4.99
CA LEU A 319 -28.88 -53.34 4.26
C LEU A 319 -27.77 -54.31 4.61
N GLY A 320 -26.53 -53.81 4.69
CA GLY A 320 -25.42 -54.68 5.04
C GLY A 320 -25.56 -55.25 6.44
N ALA A 321 -26.03 -54.44 7.38
CA ALA A 321 -26.24 -54.94 8.74
C ALA A 321 -27.29 -56.03 8.76
N LYS A 322 -28.33 -55.89 7.95
CA LYS A 322 -29.40 -56.88 7.95
C LYS A 322 -29.02 -58.15 7.19
N LEU A 323 -28.20 -58.03 6.13
CA LEU A 323 -27.93 -59.18 5.27
C LEU A 323 -26.92 -60.14 5.91
N HIS A 324 -25.77 -59.61 6.33
CA HIS A 324 -24.67 -60.43 6.84
C HIS A 324 -24.14 -59.84 8.14
N PRO A 325 -24.92 -59.95 9.23
CA PRO A 325 -24.43 -59.50 10.54
C PRO A 325 -23.42 -60.46 11.15
N THR A 326 -22.31 -60.69 10.44
CA THR A 326 -21.30 -61.67 10.81
C THR A 326 -19.90 -61.09 10.93
N LEU A 327 -19.58 -60.02 10.20
CA LEU A 327 -18.25 -59.42 10.24
C LEU A 327 -18.35 -57.98 9.78
N LYS A 328 -17.31 -57.21 10.11
CA LYS A 328 -17.27 -55.81 9.72
C LYS A 328 -16.74 -55.68 8.29
N LEU A 329 -17.46 -54.90 7.48
CA LEU A 329 -17.13 -54.68 6.07
C LEU A 329 -16.79 -53.24 5.74
N GLU A 330 -17.04 -52.29 6.65
CA GLU A 330 -16.72 -50.90 6.37
C GLU A 330 -15.23 -50.66 6.29
N GLU A 331 -14.42 -51.46 6.98
CA GLU A 331 -12.98 -51.30 7.03
C GLU A 331 -12.29 -52.12 5.94
N ILE A 332 -12.70 -51.93 4.69
CA ILE A 332 -12.12 -52.69 3.59
C ILE A 332 -10.77 -52.09 3.21
N THR A 333 -9.80 -52.95 2.94
CA THR A 333 -8.49 -52.52 2.50
C THR A 333 -8.45 -52.37 0.98
N ASN A 334 -7.34 -51.82 0.50
CA ASN A 334 -7.13 -51.60 -0.93
C ASN A 334 -5.64 -51.68 -1.21
N ARG A 335 -5.25 -51.37 -2.45
CA ARG A 335 -3.83 -51.40 -2.81
C ARG A 335 -3.04 -50.37 -2.01
N LYS A 336 -3.61 -49.19 -1.77
CA LYS A 336 -3.00 -48.19 -0.91
C LYS A 336 -3.32 -48.42 0.56
N GLY A 337 -4.14 -49.41 0.89
CA GLY A 337 -4.51 -49.65 2.26
C GLY A 337 -5.43 -48.61 2.84
N LEU A 338 -6.23 -47.94 2.02
CA LEU A 338 -7.06 -46.82 2.43
C LEU A 338 -8.51 -47.27 2.55
N THR A 339 -9.08 -47.11 3.74
CA THR A 339 -10.49 -47.31 3.95
C THR A 339 -11.26 -46.14 3.37
N PRO A 340 -12.59 -46.28 3.18
CA PRO A 340 -13.39 -45.12 2.72
C PRO A 340 -13.25 -43.91 3.62
N LEU A 341 -13.16 -44.11 4.94
CA LEU A 341 -12.85 -43.00 5.82
C LEU A 341 -11.47 -42.43 5.50
N ALA A 342 -10.47 -43.32 5.38
CA ALA A 342 -9.13 -42.89 5.07
C ALA A 342 -9.05 -42.21 3.71
N LEU A 343 -9.75 -42.75 2.71
CA LEU A 343 -9.72 -42.15 1.39
C LEU A 343 -10.40 -40.78 1.38
N ALA A 344 -11.53 -40.67 2.08
CA ALA A 344 -12.20 -39.37 2.18
C ALA A 344 -11.29 -38.36 2.83
N ALA A 345 -10.57 -38.77 3.88
CA ALA A 345 -9.61 -37.86 4.50
C ALA A 345 -8.49 -37.49 3.53
N SER A 346 -7.98 -38.47 2.78
CA SER A 346 -6.84 -38.20 1.91
C SER A 346 -7.21 -37.26 0.77
N SER A 347 -8.36 -37.48 0.13
CA SER A 347 -8.71 -36.74 -1.07
C SER A 347 -9.37 -35.39 -0.80
N GLY A 348 -9.65 -35.07 0.46
CA GLY A 348 -10.31 -33.82 0.77
C GLY A 348 -11.81 -33.83 0.63
N LYS A 349 -12.44 -35.00 0.76
CA LYS A 349 -13.89 -35.11 0.68
C LYS A 349 -14.50 -34.78 2.04
N ILE A 350 -14.48 -33.48 2.37
CA ILE A 350 -14.91 -33.02 3.68
C ILE A 350 -16.37 -33.39 3.94
N GLY A 351 -17.19 -33.39 2.89
CA GLY A 351 -18.59 -33.71 3.07
C GLY A 351 -18.81 -35.10 3.62
N VAL A 352 -17.96 -36.05 3.21
CA VAL A 352 -18.08 -37.40 3.73
C VAL A 352 -17.63 -37.46 5.18
N LEU A 353 -16.55 -36.75 5.52
CA LEU A 353 -16.12 -36.73 6.92
C LEU A 353 -17.18 -36.13 7.81
N ALA A 354 -17.94 -35.16 7.30
CA ALA A 354 -18.95 -34.50 8.10
C ALA A 354 -19.99 -35.48 8.62
N TYR A 355 -20.28 -36.53 7.86
CA TYR A 355 -21.28 -37.53 8.23
C TYR A 355 -20.67 -38.79 8.82
N ILE A 356 -19.69 -39.39 8.14
CA ILE A 356 -19.21 -40.72 8.50
C ILE A 356 -18.61 -40.74 9.88
N LEU A 357 -18.09 -39.60 10.34
CA LEU A 357 -17.52 -39.51 11.69
C LEU A 357 -18.58 -39.27 12.75
N GLN A 358 -19.83 -39.01 12.37
CA GLN A 358 -20.88 -38.63 13.32
C GLN A 358 -22.17 -39.35 13.00
N ARG A 359 -22.10 -40.65 12.68
CA ARG A 359 -23.31 -41.41 12.44
C ARG A 359 -24.11 -41.55 13.73
N GLU A 360 -25.41 -41.24 13.65
CA GLU A 360 -26.30 -41.30 14.79
C GLU A 360 -27.64 -41.81 14.30
N ILE A 361 -28.04 -42.99 14.77
CA ILE A 361 -29.27 -43.61 14.28
C ILE A 361 -29.77 -44.59 15.32
N HIS A 362 -31.10 -44.72 15.40
CA HIS A 362 -31.77 -45.77 16.17
C HIS A 362 -32.49 -46.67 15.17
N GLU A 363 -31.80 -47.72 14.74
CA GLU A 363 -32.36 -48.75 13.86
C GLU A 363 -32.33 -50.06 14.65
N PRO A 364 -33.47 -50.59 15.13
CA PRO A 364 -33.42 -51.81 15.92
C PRO A 364 -32.78 -52.98 15.15
N GLU A 365 -32.00 -53.78 15.88
CA GLU A 365 -31.23 -54.91 15.38
C GLU A 365 -30.01 -54.48 14.55
N CYS A 366 -29.80 -53.17 14.37
CA CYS A 366 -28.69 -52.65 13.59
C CYS A 366 -28.16 -51.38 14.25
N ARG A 367 -28.02 -51.40 15.57
CA ARG A 367 -27.56 -50.23 16.32
C ARG A 367 -26.06 -50.22 16.54
N HIS A 368 -25.33 -51.20 16.02
CA HIS A 368 -23.88 -51.28 16.22
C HIS A 368 -23.09 -50.50 15.19
N LEU A 369 -23.75 -49.76 14.30
CA LEU A 369 -23.08 -48.90 13.33
C LEU A 369 -23.13 -47.42 13.72
N SER A 370 -23.62 -47.09 14.92
CA SER A 370 -23.69 -45.70 15.37
C SER A 370 -22.39 -45.31 16.05
N ARG A 371 -21.95 -44.07 15.79
CA ARG A 371 -20.75 -43.51 16.39
C ARG A 371 -21.04 -42.48 17.47
N LYS A 372 -22.18 -41.80 17.40
CA LYS A 372 -22.56 -40.75 18.33
C LYS A 372 -23.72 -41.22 19.18
N PHE A 373 -23.68 -40.92 20.48
CA PHE A 373 -24.71 -41.28 21.43
C PHE A 373 -24.93 -40.10 22.37
N THR A 374 -25.88 -40.24 23.28
CA THR A 374 -26.18 -39.19 24.25
C THR A 374 -26.45 -39.82 25.62
N GLU A 375 -26.01 -39.13 26.68
CA GLU A 375 -26.28 -39.53 28.05
C GLU A 375 -27.12 -38.51 28.81
N TRP A 376 -26.65 -37.27 28.88
CA TRP A 376 -27.37 -36.15 29.48
C TRP A 376 -27.78 -35.17 28.38
N ALA A 377 -28.93 -34.52 28.56
CA ALA A 377 -29.39 -33.55 27.59
C ALA A 377 -30.14 -32.43 28.29
N TYR A 378 -29.88 -31.20 27.84
CA TYR A 378 -30.56 -30.01 28.34
C TYR A 378 -31.01 -29.17 27.16
N GLY A 379 -31.49 -27.96 27.39
CA GLY A 379 -32.02 -27.13 26.33
C GLY A 379 -30.97 -26.74 25.30
N PRO A 380 -30.01 -25.91 25.70
CA PRO A 380 -28.96 -25.49 24.75
C PRO A 380 -27.72 -26.36 24.73
N VAL A 381 -27.52 -27.22 25.74
CA VAL A 381 -26.27 -27.96 25.91
C VAL A 381 -26.59 -29.45 25.95
N HIS A 382 -25.79 -30.25 25.23
CA HIS A 382 -25.94 -31.70 25.18
C HIS A 382 -24.60 -32.38 25.42
N SER A 383 -24.61 -33.39 26.29
CA SER A 383 -23.41 -34.13 26.67
C SER A 383 -23.27 -35.36 25.77
N SER A 384 -22.77 -35.12 24.56
CA SER A 384 -22.71 -36.19 23.57
C SER A 384 -21.55 -37.13 23.87
N LEU A 385 -21.66 -38.36 23.38
CA LEU A 385 -20.67 -39.42 23.55
C LEU A 385 -20.19 -39.85 22.18
N TYR A 386 -18.89 -39.66 21.90
CA TYR A 386 -18.32 -39.90 20.57
C TYR A 386 -17.42 -41.11 20.57
N ASP A 387 -17.57 -41.94 19.53
CA ASP A 387 -16.63 -43.02 19.27
C ASP A 387 -15.28 -42.44 18.88
N LEU A 388 -14.20 -43.12 19.29
CA LEU A 388 -12.84 -42.65 19.08
C LEU A 388 -11.95 -43.66 18.37
N SER A 389 -12.51 -44.77 17.89
CA SER A 389 -11.65 -45.82 17.36
C SER A 389 -11.08 -45.43 16.00
N CYS A 390 -9.97 -46.07 15.66
CA CYS A 390 -9.30 -45.92 14.37
C CYS A 390 -8.70 -44.53 14.16
N ILE A 391 -8.55 -43.74 15.21
CA ILE A 391 -7.92 -42.42 15.14
C ILE A 391 -6.53 -42.44 15.75
N ASP A 392 -6.38 -43.05 16.93
CA ASP A 392 -5.10 -43.15 17.61
C ASP A 392 -4.37 -44.46 17.34
N THR A 393 -5.08 -45.59 17.42
CA THR A 393 -4.50 -46.93 17.22
C THR A 393 -5.33 -47.63 16.17
N CYS A 394 -4.97 -47.40 14.91
CA CYS A 394 -5.48 -48.15 13.77
C CYS A 394 -4.41 -49.05 13.17
N GLU A 395 -3.14 -48.77 13.44
CA GLU A 395 -2.01 -49.62 13.12
C GLU A 395 -1.64 -49.62 11.63
N LYS A 396 -2.44 -48.96 10.78
CA LYS A 396 -2.06 -48.83 9.37
C LYS A 396 -1.93 -47.37 8.93
N ASN A 397 -3.01 -46.61 9.01
CA ASN A 397 -3.05 -45.23 8.52
C ASN A 397 -4.22 -44.52 9.17
N SER A 398 -3.96 -43.77 10.24
CA SER A 398 -5.05 -43.12 10.94
C SER A 398 -5.55 -41.92 10.16
N VAL A 399 -6.70 -41.38 10.59
CA VAL A 399 -7.21 -40.17 9.97
C VAL A 399 -6.26 -39.01 10.21
N LEU A 400 -5.69 -38.93 11.41
CA LEU A 400 -4.77 -37.85 11.72
C LEU A 400 -3.53 -37.92 10.84
N GLU A 401 -3.08 -39.13 10.54
CA GLU A 401 -1.82 -39.33 9.83
C GLU A 401 -1.88 -38.95 8.36
N VAL A 402 -3.07 -38.66 7.81
CA VAL A 402 -3.19 -38.26 6.41
C VAL A 402 -3.82 -36.88 6.29
N ILE A 403 -4.66 -36.50 7.24
CA ILE A 403 -5.27 -35.17 7.18
C ILE A 403 -4.22 -34.10 7.45
N ALA A 404 -3.29 -34.38 8.37
CA ALA A 404 -2.23 -33.45 8.72
C ALA A 404 -0.98 -33.58 7.87
N TYR A 405 -0.87 -34.65 7.08
CA TYR A 405 0.30 -34.91 6.25
C TYR A 405 -0.04 -34.76 4.76
N SER A 406 -1.01 -33.91 4.45
CA SER A 406 -1.38 -33.69 3.06
C SER A 406 -0.28 -32.90 2.34
N SER A 407 -0.32 -32.95 1.01
CA SER A 407 0.71 -32.35 0.17
C SER A 407 0.41 -30.90 -0.18
N SER A 408 -0.37 -30.20 0.63
CA SER A 408 -0.69 -28.78 0.40
C SER A 408 -1.40 -28.57 -0.93
N GLU A 409 -2.15 -29.58 -1.39
CA GLU A 409 -3.09 -29.44 -2.50
C GLU A 409 -4.54 -29.66 -2.08
N THR A 410 -4.79 -30.21 -0.91
CA THR A 410 -6.15 -30.46 -0.46
C THR A 410 -6.87 -29.13 -0.22
N PRO A 411 -8.05 -28.89 -0.81
CA PRO A 411 -8.63 -27.54 -0.71
C PRO A 411 -9.20 -27.20 0.65
N ASN A 412 -9.54 -28.20 1.47
CA ASN A 412 -10.18 -27.97 2.76
C ASN A 412 -9.35 -28.45 3.94
N ARG A 413 -8.04 -28.65 3.76
CA ARG A 413 -7.21 -29.13 4.87
C ARG A 413 -7.23 -28.17 6.04
N HIS A 414 -7.44 -26.88 5.79
CA HIS A 414 -7.51 -25.91 6.89
C HIS A 414 -8.80 -26.04 7.68
N ASP A 415 -9.87 -26.58 7.07
CA ASP A 415 -11.16 -26.73 7.74
C ASP A 415 -11.45 -28.15 8.19
N MET A 416 -10.88 -29.16 7.53
CA MET A 416 -11.27 -30.54 7.78
C MET A 416 -11.01 -30.95 9.23
N LEU A 417 -9.96 -30.41 9.83
CA LEU A 417 -9.68 -30.68 11.24
C LEU A 417 -10.61 -29.93 12.20
N LEU A 418 -11.47 -29.06 11.70
CA LEU A 418 -12.44 -28.38 12.54
C LEU A 418 -13.68 -29.21 12.84
N VAL A 419 -13.78 -30.41 12.29
CA VAL A 419 -14.83 -31.33 12.71
C VAL A 419 -14.64 -31.64 14.19
N GLU A 420 -15.75 -31.71 14.92
CA GLU A 420 -15.73 -31.70 16.38
C GLU A 420 -14.82 -32.74 17.04
N PRO A 421 -14.89 -34.04 16.70
CA PRO A 421 -14.13 -35.04 17.48
C PRO A 421 -12.64 -34.79 17.42
N LEU A 422 -12.13 -34.56 16.20
CA LEU A 422 -10.72 -34.29 16.02
C LEU A 422 -10.31 -33.01 16.74
N ASN A 423 -11.13 -31.97 16.64
CA ASN A 423 -10.80 -30.71 17.27
C ASN A 423 -10.67 -30.86 18.78
N ARG A 424 -11.63 -31.56 19.39
CA ARG A 424 -11.57 -31.75 20.84
C ARG A 424 -10.42 -32.65 21.24
N LEU A 425 -10.12 -33.69 20.43
CA LEU A 425 -8.99 -34.54 20.73
C LEU A 425 -7.70 -33.73 20.79
N LEU A 426 -7.48 -32.89 19.79
CA LEU A 426 -6.26 -32.11 19.74
C LEU A 426 -6.22 -31.10 20.88
N GLN A 427 -7.35 -30.46 21.18
CA GLN A 427 -7.36 -29.48 22.26
C GLN A 427 -7.02 -30.14 23.59
N ASP A 428 -7.60 -31.30 23.88
CA ASP A 428 -7.33 -31.96 25.15
C ASP A 428 -5.89 -32.45 25.20
N LYS A 429 -5.40 -33.02 24.10
CA LYS A 429 -4.02 -33.51 24.09
C LYS A 429 -3.05 -32.36 24.34
N TRP A 430 -3.33 -31.19 23.76
CA TRP A 430 -2.50 -30.03 24.03
C TRP A 430 -2.54 -29.65 25.50
N ASP A 431 -3.75 -29.48 26.05
CA ASP A 431 -3.84 -28.97 27.41
C ASP A 431 -3.31 -29.96 28.44
N ARG A 432 -3.43 -31.25 28.18
CA ARG A 432 -3.20 -32.24 29.23
C ARG A 432 -1.72 -32.41 29.53
N PHE A 433 -0.94 -32.88 28.55
CA PHE A 433 0.44 -33.28 28.79
C PHE A 433 1.42 -32.76 27.74
N VAL A 434 0.93 -32.40 26.56
CA VAL A 434 1.85 -32.12 25.45
C VAL A 434 2.69 -30.89 25.74
N LYS A 435 2.08 -29.86 26.33
CA LYS A 435 2.79 -28.61 26.57
C LYS A 435 4.05 -28.83 27.39
N ARG A 436 3.97 -29.69 28.40
CA ARG A 436 5.12 -29.94 29.27
C ARG A 436 6.33 -30.40 28.48
N ILE A 437 6.12 -31.07 27.35
CA ILE A 437 7.24 -31.41 26.49
C ILE A 437 7.68 -30.23 25.66
N PHE A 438 6.74 -29.57 24.97
CA PHE A 438 7.12 -28.62 23.92
C PHE A 438 7.94 -27.49 24.50
N TYR A 439 7.42 -26.83 25.53
CA TYR A 439 8.18 -25.77 26.18
C TYR A 439 9.53 -26.27 26.66
N PHE A 440 9.55 -27.47 27.25
CA PHE A 440 10.82 -28.01 27.71
C PHE A 440 11.78 -28.14 26.54
N ASN A 441 11.29 -28.69 25.43
CA ASN A 441 12.12 -28.81 24.23
C ASN A 441 12.70 -27.47 23.85
N PHE A 442 11.85 -26.44 23.82
CA PHE A 442 12.30 -25.12 23.41
C PHE A 442 13.44 -24.65 24.29
N PHE A 443 13.27 -24.83 25.60
CA PHE A 443 14.30 -24.38 26.54
C PHE A 443 15.62 -25.04 26.23
N VAL A 444 15.59 -26.37 26.02
CA VAL A 444 16.83 -27.10 25.79
C VAL A 444 17.53 -26.55 24.57
N TYR A 445 16.77 -26.32 23.50
CA TYR A 445 17.39 -25.83 22.28
C TYR A 445 18.05 -24.49 22.53
N CYS A 446 17.34 -23.60 23.23
CA CYS A 446 17.90 -22.29 23.51
C CYS A 446 19.20 -22.43 24.27
N LEU A 447 19.21 -23.31 25.28
CA LEU A 447 20.42 -23.48 26.07
C LEU A 447 21.55 -23.94 25.18
N TYR A 448 21.25 -24.88 24.27
CA TYR A 448 22.28 -25.41 23.40
C TYR A 448 22.93 -24.29 22.61
N MET A 449 22.10 -23.41 22.03
CA MET A 449 22.67 -22.37 21.18
C MET A 449 23.57 -21.45 21.98
N ILE A 450 23.20 -21.13 23.22
CA ILE A 450 24.03 -20.24 24.01
C ILE A 450 25.41 -20.84 24.19
N ILE A 451 25.45 -22.13 24.54
CA ILE A 451 26.76 -22.77 24.73
C ILE A 451 27.55 -22.71 23.45
N PHE A 452 26.88 -23.00 22.33
CA PHE A 452 27.57 -22.99 21.06
C PHE A 452 28.19 -21.63 20.81
N THR A 453 27.43 -20.57 21.08
CA THR A 453 27.94 -19.23 20.83
C THR A 453 29.19 -18.98 21.65
N ALA A 454 29.16 -19.37 22.93
CA ALA A 454 30.34 -19.17 23.75
C ALA A 454 31.51 -19.94 23.19
N ALA A 455 31.25 -21.19 22.78
CA ALA A 455 32.32 -22.01 22.23
C ALA A 455 32.89 -21.36 20.98
N ALA A 456 32.04 -20.67 20.22
CA ALA A 456 32.55 -19.98 19.05
C ALA A 456 33.40 -18.78 19.45
N TYR A 457 32.94 -18.01 20.43
CA TYR A 457 33.52 -16.69 20.64
C TYR A 457 34.96 -16.78 21.09
N TYR A 458 35.26 -17.71 21.99
CA TYR A 458 36.57 -17.79 22.62
C TYR A 458 37.51 -18.78 21.93
N ARG A 459 37.37 -18.96 20.61
CA ARG A 459 38.28 -19.85 19.91
C ARG A 459 39.70 -19.30 20.00
N PRO A 460 40.72 -20.16 20.01
CA PRO A 460 42.09 -19.65 20.05
C PRO A 460 42.47 -18.97 18.75
N VAL A 461 43.42 -18.06 18.85
CA VAL A 461 43.77 -17.20 17.73
C VAL A 461 44.93 -17.76 16.91
N GLU A 462 45.88 -18.44 17.55
CA GLU A 462 47.03 -18.97 16.84
C GLU A 462 46.58 -20.00 15.80
N GLY A 463 47.36 -20.14 14.74
CA GLY A 463 46.95 -20.89 13.59
C GLY A 463 47.24 -22.38 13.71
N LEU A 464 46.92 -23.10 12.63
CA LEU A 464 47.20 -24.52 12.50
C LEU A 464 46.54 -25.35 13.59
N PRO A 465 45.23 -25.57 13.53
CA PRO A 465 44.61 -26.56 14.41
C PRO A 465 45.12 -27.95 14.07
N PRO A 466 44.87 -28.94 14.95
CA PRO A 466 44.24 -28.84 16.26
C PRO A 466 45.20 -28.29 17.29
N TYR A 467 44.67 -27.72 18.37
CA TYR A 467 45.46 -27.01 19.36
C TYR A 467 45.54 -27.82 20.65
N LYS A 468 46.72 -27.78 21.27
CA LYS A 468 46.98 -28.54 22.48
C LYS A 468 46.45 -27.76 23.68
N LEU A 469 45.61 -28.41 24.47
CA LEU A 469 45.01 -27.74 25.61
C LEU A 469 46.00 -27.63 26.76
N LYS A 470 45.84 -26.58 27.56
CA LYS A 470 46.59 -26.38 28.78
C LYS A 470 45.75 -26.85 29.96
N ASN A 471 46.40 -26.98 31.11
CA ASN A 471 45.70 -27.45 32.30
C ASN A 471 44.90 -26.36 33.01
N THR A 472 44.77 -25.18 32.41
CA THR A 472 43.92 -24.15 32.98
C THR A 472 42.45 -24.50 32.80
N VAL A 473 41.60 -23.94 33.67
CA VAL A 473 40.19 -24.29 33.66
C VAL A 473 39.51 -23.83 32.37
N GLY A 474 39.94 -22.69 31.83
CA GLY A 474 39.31 -22.16 30.64
C GLY A 474 39.38 -23.13 29.47
N ASP A 475 40.51 -23.83 29.33
CA ASP A 475 40.62 -24.79 28.25
C ASP A 475 39.65 -25.94 28.44
N TYR A 476 39.47 -26.40 29.68
CA TYR A 476 38.52 -27.48 29.91
C TYR A 476 37.11 -27.04 29.59
N PHE A 477 36.74 -25.81 29.96
CA PHE A 477 35.42 -25.33 29.60
C PHE A 477 35.25 -25.23 28.09
N ARG A 478 36.27 -24.74 27.39
CA ARG A 478 36.17 -24.60 25.94
C ARG A 478 36.01 -25.97 25.29
N VAL A 479 36.80 -26.95 25.73
CA VAL A 479 36.71 -28.28 25.14
C VAL A 479 35.33 -28.88 25.40
N THR A 480 34.79 -28.67 26.61
CA THR A 480 33.46 -29.16 26.90
C THR A 480 32.43 -28.53 25.98
N GLY A 481 32.53 -27.22 25.77
CA GLY A 481 31.60 -26.56 24.87
C GLY A 481 31.67 -27.10 23.47
N GLU A 482 32.89 -27.32 22.96
CA GLU A 482 33.03 -27.84 21.61
C GLU A 482 32.42 -29.23 21.50
N ILE A 483 32.64 -30.07 22.51
CA ILE A 483 32.12 -31.44 22.47
C ILE A 483 30.59 -31.42 22.45
N LEU A 484 29.98 -30.58 23.30
CA LEU A 484 28.53 -30.47 23.29
C LEU A 484 28.02 -30.01 21.94
N SER A 485 28.70 -29.03 21.33
CA SER A 485 28.24 -28.51 20.04
C SER A 485 28.27 -29.59 18.97
N VAL A 486 29.35 -30.36 18.91
CA VAL A 486 29.43 -31.40 17.89
C VAL A 486 28.39 -32.47 18.15
N SER A 487 28.12 -32.78 19.42
CA SER A 487 27.08 -33.76 19.71
C SER A 487 25.73 -33.31 19.19
N GLY A 488 25.39 -32.03 19.42
CA GLY A 488 24.14 -31.52 18.88
C GLY A 488 24.08 -31.65 17.37
N GLY A 489 25.18 -31.31 16.70
CA GLY A 489 25.21 -31.41 15.25
C GLY A 489 24.95 -32.83 14.76
N VAL A 490 25.61 -33.80 15.40
CA VAL A 490 25.42 -35.18 14.99
C VAL A 490 23.98 -35.62 15.20
N TYR A 491 23.40 -35.24 16.35
CA TYR A 491 22.03 -35.62 16.65
C TYR A 491 21.08 -35.10 15.58
N PHE A 492 21.23 -33.83 15.21
CA PHE A 492 20.35 -33.29 14.18
C PHE A 492 20.55 -34.00 12.86
N PHE A 493 21.78 -34.36 12.52
CA PHE A 493 22.04 -35.08 11.28
C PHE A 493 21.23 -36.37 11.24
N PHE A 494 21.30 -37.16 12.30
CA PHE A 494 20.59 -38.43 12.28
C PHE A 494 19.08 -38.24 12.31
N ARG A 495 18.57 -37.24 13.04
CA ARG A 495 17.14 -37.01 13.01
C ARG A 495 16.67 -36.67 11.61
N GLY A 496 17.42 -35.82 10.91
CA GLY A 496 17.05 -35.47 9.55
C GLY A 496 17.05 -36.67 8.61
N ILE A 497 18.08 -37.51 8.73
CA ILE A 497 18.12 -38.70 7.86
C ILE A 497 16.93 -39.60 8.14
N GLN A 498 16.60 -39.80 9.43
CA GLN A 498 15.46 -40.64 9.74
C GLN A 498 14.19 -40.08 9.13
N TYR A 499 14.00 -38.76 9.24
CA TYR A 499 12.79 -38.17 8.67
C TYR A 499 12.74 -38.38 7.17
N PHE A 500 13.87 -38.17 6.48
CA PHE A 500 13.83 -38.28 5.02
C PHE A 500 13.57 -39.71 4.60
N LEU A 501 14.12 -40.69 5.30
CA LEU A 501 13.84 -42.08 4.94
C LEU A 501 12.39 -42.45 5.22
N GLN A 502 11.82 -41.96 6.33
CA GLN A 502 10.45 -42.33 6.66
C GLN A 502 9.42 -41.66 5.77
N ARG A 503 9.65 -40.39 5.42
CA ARG A 503 8.63 -39.62 4.70
C ARG A 503 8.67 -39.87 3.20
N ARG A 504 9.86 -40.02 2.62
CA ARG A 504 10.03 -40.20 1.19
C ARG A 504 9.41 -39.04 0.41
N PRO A 505 10.03 -37.87 0.41
CA PRO A 505 9.48 -36.75 -0.38
C PRO A 505 9.64 -37.01 -1.88
N SER A 506 8.83 -36.30 -2.65
CA SER A 506 8.73 -36.55 -4.09
C SER A 506 9.91 -36.02 -4.89
N LEU A 507 10.72 -35.13 -4.34
CA LEU A 507 11.76 -34.36 -5.02
C LEU A 507 11.20 -33.25 -5.91
N LYS A 508 9.88 -33.13 -6.04
CA LYS A 508 9.24 -32.01 -6.71
C LYS A 508 8.55 -31.06 -5.75
N SER A 509 7.91 -31.60 -4.71
CA SER A 509 7.43 -30.82 -3.59
C SER A 509 8.37 -30.94 -2.39
N LEU A 510 9.66 -31.16 -2.66
CA LEU A 510 10.62 -31.27 -1.57
C LEU A 510 10.66 -30.00 -0.73
N PHE A 511 10.64 -28.84 -1.39
CA PHE A 511 10.77 -27.56 -0.69
C PHE A 511 9.43 -26.93 -0.35
N VAL A 512 8.34 -27.36 -0.98
CA VAL A 512 7.04 -26.79 -0.63
C VAL A 512 6.66 -27.18 0.79
N ASP A 513 6.85 -28.44 1.14
CA ASP A 513 6.69 -28.94 2.50
C ASP A 513 8.06 -29.26 3.07
N SER A 514 8.10 -29.61 4.36
CA SER A 514 9.32 -30.07 4.99
C SER A 514 10.44 -29.03 4.91
N TYR A 515 10.07 -27.76 4.95
CA TYR A 515 11.07 -26.70 4.92
C TYR A 515 11.97 -26.77 6.15
N SER A 516 11.36 -27.00 7.31
CA SER A 516 12.11 -26.92 8.56
C SER A 516 13.15 -28.02 8.67
N GLU A 517 12.78 -29.27 8.31
CA GLU A 517 13.77 -30.33 8.36
C GLU A 517 14.92 -30.03 7.42
N ILE A 518 14.63 -29.43 6.26
CA ILE A 518 15.68 -29.12 5.32
C ILE A 518 16.67 -28.14 5.93
N LEU A 519 16.17 -27.10 6.58
CA LEU A 519 17.09 -26.13 7.17
C LEU A 519 17.90 -26.73 8.31
N PHE A 520 17.26 -27.52 9.17
CA PHE A 520 18.00 -28.13 10.26
C PHE A 520 19.08 -29.07 9.71
N PHE A 521 18.73 -29.85 8.68
CA PHE A 521 19.70 -30.74 8.09
C PHE A 521 20.87 -29.97 7.48
N VAL A 522 20.58 -28.83 6.84
CA VAL A 522 21.66 -28.02 6.27
C VAL A 522 22.60 -27.55 7.37
N GLN A 523 22.03 -27.14 8.51
CA GLN A 523 22.88 -26.80 9.64
C GLN A 523 23.77 -27.96 10.03
N SER A 524 23.20 -29.16 10.08
CA SER A 524 24.00 -30.31 10.49
C SER A 524 25.14 -30.54 9.52
N LEU A 525 24.86 -30.40 8.22
CA LEU A 525 25.91 -30.59 7.22
C LEU A 525 27.04 -29.59 7.42
N PHE A 526 26.70 -28.32 7.65
CA PHE A 526 27.75 -27.32 7.80
C PHE A 526 28.59 -27.61 9.03
N MET A 527 27.96 -28.01 10.14
CA MET A 527 28.73 -28.34 11.33
C MET A 527 29.67 -29.51 11.05
N LEU A 528 29.20 -30.53 10.35
CA LEU A 528 30.06 -31.69 10.10
C LEU A 528 31.22 -31.32 9.19
N VAL A 529 30.97 -30.53 8.15
CA VAL A 529 32.07 -30.10 7.30
C VAL A 529 33.08 -29.31 8.11
N SER A 530 32.59 -28.49 9.04
CA SER A 530 33.49 -27.70 9.87
C SER A 530 34.40 -28.60 10.68
N VAL A 531 33.84 -29.62 11.33
CA VAL A 531 34.71 -30.47 12.16
C VAL A 531 35.67 -31.28 11.29
N VAL A 532 35.23 -31.68 10.10
CA VAL A 532 36.11 -32.43 9.20
C VAL A 532 37.32 -31.57 8.82
N LEU A 533 37.07 -30.32 8.45
CA LEU A 533 38.19 -29.43 8.15
C LEU A 533 39.04 -29.18 9.38
N TYR A 534 38.41 -29.12 10.56
CA TYR A 534 39.16 -28.86 11.78
C TYR A 534 40.21 -29.92 12.02
N PHE A 535 39.84 -31.20 11.87
CA PHE A 535 40.83 -32.25 12.08
C PHE A 535 41.75 -32.45 10.90
N SER A 536 41.53 -31.76 9.78
CA SER A 536 42.39 -31.88 8.61
C SER A 536 43.54 -30.88 8.62
N GLN A 537 43.75 -30.16 9.72
CA GLN A 537 44.84 -29.18 9.83
C GLN A 537 44.71 -28.09 8.78
N ARG A 538 43.53 -27.49 8.69
CA ARG A 538 43.26 -26.32 7.86
C ARG A 538 42.62 -25.24 8.72
N LYS A 539 42.82 -23.97 8.35
CA LYS A 539 42.20 -22.86 9.06
C LYS A 539 40.81 -22.51 8.56
N GLU A 540 40.34 -23.14 7.48
CA GLU A 540 39.09 -22.73 6.86
C GLU A 540 37.87 -23.20 7.61
N TYR A 541 38.03 -23.98 8.69
CA TYR A 541 36.86 -24.49 9.39
C TYR A 541 36.00 -23.37 9.93
N VAL A 542 36.61 -22.24 10.32
CA VAL A 542 35.84 -21.12 10.83
C VAL A 542 34.87 -20.63 9.77
N ALA A 543 35.28 -20.67 8.51
CA ALA A 543 34.40 -20.22 7.43
C ALA A 543 33.16 -21.09 7.37
N SER A 544 33.28 -22.37 7.69
CA SER A 544 32.07 -23.17 7.81
C SER A 544 31.33 -22.87 9.08
N MET A 545 32.05 -22.75 10.20
CA MET A 545 31.39 -22.78 11.50
C MET A 545 30.42 -21.63 11.63
N VAL A 546 30.85 -20.42 11.24
CA VAL A 546 30.01 -19.25 11.43
C VAL A 546 28.73 -19.40 10.66
N PHE A 547 28.76 -20.03 9.48
CA PHE A 547 27.51 -20.20 8.75
C PHE A 547 26.54 -21.02 9.57
N SER A 548 27.01 -22.12 10.14
CA SER A 548 26.16 -22.91 11.01
C SER A 548 25.66 -22.05 12.16
N LEU A 549 26.56 -21.26 12.74
CA LEU A 549 26.19 -20.42 13.87
C LEU A 549 25.04 -19.50 13.49
N ALA A 550 25.10 -18.91 12.30
CA ALA A 550 24.03 -18.01 11.88
C ALA A 550 22.70 -18.75 11.84
N MET A 551 22.66 -19.90 11.17
CA MET A 551 21.41 -20.64 11.11
C MET A 551 21.02 -21.11 12.49
N GLY A 552 22.03 -21.38 13.34
CA GLY A 552 21.75 -21.85 14.68
C GLY A 552 20.84 -20.92 15.43
N TRP A 553 20.96 -19.62 15.18
CA TRP A 553 20.01 -18.68 15.75
C TRP A 553 18.77 -18.59 14.90
N THR A 554 18.94 -18.46 13.60
CA THR A 554 17.86 -17.97 12.74
C THR A 554 16.66 -18.90 12.76
N ASN A 555 16.90 -20.20 12.66
CA ASN A 555 15.78 -21.14 12.59
C ASN A 555 15.12 -21.39 13.94
N MET A 556 15.54 -20.67 14.99
CA MET A 556 14.80 -20.74 16.24
C MET A 556 13.35 -20.34 16.06
N LEU A 557 13.05 -19.54 15.03
CA LEU A 557 11.68 -19.17 14.75
C LEU A 557 10.77 -20.36 14.52
N TYR A 558 11.32 -21.55 14.27
CA TYR A 558 10.45 -22.72 14.17
C TYR A 558 9.64 -22.90 15.44
N TYR A 559 10.26 -22.68 16.59
CA TYR A 559 9.50 -22.83 17.83
C TYR A 559 8.50 -21.72 18.04
N THR A 560 8.52 -20.67 17.25
CA THR A 560 7.49 -19.65 17.36
C THR A 560 6.15 -20.15 16.84
N ARG A 561 6.14 -21.14 15.95
CA ARG A 561 4.87 -21.73 15.55
C ARG A 561 4.21 -22.37 16.76
N GLY A 562 2.88 -22.27 16.80
CA GLY A 562 2.11 -22.77 17.92
C GLY A 562 1.62 -21.69 18.87
N PHE A 563 2.12 -20.47 18.74
CA PHE A 563 1.60 -19.34 19.49
C PHE A 563 0.51 -18.68 18.68
N GLN A 564 -0.57 -18.27 19.36
CA GLN A 564 -1.73 -17.77 18.62
C GLN A 564 -1.40 -16.50 17.85
N GLN A 565 -0.65 -15.59 18.46
CA GLN A 565 -0.38 -14.29 17.85
C GLN A 565 0.98 -14.22 17.18
N MET A 566 2.03 -14.69 17.82
CA MET A 566 3.37 -14.50 17.29
C MET A 566 3.76 -15.51 16.23
N GLY A 567 2.90 -16.49 15.96
CA GLY A 567 3.26 -17.49 14.96
C GLY A 567 3.25 -16.99 13.55
N ILE A 568 2.38 -16.03 13.22
CA ILE A 568 2.15 -15.66 11.83
C ILE A 568 3.42 -15.13 11.18
N TYR A 569 4.27 -14.46 11.97
CA TYR A 569 5.48 -13.85 11.42
C TYR A 569 6.47 -14.89 10.93
N ALA A 570 6.26 -16.17 11.22
CA ALA A 570 7.06 -17.21 10.59
C ALA A 570 6.53 -17.56 9.21
N VAL A 571 5.22 -17.76 9.07
CA VAL A 571 4.70 -18.29 7.81
C VAL A 571 4.92 -17.29 6.69
N MET A 572 4.73 -16.01 6.97
CA MET A 572 4.93 -14.99 5.95
C MET A 572 6.35 -15.02 5.41
N ILE A 573 7.33 -15.45 6.20
CA ILE A 573 8.66 -15.62 5.64
C ILE A 573 8.68 -16.79 4.66
N GLU A 574 8.09 -17.92 5.06
CA GLU A 574 8.22 -19.15 4.30
C GLU A 574 7.68 -19.00 2.89
N LYS A 575 6.51 -18.37 2.74
CA LYS A 575 6.03 -18.11 1.40
C LYS A 575 6.91 -17.11 0.68
N MET A 576 7.23 -15.99 1.33
CA MET A 576 7.83 -14.88 0.58
C MET A 576 9.19 -15.27 0.05
N ILE A 577 9.95 -16.07 0.78
CA ILE A 577 11.27 -16.44 0.33
C ILE A 577 11.21 -17.55 -0.71
N LEU A 578 10.12 -18.33 -0.74
CA LEU A 578 10.02 -19.42 -1.71
C LEU A 578 9.23 -19.02 -2.95
N ARG A 579 7.95 -18.76 -2.80
CA ARG A 579 7.06 -18.61 -3.95
C ARG A 579 7.05 -17.20 -4.50
N ASP A 580 7.98 -16.34 -4.07
CA ASP A 580 8.13 -15.04 -4.71
C ASP A 580 9.52 -14.81 -5.30
N LEU A 581 10.59 -14.88 -4.50
CA LEU A 581 11.87 -14.45 -5.02
C LEU A 581 12.48 -15.43 -6.01
N CYS A 582 12.09 -16.70 -5.98
CA CYS A 582 12.60 -17.61 -7.02
C CYS A 582 12.07 -17.26 -8.39
N ARG A 583 11.06 -16.40 -8.49
CA ARG A 583 10.56 -15.86 -9.74
C ARG A 583 11.20 -14.51 -10.07
N PHE A 584 11.26 -13.60 -9.10
CA PHE A 584 11.77 -12.27 -9.37
C PHE A 584 13.28 -12.28 -9.62
N MET A 585 13.96 -13.33 -9.15
CA MET A 585 15.41 -13.42 -9.30
C MET A 585 15.86 -13.25 -10.75
N PHE A 586 15.26 -13.98 -11.67
CA PHE A 586 15.74 -13.92 -13.05
C PHE A 586 15.46 -12.57 -13.68
N VAL A 587 14.29 -11.99 -13.39
CA VAL A 587 13.96 -10.69 -13.97
C VAL A 587 14.93 -9.63 -13.51
N TYR A 588 15.27 -9.62 -12.22
CA TYR A 588 16.25 -8.64 -11.78
C TYR A 588 17.63 -8.92 -12.38
N LEU A 589 18.01 -10.20 -12.43
CA LEU A 589 19.37 -10.51 -12.86
C LEU A 589 19.63 -10.12 -14.29
N VAL A 590 18.61 -10.19 -15.15
CA VAL A 590 18.81 -9.77 -16.53
C VAL A 590 19.27 -8.32 -16.57
N PHE A 591 18.56 -7.44 -15.85
CA PHE A 591 18.93 -6.03 -15.83
C PHE A 591 20.32 -5.84 -15.26
N LEU A 592 20.61 -6.50 -14.15
CA LEU A 592 21.89 -6.30 -13.50
C LEU A 592 23.04 -6.69 -14.42
N PHE A 593 22.95 -7.88 -15.02
CA PHE A 593 24.04 -8.36 -15.85
C PHE A 593 24.18 -7.53 -17.11
N GLY A 594 23.06 -7.17 -17.74
CA GLY A 594 23.16 -6.39 -18.96
C GLY A 594 23.84 -5.06 -18.74
N PHE A 595 23.36 -4.30 -17.74
CA PHE A 595 23.97 -2.99 -17.52
C PHE A 595 25.39 -3.13 -16.99
N SER A 596 25.67 -4.19 -16.23
CA SER A 596 27.01 -4.38 -15.71
C SER A 596 28.02 -4.57 -16.83
N THR A 597 27.70 -5.43 -17.79
CA THR A 597 28.62 -5.61 -18.91
C THR A 597 28.69 -4.38 -19.78
N ALA A 598 27.58 -3.65 -19.92
CA ALA A 598 27.64 -2.42 -20.71
C ALA A 598 28.61 -1.44 -20.10
N VAL A 599 28.52 -1.21 -18.79
CA VAL A 599 29.41 -0.24 -18.17
C VAL A 599 30.84 -0.74 -18.20
N VAL A 600 31.06 -2.04 -17.96
CA VAL A 600 32.44 -2.48 -17.85
C VAL A 600 33.14 -2.43 -19.20
N THR A 601 32.43 -2.67 -20.30
CA THR A 601 33.09 -2.57 -21.59
C THR A 601 33.17 -1.15 -22.11
N LEU A 602 32.29 -0.26 -21.64
CA LEU A 602 32.36 1.12 -22.10
C LEU A 602 33.66 1.77 -21.63
N ILE A 603 33.96 1.65 -20.35
CA ILE A 603 35.17 2.26 -19.78
C ILE A 603 36.31 1.25 -19.83
N GLU A 604 37.44 1.66 -20.40
CA GLU A 604 38.62 0.83 -20.49
C GLU A 604 39.84 1.74 -20.45
N ASP A 605 40.99 1.17 -20.11
CA ASP A 605 42.21 1.96 -20.02
C ASP A 605 43.44 1.06 -20.15
N SER A 630 35.65 0.65 -8.16
CA SER A 630 36.36 1.39 -9.19
C SER A 630 36.02 0.92 -10.61
N TYR A 631 35.12 -0.05 -10.74
CA TYR A 631 34.75 -0.62 -12.03
C TYR A 631 35.94 -1.25 -12.75
N ASN A 632 36.92 -1.75 -12.00
CA ASN A 632 38.08 -2.36 -12.62
C ASN A 632 37.81 -3.78 -13.11
N SER A 633 36.69 -4.39 -12.72
CA SER A 633 36.40 -5.76 -13.08
C SER A 633 34.89 -5.96 -13.07
N LEU A 634 34.45 -7.10 -13.59
CA LEU A 634 33.02 -7.36 -13.64
C LEU A 634 32.43 -7.44 -12.24
N TYR A 635 33.15 -8.07 -11.31
CA TYR A 635 32.60 -8.28 -9.98
C TYR A 635 32.35 -6.96 -9.27
N SER A 636 33.34 -6.07 -9.28
CA SER A 636 33.18 -4.81 -8.58
C SER A 636 32.02 -4.00 -9.15
N THR A 637 31.89 -3.98 -10.47
CA THR A 637 30.79 -3.23 -11.07
C THR A 637 29.45 -3.86 -10.72
N CYS A 638 29.39 -5.19 -10.66
CA CYS A 638 28.15 -5.82 -10.22
C CYS A 638 27.78 -5.37 -8.82
N LEU A 639 28.76 -5.30 -7.92
CA LEU A 639 28.48 -4.82 -6.58
C LEU A 639 28.01 -3.37 -6.59
N GLU A 640 28.65 -2.53 -7.40
CA GLU A 640 28.28 -1.12 -7.40
C GLU A 640 26.85 -0.92 -7.85
N LEU A 641 26.46 -1.58 -8.92
CA LEU A 641 25.08 -1.42 -9.36
C LEU A 641 24.11 -2.01 -8.36
N PHE A 642 24.50 -3.09 -7.67
CA PHE A 642 23.63 -3.60 -6.63
C PHE A 642 23.44 -2.57 -5.54
N LYS A 643 24.51 -1.88 -5.16
CA LYS A 643 24.36 -0.83 -4.16
C LYS A 643 23.43 0.26 -4.64
N PHE A 644 23.47 0.59 -5.93
CA PHE A 644 22.53 1.57 -6.46
C PHE A 644 21.10 1.09 -6.32
N THR A 645 20.87 -0.22 -6.44
CA THR A 645 19.49 -0.71 -6.45
C THR A 645 18.75 -0.39 -5.15
N ILE A 646 19.43 -0.49 -4.02
CA ILE A 646 18.77 -0.34 -2.71
C ILE A 646 19.10 1.00 -2.07
N GLY A 647 19.42 2.02 -2.87
CA GLY A 647 19.45 3.38 -2.37
C GLY A 647 20.62 3.71 -1.48
N MET A 648 21.57 2.80 -1.29
CA MET A 648 22.70 3.05 -0.43
C MET A 648 23.87 3.69 -1.16
N GLY A 649 23.95 3.51 -2.48
CA GLY A 649 25.11 3.93 -3.24
C GLY A 649 25.18 5.44 -3.36
N ASP A 650 26.19 5.89 -4.11
CA ASP A 650 26.37 7.30 -4.38
C ASP A 650 26.81 7.50 -5.82
N LEU A 651 26.33 8.59 -6.42
CA LEU A 651 26.65 8.99 -7.77
C LEU A 651 27.67 10.12 -7.68
N GLU A 652 28.94 9.78 -7.82
CA GLU A 652 30.00 10.77 -7.62
C GLU A 652 30.42 11.46 -8.91
N PHE A 653 30.55 10.71 -10.00
CA PHE A 653 31.01 11.26 -11.28
C PHE A 653 32.38 11.93 -11.14
N THR A 654 33.38 11.08 -10.86
CA THR A 654 34.75 11.53 -10.84
C THR A 654 35.22 11.84 -12.26
N GLU A 655 36.45 12.35 -12.35
CA GLU A 655 37.01 12.79 -13.61
C GLU A 655 37.65 11.62 -14.35
N ASN A 656 38.13 11.91 -15.56
CA ASN A 656 39.09 11.12 -16.31
C ASN A 656 38.51 9.88 -16.98
N TYR A 657 37.21 9.62 -16.87
CA TYR A 657 36.60 8.60 -17.70
C TYR A 657 36.33 9.22 -19.06
N ASP A 658 36.80 8.56 -20.11
CA ASP A 658 36.37 8.96 -21.43
C ASP A 658 34.94 8.49 -21.65
N PHE A 659 34.26 9.12 -22.60
CA PHE A 659 32.85 8.85 -22.86
C PHE A 659 31.99 9.13 -21.63
N LYS A 660 32.37 10.13 -20.84
CA LYS A 660 31.62 10.40 -19.61
C LYS A 660 30.18 10.75 -19.91
N ALA A 661 29.94 11.49 -20.99
CA ALA A 661 28.59 11.94 -21.29
C ALA A 661 27.64 10.80 -21.56
N VAL A 662 28.16 9.66 -22.04
CA VAL A 662 27.32 8.48 -22.24
C VAL A 662 27.21 7.68 -20.96
N PHE A 663 28.29 7.64 -20.18
CA PHE A 663 28.26 6.96 -18.89
C PHE A 663 27.15 7.50 -18.02
N ILE A 664 27.02 8.83 -17.97
CA ILE A 664 25.97 9.42 -17.14
C ILE A 664 24.59 9.00 -17.62
N ILE A 665 24.37 8.98 -18.93
CA ILE A 665 23.04 8.63 -19.43
C ILE A 665 22.72 7.19 -19.08
N LEU A 666 23.70 6.29 -19.23
CA LEU A 666 23.44 4.91 -18.86
C LEU A 666 23.08 4.79 -17.40
N LEU A 667 23.84 5.45 -16.52
CA LEU A 667 23.55 5.31 -15.10
C LEU A 667 22.18 5.88 -14.74
N LEU A 668 21.82 7.03 -15.31
CA LEU A 668 20.51 7.58 -14.98
C LEU A 668 19.41 6.66 -15.48
N ALA A 669 19.57 6.08 -16.66
CA ALA A 669 18.58 5.12 -17.12
C ALA A 669 18.48 3.95 -16.18
N TYR A 670 19.61 3.46 -15.68
CA TYR A 670 19.59 2.31 -14.80
C TYR A 670 18.90 2.64 -13.47
N VAL A 671 19.24 3.79 -12.89
CA VAL A 671 18.64 4.17 -11.62
C VAL A 671 17.14 4.31 -11.76
N ILE A 672 16.69 4.99 -12.81
CA ILE A 672 15.24 5.14 -13.01
C ILE A 672 14.59 3.78 -13.22
N LEU A 673 15.23 2.91 -13.98
CA LEU A 673 14.59 1.64 -14.33
C LEU A 673 14.50 0.72 -13.12
N THR A 674 15.55 0.66 -12.31
CA THR A 674 15.58 -0.29 -11.20
C THR A 674 15.00 0.29 -9.92
N TYR A 675 15.51 1.44 -9.47
CA TYR A 675 15.18 1.89 -8.13
C TYR A 675 13.72 2.32 -8.02
N ILE A 676 13.25 3.14 -8.95
CA ILE A 676 11.88 3.62 -8.84
C ILE A 676 10.91 2.58 -9.35
N LEU A 677 11.15 2.04 -10.53
CA LEU A 677 10.11 1.27 -11.22
C LEU A 677 10.03 -0.17 -10.74
N LEU A 678 11.11 -0.93 -10.87
CA LEU A 678 11.03 -2.37 -10.64
C LEU A 678 10.88 -2.70 -9.17
N LEU A 679 11.68 -2.06 -8.31
CA LEU A 679 11.68 -2.44 -6.91
C LEU A 679 10.33 -2.22 -6.27
N ASN A 680 9.69 -1.09 -6.55
CA ASN A 680 8.39 -0.84 -5.95
C ASN A 680 7.34 -1.78 -6.51
N MET A 681 7.53 -2.29 -7.72
CA MET A 681 6.67 -3.37 -8.20
C MET A 681 6.80 -4.59 -7.31
N LEU A 682 8.04 -4.97 -6.99
CA LEU A 682 8.24 -6.10 -6.08
C LEU A 682 7.56 -5.85 -4.75
N ILE A 683 7.68 -4.63 -4.23
CA ILE A 683 7.11 -4.31 -2.92
C ILE A 683 5.61 -4.42 -2.96
N ALA A 684 4.97 -3.96 -4.04
CA ALA A 684 3.52 -4.08 -4.13
C ALA A 684 3.10 -5.54 -4.16
N LEU A 685 3.85 -6.39 -4.87
CA LEU A 685 3.48 -7.81 -4.88
C LEU A 685 3.60 -8.41 -3.48
N MET A 686 4.67 -8.08 -2.75
CA MET A 686 4.78 -8.60 -1.40
C MET A 686 3.68 -8.07 -0.49
N GLY A 687 3.26 -6.82 -0.67
CA GLY A 687 2.14 -6.32 0.09
C GLY A 687 0.88 -7.11 -0.16
N GLU A 688 0.65 -7.47 -1.43
CA GLU A 688 -0.50 -8.31 -1.76
C GLU A 688 -0.40 -9.65 -1.04
N THR A 689 0.78 -10.27 -1.05
CA THR A 689 0.95 -11.54 -0.36
C THR A 689 0.68 -11.41 1.13
N VAL A 690 1.20 -10.36 1.77
CA VAL A 690 1.04 -10.20 3.21
C VAL A 690 -0.42 -10.03 3.57
N ASN A 691 -1.14 -9.18 2.84
CA ASN A 691 -2.56 -9.02 3.14
C ASN A 691 -3.35 -10.27 2.79
N LYS A 692 -2.84 -11.12 1.90
CA LYS A 692 -3.60 -12.29 1.49
C LYS A 692 -3.85 -13.25 2.66
N ILE A 693 -2.89 -13.38 3.58
CA ILE A 693 -2.99 -14.32 4.70
C ILE A 693 -3.01 -13.59 6.03
N ALA A 694 -3.56 -12.38 6.08
CA ALA A 694 -3.89 -11.78 7.36
C ALA A 694 -5.12 -12.44 7.98
N GLN A 695 -6.08 -12.85 7.16
CA GLN A 695 -7.36 -13.34 7.65
C GLN A 695 -7.34 -14.81 7.98
N GLU A 696 -6.66 -15.62 7.17
CA GLU A 696 -6.66 -17.06 7.36
C GLU A 696 -5.86 -17.50 8.57
N SER A 697 -5.21 -16.58 9.29
CA SER A 697 -4.31 -16.93 10.38
C SER A 697 -4.98 -17.84 11.40
N LYS A 698 -6.25 -17.58 11.71
CA LYS A 698 -6.94 -18.38 12.73
C LYS A 698 -6.97 -19.84 12.33
N ASN A 699 -7.21 -20.13 11.06
CA ASN A 699 -7.13 -21.51 10.61
C ASN A 699 -5.68 -21.97 10.55
N ILE A 700 -4.78 -21.10 10.09
CA ILE A 700 -3.42 -21.53 9.78
C ILE A 700 -2.73 -22.04 11.03
N TRP A 701 -2.84 -21.27 12.12
CA TRP A 701 -2.22 -21.67 13.36
C TRP A 701 -2.71 -23.03 13.83
N LYS A 702 -3.98 -23.35 13.56
CA LYS A 702 -4.50 -24.66 13.97
C LYS A 702 -3.69 -25.77 13.33
N LEU A 703 -3.36 -25.63 12.04
CA LEU A 703 -2.52 -26.64 11.40
C LEU A 703 -1.19 -26.74 12.09
N GLN A 704 -0.60 -25.59 12.44
CA GLN A 704 0.68 -25.60 13.12
C GLN A 704 0.56 -26.32 14.44
N ARG A 705 -0.57 -26.20 15.12
CA ARG A 705 -0.76 -26.97 16.35
C ARG A 705 -0.77 -28.45 16.04
N ALA A 706 -1.61 -28.87 15.09
CA ALA A 706 -1.93 -30.28 14.95
C ALA A 706 -0.70 -31.08 14.60
N ILE A 707 0.03 -30.65 13.57
CA ILE A 707 1.22 -31.38 13.14
C ILE A 707 2.23 -31.44 14.28
N THR A 708 2.36 -30.34 15.04
CA THR A 708 3.33 -30.31 16.12
C THR A 708 3.02 -31.38 17.16
N ILE A 709 1.73 -31.60 17.42
CA ILE A 709 1.34 -32.66 18.34
C ILE A 709 1.67 -34.02 17.75
N LEU A 710 1.32 -34.22 16.47
CA LEU A 710 1.34 -35.58 15.92
C LEU A 710 2.75 -36.13 15.84
N ASP A 711 3.73 -35.25 15.62
CA ASP A 711 5.13 -35.69 15.64
C ASP A 711 5.56 -36.02 17.06
N THR A 712 5.13 -35.21 18.03
CA THR A 712 5.59 -35.40 19.39
C THR A 712 4.96 -36.64 20.01
N GLU A 713 3.62 -36.71 19.98
CA GLU A 713 2.94 -37.82 20.64
C GLU A 713 3.29 -39.15 20.00
N LYS A 714 3.43 -39.19 18.67
CA LYS A 714 3.89 -40.41 18.04
C LYS A 714 5.29 -40.78 18.50
N SER A 715 6.15 -39.77 18.66
CA SER A 715 7.52 -40.05 19.09
C SER A 715 7.57 -40.34 20.58
N PHE A 716 6.96 -39.48 21.39
CA PHE A 716 6.61 -39.57 22.82
C PHE A 716 7.81 -39.68 23.76
N LEU A 717 8.97 -40.12 23.28
CA LEU A 717 10.27 -39.78 23.86
C LEU A 717 10.50 -40.31 25.28
N LYS A 718 9.51 -40.99 25.90
CA LYS A 718 9.61 -41.43 27.28
C LYS A 718 8.84 -42.71 27.56
N CYS A 719 8.43 -43.47 26.53
CA CYS A 719 7.67 -44.70 26.71
C CYS A 719 6.33 -44.45 27.43
N MET A 720 5.72 -43.30 27.15
CA MET A 720 4.40 -42.97 27.68
C MET A 720 3.31 -43.48 26.75
N ARG A 721 2.16 -43.83 27.35
CA ARG A 721 1.00 -44.35 26.63
C ARG A 721 -0.28 -43.68 27.13
N LYS A 722 -0.22 -42.35 27.28
CA LYS A 722 -1.32 -41.56 27.81
C LYS A 722 -2.25 -41.02 26.74
N ALA A 723 -2.07 -41.44 25.48
CA ALA A 723 -2.82 -40.81 24.38
C ALA A 723 -4.31 -41.09 24.46
N PHE A 724 -4.70 -42.25 24.99
CA PHE A 724 -6.11 -42.59 25.09
C PHE A 724 -6.79 -41.68 26.11
N ARG A 725 -8.05 -41.33 25.83
CA ARG A 725 -8.76 -40.40 26.71
C ARG A 725 -9.06 -41.07 28.05
N SER A 726 -9.93 -42.06 28.06
CA SER A 726 -10.30 -42.73 29.31
C SER A 726 -11.10 -43.98 29.00
N GLY A 727 -10.76 -45.08 29.67
CA GLY A 727 -11.67 -46.18 29.83
C GLY A 727 -11.90 -47.05 28.60
N LYS A 728 -12.07 -48.34 28.84
CA LYS A 728 -12.71 -49.25 27.89
C LYS A 728 -14.19 -49.23 28.22
N LEU A 729 -14.85 -48.13 27.85
CA LEU A 729 -16.20 -47.85 28.32
C LEU A 729 -17.18 -48.82 27.67
N LEU A 730 -17.90 -49.58 28.50
CA LEU A 730 -18.84 -50.60 28.04
C LEU A 730 -20.27 -50.10 27.92
N GLN A 731 -20.53 -48.83 28.21
CA GLN A 731 -21.91 -48.34 28.20
C GLN A 731 -22.51 -48.31 26.80
N VAL A 732 -21.71 -48.41 25.75
CA VAL A 732 -22.24 -48.48 24.39
C VAL A 732 -22.63 -49.92 24.10
N GLY A 733 -21.64 -50.81 24.06
CA GLY A 733 -21.88 -52.25 24.06
C GLY A 733 -22.77 -52.78 22.96
N PHE A 734 -22.89 -52.07 21.83
CA PHE A 734 -23.77 -52.49 20.76
C PHE A 734 -23.04 -53.41 19.79
N THR A 735 -23.67 -54.54 19.49
CA THR A 735 -23.09 -55.55 18.61
C THR A 735 -24.22 -56.49 18.18
N PRO A 736 -24.14 -57.08 16.98
CA PRO A 736 -25.16 -58.08 16.62
C PRO A 736 -25.14 -59.30 17.51
N ASP A 737 -24.02 -59.57 18.18
CA ASP A 737 -23.92 -60.68 19.11
C ASP A 737 -24.56 -60.28 20.44
N GLY A 738 -24.61 -61.21 21.39
CA GLY A 738 -25.08 -60.92 22.72
C GLY A 738 -24.06 -60.33 23.66
N LYS A 739 -22.87 -60.02 23.17
CA LYS A 739 -21.77 -59.59 24.01
C LYS A 739 -21.76 -58.06 24.18
N ASP A 740 -20.85 -57.59 25.02
CA ASP A 740 -20.59 -56.17 25.22
C ASP A 740 -19.34 -55.77 24.44
N ASP A 741 -19.03 -54.48 24.45
CA ASP A 741 -17.88 -53.98 23.71
C ASP A 741 -17.56 -52.57 24.18
N TYR A 742 -16.39 -52.08 23.76
CA TYR A 742 -15.89 -50.76 24.12
C TYR A 742 -15.31 -50.08 22.87
N ARG A 743 -15.38 -48.74 22.86
CA ARG A 743 -14.91 -47.94 21.73
C ARG A 743 -14.09 -46.74 22.19
N TRP A 744 -13.61 -46.74 23.43
CA TRP A 744 -12.80 -45.63 23.97
C TRP A 744 -13.53 -44.30 23.86
N CYS A 745 -14.83 -44.29 24.14
CA CYS A 745 -15.65 -43.15 23.84
C CYS A 745 -15.26 -41.94 24.67
N PHE A 746 -15.63 -40.76 24.16
CA PHE A 746 -15.25 -39.47 24.73
C PHE A 746 -16.52 -38.67 24.98
N ARG A 747 -16.71 -38.25 26.23
CA ARG A 747 -17.86 -37.42 26.60
C ARG A 747 -17.51 -35.95 26.37
N VAL A 748 -18.29 -35.29 25.51
CA VAL A 748 -18.03 -33.91 25.13
C VAL A 748 -19.32 -33.11 25.28
N ASP A 749 -19.24 -31.98 25.97
CA ASP A 749 -20.38 -31.08 26.08
C ASP A 749 -20.37 -30.13 24.89
N GLU A 750 -21.46 -30.14 24.12
CA GLU A 750 -21.66 -29.22 23.00
C GLU A 750 -22.77 -28.24 23.36
N VAL A 751 -22.46 -26.95 23.25
CA VAL A 751 -23.40 -25.87 23.56
C VAL A 751 -23.75 -25.19 22.26
N ASN A 752 -24.95 -25.43 21.75
CA ASN A 752 -25.30 -25.05 20.39
C ASN A 752 -26.80 -24.85 20.31
N TRP A 753 -27.24 -23.60 20.16
CA TRP A 753 -28.67 -23.31 20.00
C TRP A 753 -28.88 -21.96 19.30
N ARG B 284 -50.03 29.52 4.52
CA ARG B 284 -49.09 30.34 5.27
C ARG B 284 -47.67 30.18 4.72
N ASP B 285 -46.86 31.22 4.91
CA ASP B 285 -45.50 31.25 4.39
C ASP B 285 -44.64 32.10 5.31
N SER B 286 -43.33 32.06 5.06
CA SER B 286 -42.36 32.78 5.89
C SER B 286 -42.02 34.16 5.34
N VAL B 287 -41.55 34.21 4.09
CA VAL B 287 -41.03 35.43 3.49
C VAL B 287 -41.63 35.67 2.11
N GLY B 288 -42.89 35.30 1.93
CA GLY B 288 -43.53 35.41 0.64
C GLY B 288 -43.23 34.28 -0.31
N ASN B 289 -42.73 33.16 0.19
CA ASN B 289 -42.40 32.03 -0.68
C ASN B 289 -43.66 31.40 -1.24
N THR B 290 -43.59 30.99 -2.50
CA THR B 290 -44.68 30.26 -3.13
C THR B 290 -44.69 28.82 -2.64
N VAL B 291 -45.77 28.10 -2.97
CA VAL B 291 -45.88 26.70 -2.58
C VAL B 291 -44.80 25.88 -3.28
N LEU B 292 -44.51 26.21 -4.54
CA LEU B 292 -43.41 25.54 -5.24
C LEU B 292 -42.09 25.78 -4.51
N HIS B 293 -41.90 26.99 -4.00
CA HIS B 293 -40.68 27.31 -3.26
C HIS B 293 -40.55 26.46 -2.01
N ALA B 294 -41.65 26.35 -1.25
CA ALA B 294 -41.62 25.53 -0.04
C ALA B 294 -41.36 24.07 -0.39
N LEU B 295 -41.95 23.58 -1.48
CA LEU B 295 -41.70 22.21 -1.89
C LEU B 295 -40.25 22.01 -2.30
N VAL B 296 -39.62 23.00 -2.93
CA VAL B 296 -38.20 22.90 -3.22
C VAL B 296 -37.42 22.79 -1.92
N GLU B 297 -37.78 23.59 -0.92
CA GLU B 297 -37.11 23.49 0.37
C GLU B 297 -37.28 22.11 0.99
N VAL B 298 -38.49 21.54 0.91
CA VAL B 298 -38.78 20.31 1.61
C VAL B 298 -38.11 19.12 0.93
N ALA B 299 -37.97 19.16 -0.39
CA ALA B 299 -37.48 18.03 -1.15
C ALA B 299 -36.10 17.61 -0.66
N ASP B 300 -35.89 16.29 -0.52
CA ASP B 300 -34.64 15.73 -0.03
C ASP B 300 -34.12 14.61 -0.93
N ASN B 301 -34.47 14.63 -2.21
CA ASN B 301 -33.89 13.73 -3.22
C ASN B 301 -34.22 12.26 -2.96
N THR B 302 -35.25 11.96 -2.18
CA THR B 302 -35.76 10.60 -2.08
C THR B 302 -36.69 10.32 -3.25
N VAL B 303 -36.70 9.05 -3.70
CA VAL B 303 -37.42 8.69 -4.93
C VAL B 303 -38.91 8.96 -4.78
N ASP B 304 -39.51 8.53 -3.67
CA ASP B 304 -40.94 8.72 -3.51
C ASP B 304 -41.28 10.16 -3.17
N ASN B 305 -40.42 10.84 -2.42
CA ASN B 305 -40.58 12.28 -2.24
C ASN B 305 -40.40 13.01 -3.57
N THR B 306 -39.52 12.52 -4.43
CA THR B 306 -39.41 13.10 -5.76
C THR B 306 -40.71 12.93 -6.53
N LYS B 307 -41.31 11.74 -6.50
CA LYS B 307 -42.58 11.52 -7.18
C LYS B 307 -43.66 12.44 -6.63
N PHE B 308 -43.74 12.56 -5.31
CA PHE B 308 -44.74 13.40 -4.68
C PHE B 308 -44.58 14.86 -5.09
N VAL B 309 -43.36 15.39 -4.96
CA VAL B 309 -43.12 16.79 -5.27
C VAL B 309 -43.35 17.06 -6.76
N THR B 310 -42.93 16.12 -7.61
CA THR B 310 -43.14 16.30 -9.05
C THR B 310 -44.62 16.30 -9.40
N SER B 311 -45.40 15.41 -8.80
CA SER B 311 -46.82 15.36 -9.10
C SER B 311 -47.51 16.62 -8.60
N MET B 312 -47.10 17.10 -7.42
CA MET B 312 -47.66 18.34 -6.91
C MET B 312 -47.33 19.51 -7.83
N TYR B 313 -46.09 19.54 -8.35
CA TYR B 313 -45.72 20.59 -9.30
C TYR B 313 -46.59 20.52 -10.55
N ASN B 314 -46.79 19.32 -11.09
CA ASN B 314 -47.59 19.17 -12.29
C ASN B 314 -49.00 19.70 -12.08
N GLU B 315 -49.64 19.23 -10.99
CA GLU B 315 -51.01 19.67 -10.71
C GLU B 315 -51.09 21.17 -10.46
N ILE B 316 -50.15 21.70 -9.67
CA ILE B 316 -50.21 23.11 -9.30
C ILE B 316 -49.98 23.99 -10.52
N LEU B 317 -49.00 23.65 -11.35
CA LEU B 317 -48.73 24.44 -12.55
C LEU B 317 -49.90 24.40 -13.51
N ILE B 318 -50.53 23.23 -13.68
CA ILE B 318 -51.68 23.17 -14.57
C ILE B 318 -52.82 24.00 -14.01
N LEU B 319 -53.02 23.96 -12.69
CA LEU B 319 -54.07 24.78 -12.08
C LEU B 319 -53.79 26.26 -12.33
N GLY B 320 -52.54 26.69 -12.18
CA GLY B 320 -52.21 28.08 -12.42
C GLY B 320 -52.46 28.48 -13.86
N ALA B 321 -52.10 27.60 -14.80
CA ALA B 321 -52.34 27.88 -16.21
C ALA B 321 -53.83 27.98 -16.51
N LYS B 322 -54.65 27.19 -15.80
CA LYS B 322 -56.09 27.25 -16.03
C LYS B 322 -56.72 28.48 -15.39
N LEU B 323 -56.19 28.92 -14.24
CA LEU B 323 -56.87 29.96 -13.46
C LEU B 323 -56.55 31.36 -14.00
N HIS B 324 -55.27 31.72 -14.06
CA HIS B 324 -54.85 33.07 -14.43
C HIS B 324 -53.73 32.98 -15.46
N PRO B 325 -54.03 32.56 -16.69
CA PRO B 325 -53.00 32.58 -17.74
C PRO B 325 -52.73 33.98 -18.28
N THR B 326 -52.25 34.86 -17.38
CA THR B 326 -52.05 36.27 -17.67
C THR B 326 -50.61 36.74 -17.52
N LEU B 327 -49.78 36.07 -16.72
CA LEU B 327 -48.41 36.48 -16.50
C LEU B 327 -47.61 35.29 -16.01
N LYS B 328 -46.28 35.38 -16.13
CA LYS B 328 -45.39 34.33 -15.66
C LYS B 328 -45.17 34.49 -14.16
N LEU B 329 -45.27 33.37 -13.44
CA LEU B 329 -45.12 33.35 -11.99
C LEU B 329 -43.88 32.60 -11.52
N GLU B 330 -43.15 31.93 -12.42
CA GLU B 330 -41.98 31.16 -12.02
C GLU B 330 -40.85 32.06 -11.54
N GLU B 331 -40.77 33.30 -12.01
CA GLU B 331 -39.69 34.21 -11.63
C GLU B 331 -40.04 34.99 -10.36
N ILE B 332 -40.41 34.27 -9.30
CA ILE B 332 -40.75 34.93 -8.05
C ILE B 332 -39.50 35.50 -7.41
N THR B 333 -39.59 36.72 -6.92
CA THR B 333 -38.49 37.33 -6.18
C THR B 333 -38.54 36.88 -4.72
N ASN B 334 -37.44 37.15 -4.02
CA ASN B 334 -37.30 36.78 -2.61
C ASN B 334 -36.28 37.72 -2.00
N ARG B 335 -35.99 37.52 -0.71
CA ARG B 335 -34.96 38.31 -0.05
C ARG B 335 -33.60 38.08 -0.67
N LYS B 336 -33.29 36.85 -1.06
CA LYS B 336 -32.09 36.54 -1.82
C LYS B 336 -32.31 36.55 -3.32
N GLY B 337 -33.54 36.77 -3.79
CA GLY B 337 -33.83 36.78 -5.20
C GLY B 337 -33.71 35.44 -5.89
N LEU B 338 -34.11 34.37 -5.22
CA LEU B 338 -33.96 33.01 -5.73
C LEU B 338 -35.28 32.52 -6.30
N THR B 339 -35.26 32.09 -7.56
CA THR B 339 -36.37 31.38 -8.14
C THR B 339 -36.36 29.93 -7.65
N PRO B 340 -37.47 29.20 -7.79
CA PRO B 340 -37.44 27.77 -7.45
C PRO B 340 -36.37 27.00 -8.20
N LEU B 341 -36.14 27.35 -9.47
CA LEU B 341 -35.01 26.78 -10.20
C LEU B 341 -33.69 27.20 -9.55
N ALA B 342 -33.57 28.49 -9.21
CA ALA B 342 -32.34 28.97 -8.60
C ALA B 342 -32.11 28.31 -7.25
N LEU B 343 -33.17 28.16 -6.45
CA LEU B 343 -32.99 27.54 -5.13
C LEU B 343 -32.67 26.06 -5.26
N ALA B 344 -33.35 25.37 -6.17
CA ALA B 344 -33.05 23.96 -6.40
C ALA B 344 -31.61 23.78 -6.83
N ALA B 345 -31.11 24.68 -7.67
CA ALA B 345 -29.70 24.63 -8.05
C ALA B 345 -28.80 24.91 -6.84
N SER B 346 -29.15 25.89 -6.01
CA SER B 346 -28.27 26.29 -4.92
C SER B 346 -28.18 25.20 -3.87
N SER B 347 -29.30 24.61 -3.48
CA SER B 347 -29.32 23.63 -2.40
C SER B 347 -28.95 22.22 -2.85
N GLY B 348 -28.81 21.99 -4.16
CA GLY B 348 -28.48 20.65 -4.63
C GLY B 348 -29.66 19.71 -4.68
N LYS B 349 -30.86 20.23 -4.88
CA LYS B 349 -32.06 19.40 -5.00
C LYS B 349 -32.13 18.84 -6.43
N ILE B 350 -31.26 17.87 -6.70
CA ILE B 350 -31.10 17.33 -8.05
C ILE B 350 -32.40 16.75 -8.56
N GLY B 351 -33.18 16.12 -7.68
CA GLY B 351 -34.43 15.52 -8.11
C GLY B 351 -35.39 16.52 -8.70
N VAL B 352 -35.38 17.75 -8.20
CA VAL B 352 -36.23 18.79 -8.75
C VAL B 352 -35.72 19.22 -10.12
N LEU B 353 -34.41 19.45 -10.25
CA LEU B 353 -33.84 19.89 -11.52
C LEU B 353 -34.07 18.84 -12.60
N ALA B 354 -34.12 17.57 -12.22
CA ALA B 354 -34.46 16.52 -13.18
C ALA B 354 -35.80 16.78 -13.85
N TYR B 355 -36.74 17.40 -13.13
CA TYR B 355 -38.09 17.62 -13.62
C TYR B 355 -38.30 19.01 -14.21
N ILE B 356 -38.03 20.07 -13.42
CA ILE B 356 -38.50 21.41 -13.80
C ILE B 356 -37.86 21.88 -15.09
N LEU B 357 -36.67 21.37 -15.43
CA LEU B 357 -36.02 21.72 -16.68
C LEU B 357 -36.43 20.83 -17.85
N GLN B 358 -37.33 19.87 -17.63
CA GLN B 358 -37.76 18.95 -18.67
C GLN B 358 -39.27 18.73 -18.62
N ARG B 359 -40.03 19.80 -18.37
CA ARG B 359 -41.48 19.68 -18.39
C ARG B 359 -41.97 19.38 -19.80
N GLU B 360 -42.89 18.43 -19.91
CA GLU B 360 -43.42 17.97 -21.19
C GLU B 360 -44.87 17.56 -20.97
N ILE B 361 -45.80 18.20 -21.66
CA ILE B 361 -47.21 17.88 -21.49
C ILE B 361 -47.98 18.38 -22.70
N HIS B 362 -49.08 17.69 -23.01
CA HIS B 362 -50.08 18.12 -23.99
C HIS B 362 -51.40 18.28 -23.24
N GLU B 363 -51.64 19.49 -22.74
CA GLU B 363 -52.91 19.88 -22.14
C GLU B 363 -53.44 21.06 -22.96
N PRO B 364 -54.52 20.88 -23.73
CA PRO B 364 -55.02 22.00 -24.54
C PRO B 364 -55.36 23.22 -23.70
N GLU B 365 -55.02 24.39 -24.22
CA GLU B 365 -55.14 25.71 -23.61
C GLU B 365 -54.08 25.96 -22.53
N CYS B 366 -53.22 24.99 -22.23
CA CYS B 366 -52.19 25.11 -21.21
C CYS B 366 -50.90 24.43 -21.65
N ARG B 367 -50.51 24.67 -22.90
CA ARG B 367 -49.27 24.15 -23.45
C ARG B 367 -48.12 25.14 -23.41
N HIS B 368 -48.33 26.33 -22.84
CA HIS B 368 -47.32 27.38 -22.86
C HIS B 368 -46.36 27.30 -21.69
N LEU B 369 -46.38 26.22 -20.90
CA LEU B 369 -45.41 25.99 -19.83
C LEU B 369 -44.57 24.74 -20.05
N SER B 370 -44.55 24.20 -21.27
CA SER B 370 -43.72 23.04 -21.58
C SER B 370 -42.33 23.48 -22.03
N ARG B 371 -41.32 22.67 -21.67
CA ARG B 371 -39.93 22.94 -22.00
C ARG B 371 -39.34 21.96 -23.01
N LYS B 372 -39.83 20.73 -23.06
CA LYS B 372 -39.31 19.68 -23.94
C LYS B 372 -40.35 19.36 -25.01
N PHE B 373 -39.88 19.18 -26.25
CA PHE B 373 -40.74 18.89 -27.38
C PHE B 373 -40.05 17.86 -28.27
N THR B 374 -40.71 17.46 -29.35
CA THR B 374 -40.15 16.50 -30.30
C THR B 374 -40.55 16.88 -31.72
N GLU B 375 -39.64 16.64 -32.65
CA GLU B 375 -39.90 16.86 -34.08
C GLU B 375 -39.78 15.56 -34.88
N TRP B 376 -38.62 14.91 -34.84
CA TRP B 376 -38.37 13.64 -35.50
C TRP B 376 -38.28 12.54 -34.44
N ALA B 377 -38.75 11.34 -34.79
CA ALA B 377 -38.68 10.22 -33.87
C ALA B 377 -38.49 8.93 -34.64
N TYR B 378 -37.63 8.06 -34.09
CA TYR B 378 -37.37 6.74 -34.64
C TYR B 378 -37.44 5.71 -33.53
N GLY B 379 -37.06 4.47 -33.79
CA GLY B 379 -37.17 3.43 -32.80
C GLY B 379 -36.27 3.66 -31.59
N PRO B 380 -34.96 3.59 -31.77
CA PRO B 380 -34.04 3.79 -30.64
C PRO B 380 -33.59 5.23 -30.44
N VAL B 381 -33.75 6.11 -31.43
CA VAL B 381 -33.19 7.46 -31.41
C VAL B 381 -34.32 8.47 -31.59
N HIS B 382 -34.30 9.52 -30.77
CA HIS B 382 -35.29 10.59 -30.82
C HIS B 382 -34.60 11.94 -30.83
N SER B 383 -35.01 12.80 -31.76
CA SER B 383 -34.43 14.13 -31.92
C SER B 383 -35.27 15.14 -31.11
N SER B 384 -35.03 15.11 -29.79
CA SER B 384 -35.80 15.97 -28.90
C SER B 384 -35.40 17.43 -29.08
N LEU B 385 -36.31 18.32 -28.73
CA LEU B 385 -36.11 19.76 -28.79
C LEU B 385 -36.18 20.33 -27.38
N TYR B 386 -35.07 20.87 -26.89
CA TYR B 386 -34.94 21.31 -25.51
C TYR B 386 -34.95 22.83 -25.42
N ASP B 387 -35.80 23.35 -24.53
CA ASP B 387 -35.78 24.78 -24.21
C ASP B 387 -34.54 25.09 -23.38
N LEU B 388 -33.85 26.19 -23.75
CA LEU B 388 -32.62 26.60 -23.10
C LEU B 388 -32.71 28.02 -22.53
N SER B 389 -33.90 28.56 -22.32
CA SER B 389 -34.00 29.90 -21.78
C SER B 389 -33.53 29.92 -20.32
N CYS B 390 -33.11 31.11 -19.88
CA CYS B 390 -32.69 31.38 -18.50
C CYS B 390 -31.42 30.64 -18.10
N ILE B 391 -30.66 30.13 -19.05
CA ILE B 391 -29.38 29.46 -18.79
C ILE B 391 -28.21 30.34 -19.21
N ASP B 392 -28.29 30.94 -20.40
CA ASP B 392 -27.24 31.78 -20.93
C ASP B 392 -27.42 33.24 -20.56
N THR B 393 -28.64 33.79 -20.76
CA THR B 393 -28.95 35.19 -20.47
C THR B 393 -30.25 35.21 -19.68
N CYS B 394 -30.10 35.10 -18.36
CA CYS B 394 -31.18 35.35 -17.41
C CYS B 394 -31.01 36.68 -16.70
N GLU B 395 -29.82 37.26 -16.73
CA GLU B 395 -29.48 38.60 -16.26
C GLU B 395 -29.40 38.72 -14.74
N LYS B 396 -29.79 37.68 -13.98
CA LYS B 396 -29.74 37.74 -12.53
C LYS B 396 -28.82 36.67 -11.94
N ASN B 397 -29.14 35.40 -12.16
CA ASN B 397 -28.29 34.31 -11.68
C ASN B 397 -28.69 33.04 -12.43
N SER B 398 -27.90 32.66 -13.43
CA SER B 398 -28.26 31.51 -14.23
C SER B 398 -28.01 30.21 -13.47
N VAL B 399 -28.54 29.11 -14.02
CA VAL B 399 -28.33 27.82 -13.39
C VAL B 399 -26.86 27.45 -13.38
N LEU B 400 -26.16 27.70 -14.48
CA LEU B 400 -24.74 27.39 -14.53
C LEU B 400 -23.96 28.23 -13.52
N GLU B 401 -24.41 29.46 -13.30
CA GLU B 401 -23.73 30.37 -12.39
C GLU B 401 -23.87 29.98 -10.92
N VAL B 402 -24.68 28.98 -10.60
CA VAL B 402 -24.88 28.51 -9.23
C VAL B 402 -24.27 27.13 -9.02
N ILE B 403 -24.47 26.21 -9.96
CA ILE B 403 -23.92 24.86 -9.82
C ILE B 403 -22.40 24.92 -9.81
N ALA B 404 -21.82 25.71 -10.72
CA ALA B 404 -20.38 25.79 -10.85
C ALA B 404 -19.73 26.68 -9.79
N TYR B 405 -20.49 27.55 -9.13
CA TYR B 405 -19.97 28.47 -8.14
C TYR B 405 -20.44 28.12 -6.74
N SER B 406 -20.76 26.85 -6.50
CA SER B 406 -21.21 26.43 -5.18
C SER B 406 -20.04 26.41 -4.20
N SER B 407 -20.37 26.36 -2.91
CA SER B 407 -19.38 26.50 -1.86
C SER B 407 -18.76 25.18 -1.43
N SER B 408 -18.75 24.17 -2.30
CA SER B 408 -18.11 22.89 -2.01
C SER B 408 -18.69 22.20 -0.78
N GLU B 409 -19.99 22.38 -0.56
CA GLU B 409 -20.76 21.56 0.37
C GLU B 409 -21.85 20.75 -0.31
N THR B 410 -22.26 21.12 -1.52
CA THR B 410 -23.31 20.39 -2.20
C THR B 410 -22.82 18.99 -2.58
N PRO B 411 -23.56 17.92 -2.28
CA PRO B 411 -23.01 16.58 -2.50
C PRO B 411 -22.98 16.16 -3.96
N ASN B 412 -23.85 16.71 -4.80
CA ASN B 412 -23.97 16.28 -6.19
C ASN B 412 -23.54 17.36 -7.18
N ARG B 413 -22.75 18.35 -6.76
CA ARG B 413 -22.36 19.41 -7.68
C ARG B 413 -21.56 18.85 -8.85
N HIS B 414 -20.85 17.74 -8.66
CA HIS B 414 -20.14 17.11 -9.76
C HIS B 414 -21.07 16.30 -10.67
N ASP B 415 -22.26 15.94 -10.20
CA ASP B 415 -23.22 15.18 -11.01
C ASP B 415 -24.33 16.05 -11.60
N MET B 416 -24.65 17.18 -10.97
CA MET B 416 -25.77 18.00 -11.44
C MET B 416 -25.54 18.50 -12.86
N LEU B 417 -24.29 18.67 -13.27
CA LEU B 417 -23.99 19.09 -14.63
C LEU B 417 -24.10 17.95 -15.63
N LEU B 418 -24.40 16.73 -15.18
CA LEU B 418 -24.55 15.59 -16.09
C LEU B 418 -25.93 15.49 -16.71
N VAL B 419 -26.87 16.37 -16.35
CA VAL B 419 -28.16 16.39 -17.02
C VAL B 419 -27.98 16.77 -18.48
N GLU B 420 -28.74 16.12 -19.35
CA GLU B 420 -28.54 16.20 -20.80
C GLU B 420 -28.49 17.61 -21.38
N PRO B 421 -29.43 18.53 -21.07
CA PRO B 421 -29.37 19.86 -21.69
C PRO B 421 -28.08 20.59 -21.38
N LEU B 422 -27.77 20.73 -20.09
CA LEU B 422 -26.56 21.43 -19.69
C LEU B 422 -25.31 20.70 -20.15
N ASN B 423 -25.31 19.37 -20.01
CA ASN B 423 -24.13 18.60 -20.36
C ASN B 423 -23.78 18.76 -21.83
N ARG B 424 -24.78 18.59 -22.70
CA ARG B 424 -24.50 18.70 -24.13
C ARG B 424 -24.23 20.14 -24.52
N LEU B 425 -24.89 21.12 -23.88
CA LEU B 425 -24.60 22.51 -24.17
C LEU B 425 -23.15 22.84 -23.91
N LEU B 426 -22.64 22.42 -22.75
CA LEU B 426 -21.25 22.67 -22.44
C LEU B 426 -20.32 21.94 -23.40
N GLN B 427 -20.67 20.70 -23.76
CA GLN B 427 -19.83 19.95 -24.68
C GLN B 427 -19.70 20.69 -26.01
N ASP B 428 -20.82 21.16 -26.55
CA ASP B 428 -20.79 21.82 -27.85
C ASP B 428 -20.11 23.18 -27.76
N LYS B 429 -20.33 23.90 -26.67
CA LYS B 429 -19.65 25.19 -26.52
C LYS B 429 -18.14 24.99 -26.46
N TRP B 430 -17.69 23.95 -25.75
CA TRP B 430 -16.27 23.62 -25.76
C TRP B 430 -15.77 23.32 -27.17
N ASP B 431 -16.47 22.44 -27.88
CA ASP B 431 -16.00 22.03 -29.20
C ASP B 431 -15.99 23.18 -30.19
N ARG B 432 -16.88 24.16 -30.02
CA ARG B 432 -17.10 25.13 -31.08
C ARG B 432 -15.95 26.14 -31.15
N PHE B 433 -15.76 26.92 -30.08
CA PHE B 433 -14.82 28.05 -30.13
C PHE B 433 -13.91 28.17 -28.92
N VAL B 434 -14.28 27.56 -27.79
CA VAL B 434 -13.57 27.85 -26.55
C VAL B 434 -12.13 27.36 -26.62
N LYS B 435 -11.91 26.22 -27.27
CA LYS B 435 -10.57 25.63 -27.31
C LYS B 435 -9.55 26.58 -27.90
N ARG B 436 -9.92 27.33 -28.94
CA ARG B 436 -8.97 28.26 -29.53
C ARG B 436 -8.54 29.31 -28.52
N ILE B 437 -9.44 29.75 -27.66
CA ILE B 437 -9.06 30.74 -26.66
C ILE B 437 -8.21 30.10 -25.58
N PHE B 438 -8.58 28.90 -25.12
CA PHE B 438 -7.85 28.29 -24.03
C PHE B 438 -6.41 27.97 -24.42
N TYR B 439 -6.22 27.30 -25.56
CA TYR B 439 -4.86 26.97 -25.98
C TYR B 439 -4.05 28.23 -26.24
N PHE B 440 -4.70 29.27 -26.78
CA PHE B 440 -4.01 30.52 -27.00
C PHE B 440 -3.54 31.12 -25.68
N ASN B 441 -4.39 31.10 -24.66
CA ASN B 441 -3.99 31.59 -23.35
C ASN B 441 -2.80 30.82 -22.83
N PHE B 442 -2.84 29.49 -22.97
CA PHE B 442 -1.75 28.67 -22.47
C PHE B 442 -0.44 29.03 -23.15
N PHE B 443 -0.49 29.20 -24.47
CA PHE B 443 0.72 29.57 -25.20
C PHE B 443 1.25 30.91 -24.75
N VAL B 444 0.35 31.89 -24.56
CA VAL B 444 0.80 33.22 -24.16
C VAL B 444 1.47 33.16 -22.80
N TYR B 445 0.88 32.42 -21.86
CA TYR B 445 1.50 32.31 -20.54
C TYR B 445 2.86 31.66 -20.63
N CYS B 446 2.99 30.59 -21.43
CA CYS B 446 4.28 29.94 -21.55
C CYS B 446 5.33 30.90 -22.10
N LEU B 447 4.97 31.70 -23.10
CA LEU B 447 5.92 32.68 -23.60
C LEU B 447 6.31 33.68 -22.54
N TYR B 448 5.33 34.11 -21.74
CA TYR B 448 5.63 35.08 -20.69
C TYR B 448 6.62 34.51 -19.70
N MET B 449 6.42 33.26 -19.30
CA MET B 449 7.35 32.66 -18.34
C MET B 449 8.73 32.45 -18.94
N ILE B 450 8.82 32.08 -20.23
CA ILE B 450 10.14 31.92 -20.84
C ILE B 450 10.87 33.26 -20.85
N ILE B 451 10.17 34.33 -21.22
CA ILE B 451 10.80 35.64 -21.26
C ILE B 451 11.23 36.05 -19.86
N PHE B 452 10.40 35.79 -18.86
CA PHE B 452 10.76 36.15 -17.49
C PHE B 452 12.01 35.41 -17.06
N THR B 453 12.09 34.11 -17.35
CA THR B 453 13.27 33.35 -16.95
C THR B 453 14.51 33.88 -17.62
N ALA B 454 14.42 34.18 -18.93
CA ALA B 454 15.57 34.68 -19.64
C ALA B 454 16.03 36.01 -19.08
N ALA B 455 15.09 36.91 -18.79
CA ALA B 455 15.48 38.20 -18.23
C ALA B 455 16.13 38.03 -16.87
N ALA B 456 15.58 37.14 -16.04
CA ALA B 456 16.13 36.99 -14.70
C ALA B 456 17.52 36.39 -14.73
N TYR B 457 17.76 35.43 -15.61
CA TYR B 457 19.04 34.72 -15.60
C TYR B 457 20.21 35.67 -15.81
N TYR B 458 20.05 36.64 -16.71
CA TYR B 458 21.14 37.50 -17.14
C TYR B 458 21.23 38.80 -16.35
N ARG B 459 20.82 38.82 -15.09
CA ARG B 459 20.89 40.04 -14.32
C ARG B 459 22.35 40.48 -14.16
N PRO B 460 22.61 41.79 -14.06
CA PRO B 460 24.00 42.22 -13.86
C PRO B 460 24.49 41.87 -12.47
N VAL B 461 25.81 41.75 -12.36
CA VAL B 461 26.42 41.22 -11.14
C VAL B 461 26.82 42.32 -10.18
N GLU B 462 27.26 43.47 -10.68
CA GLU B 462 27.71 44.55 -9.81
C GLU B 462 26.57 45.03 -8.94
N GLY B 463 26.92 45.54 -7.76
CA GLY B 463 25.94 45.85 -6.74
C GLY B 463 25.30 47.21 -6.90
N LEU B 464 24.45 47.55 -5.93
CA LEU B 464 23.83 48.85 -5.84
C LEU B 464 22.98 49.18 -7.06
N PRO B 465 21.83 48.53 -7.22
CA PRO B 465 20.88 48.97 -8.24
C PRO B 465 20.36 50.36 -7.92
N PRO B 466 19.72 51.04 -8.87
CA PRO B 466 19.50 50.64 -10.27
C PRO B 466 20.75 50.85 -11.10
N TYR B 467 20.86 50.14 -12.22
CA TYR B 467 22.06 50.11 -13.03
C TYR B 467 21.84 50.86 -14.33
N LYS B 468 22.86 51.61 -14.75
CA LYS B 468 22.78 52.42 -15.95
C LYS B 468 23.05 51.56 -17.17
N LEU B 469 22.14 51.61 -18.13
CA LEU B 469 22.28 50.78 -19.32
C LEU B 469 23.32 51.37 -20.26
N LYS B 470 23.98 50.48 -21.00
CA LYS B 470 24.89 50.86 -22.06
C LYS B 470 24.16 50.79 -23.39
N ASN B 471 24.78 51.34 -24.43
CA ASN B 471 24.15 51.37 -25.74
C ASN B 471 24.29 50.05 -26.51
N THR B 472 24.80 49.00 -25.88
CA THR B 472 24.86 47.71 -26.53
C THR B 472 23.47 47.08 -26.60
N VAL B 473 23.29 46.18 -27.57
CA VAL B 473 21.98 45.57 -27.81
C VAL B 473 21.53 44.72 -26.63
N GLY B 474 22.48 44.04 -25.97
CA GLY B 474 22.11 43.20 -24.85
C GLY B 474 21.38 43.94 -23.76
N ASP B 475 21.80 45.18 -23.48
CA ASP B 475 21.13 45.96 -22.45
C ASP B 475 19.70 46.28 -22.86
N TYR B 476 19.49 46.60 -24.13
CA TYR B 476 18.14 46.89 -24.58
C TYR B 476 17.24 45.65 -24.47
N PHE B 477 17.77 44.49 -24.83
CA PHE B 477 16.97 43.28 -24.68
C PHE B 477 16.65 43.01 -23.21
N ARG B 478 17.64 43.19 -22.33
CA ARG B 478 17.39 42.95 -20.90
C ARG B 478 16.33 43.90 -20.36
N VAL B 479 16.42 45.18 -20.74
CA VAL B 479 15.44 46.15 -20.26
C VAL B 479 14.05 45.78 -20.77
N THR B 480 13.95 45.36 -22.03
CA THR B 480 12.66 44.95 -22.57
C THR B 480 12.10 43.77 -21.78
N GLY B 481 12.96 42.79 -21.48
CA GLY B 481 12.49 41.64 -20.71
C GLY B 481 11.98 42.05 -19.34
N GLU B 482 12.70 42.93 -18.67
CA GLU B 482 12.26 43.37 -17.34
C GLU B 482 10.92 44.09 -17.43
N ILE B 483 10.76 44.94 -18.44
CA ILE B 483 9.51 45.69 -18.56
C ILE B 483 8.34 44.75 -18.79
N LEU B 484 8.51 43.77 -19.67
CA LEU B 484 7.45 42.79 -19.90
C LEU B 484 7.12 42.03 -18.62
N SER B 485 8.14 41.66 -17.85
CA SER B 485 7.90 40.90 -16.63
C SER B 485 7.07 41.71 -15.63
N VAL B 486 7.43 42.98 -15.45
CA VAL B 486 6.68 43.80 -14.50
C VAL B 486 5.26 44.01 -15.00
N SER B 487 5.07 44.16 -16.30
CA SER B 487 3.72 44.31 -16.83
C SER B 487 2.87 43.10 -16.51
N GLY B 488 3.42 41.90 -16.72
CA GLY B 488 2.69 40.70 -16.35
C GLY B 488 2.31 40.68 -14.87
N GLY B 489 3.26 41.05 -14.02
CA GLY B 489 2.97 41.08 -12.59
C GLY B 489 1.82 42.01 -12.25
N VAL B 490 1.83 43.21 -12.83
CA VAL B 490 0.78 44.18 -12.55
C VAL B 490 -0.58 43.64 -13.02
N TYR B 491 -0.59 43.06 -14.22
CA TYR B 491 -1.84 42.53 -14.76
C TYR B 491 -2.44 41.49 -13.84
N PHE B 492 -1.61 40.55 -13.38
CA PHE B 492 -2.13 39.52 -12.50
C PHE B 492 -2.63 40.12 -11.19
N PHE B 493 -1.93 41.14 -10.68
CA PHE B 493 -2.38 41.78 -9.46
C PHE B 493 -3.80 42.31 -9.61
N PHE B 494 -4.06 43.03 -10.70
CA PHE B 494 -5.40 43.60 -10.86
C PHE B 494 -6.44 42.54 -11.13
N ARG B 495 -6.11 41.49 -11.88
CA ARG B 495 -7.09 40.42 -12.07
C ARG B 495 -7.47 39.78 -10.74
N GLY B 496 -6.47 39.53 -9.89
CA GLY B 496 -6.77 38.95 -8.59
C GLY B 496 -7.64 39.85 -7.74
N ILE B 497 -7.36 41.15 -7.73
CA ILE B 497 -8.18 42.07 -6.94
C ILE B 497 -9.61 42.05 -7.45
N GLN B 498 -9.79 42.06 -8.77
CA GLN B 498 -11.14 42.04 -9.31
C GLN B 498 -11.87 40.78 -8.88
N TYR B 499 -11.19 39.64 -8.95
CA TYR B 499 -11.86 38.40 -8.55
C TYR B 499 -12.27 38.46 -7.10
N PHE B 500 -11.38 38.94 -6.22
CA PHE B 500 -11.70 38.94 -4.81
C PHE B 500 -12.86 39.88 -4.50
N LEU B 501 -12.93 41.01 -5.20
CA LEU B 501 -14.07 41.91 -4.97
C LEU B 501 -15.36 41.31 -5.50
N GLN B 502 -15.32 40.60 -6.64
CA GLN B 502 -16.54 40.06 -7.20
C GLN B 502 -17.07 38.86 -6.42
N ARG B 503 -16.16 37.99 -5.95
CA ARG B 503 -16.59 36.73 -5.35
C ARG B 503 -16.98 36.88 -3.89
N ARG B 504 -16.25 37.72 -3.14
CA ARG B 504 -16.47 37.88 -1.71
C ARG B 504 -16.37 36.55 -0.98
N PRO B 505 -15.17 36.00 -0.80
CA PRO B 505 -15.04 34.76 -0.04
C PRO B 505 -15.32 34.97 1.44
N SER B 506 -15.66 33.87 2.11
CA SER B 506 -16.11 33.93 3.49
C SER B 506 -15.01 34.20 4.50
N LEU B 507 -13.73 34.03 4.13
CA LEU B 507 -12.56 34.00 5.02
C LEU B 507 -12.47 32.73 5.86
N LYS B 508 -13.45 31.83 5.77
CA LYS B 508 -13.39 30.50 6.40
C LYS B 508 -13.18 29.40 5.38
N SER B 509 -13.82 29.51 4.22
CA SER B 509 -13.55 28.67 3.07
C SER B 509 -12.71 29.41 2.04
N LEU B 510 -11.90 30.37 2.47
CA LEU B 510 -11.06 31.12 1.54
C LEU B 510 -10.11 30.19 0.80
N PHE B 511 -9.50 29.25 1.52
CA PHE B 511 -8.49 28.37 0.92
C PHE B 511 -9.07 27.07 0.41
N VAL B 512 -10.26 26.69 0.84
CA VAL B 512 -10.84 25.44 0.33
C VAL B 512 -11.19 25.57 -1.13
N ASP B 513 -11.78 26.71 -1.52
CA ASP B 513 -11.99 27.07 -2.92
C ASP B 513 -11.01 28.17 -3.30
N SER B 514 -10.99 28.53 -4.58
CA SER B 514 -10.23 29.68 -5.04
C SER B 514 -8.75 29.56 -4.73
N TYR B 515 -8.22 28.34 -4.77
CA TYR B 515 -6.81 28.14 -4.51
C TYR B 515 -5.97 28.82 -5.59
N SER B 516 -6.39 28.69 -6.84
CA SER B 516 -5.57 29.15 -7.96
C SER B 516 -5.42 30.66 -7.96
N GLU B 517 -6.50 31.40 -7.72
CA GLU B 517 -6.39 32.84 -7.66
C GLU B 517 -5.46 33.25 -6.53
N ILE B 518 -5.52 32.53 -5.40
CA ILE B 518 -4.66 32.88 -4.28
C ILE B 518 -3.20 32.75 -4.67
N LEU B 519 -2.84 31.65 -5.33
CA LEU B 519 -1.44 31.47 -5.71
C LEU B 519 -1.00 32.51 -6.73
N PHE B 520 -1.83 32.80 -7.72
CA PHE B 520 -1.45 33.80 -8.71
C PHE B 520 -1.28 35.16 -8.04
N PHE B 521 -2.19 35.50 -7.14
CA PHE B 521 -2.07 36.76 -6.43
C PHE B 521 -0.80 36.82 -5.60
N VAL B 522 -0.44 35.71 -4.95
CA VAL B 522 0.79 35.69 -4.17
C VAL B 522 1.99 35.95 -5.06
N GLN B 523 2.00 35.36 -6.24
CA GLN B 523 3.06 35.66 -7.20
C GLN B 523 3.10 37.16 -7.50
N SER B 524 1.94 37.76 -7.70
CA SER B 524 1.93 39.18 -8.02
C SER B 524 2.50 40.00 -6.88
N LEU B 525 2.16 39.64 -5.65
CA LEU B 525 2.70 40.37 -4.50
C LEU B 525 4.21 40.28 -4.46
N PHE B 526 4.75 39.07 -4.67
CA PHE B 526 6.20 38.94 -4.61
C PHE B 526 6.87 39.76 -5.70
N MET B 527 6.31 39.75 -6.90
CA MET B 527 6.89 40.55 -7.97
C MET B 527 6.88 42.03 -7.62
N LEU B 528 5.77 42.51 -7.06
CA LEU B 528 5.70 43.94 -6.74
C LEU B 528 6.67 44.30 -5.62
N VAL B 529 6.79 43.45 -4.61
CA VAL B 529 7.77 43.70 -3.57
C VAL B 529 9.16 43.77 -4.16
N SER B 530 9.44 42.89 -5.12
CA SER B 530 10.75 42.85 -5.74
C SER B 530 11.05 44.16 -6.44
N VAL B 531 10.10 44.67 -7.23
CA VAL B 531 10.41 45.91 -7.95
C VAL B 531 10.51 47.08 -6.97
N VAL B 532 9.71 47.08 -5.90
CA VAL B 532 9.79 48.15 -4.91
C VAL B 532 11.19 48.18 -4.29
N LEU B 533 11.70 47.01 -3.89
CA LEU B 533 13.05 46.98 -3.36
C LEU B 533 14.07 47.38 -4.41
N TYR B 534 13.83 47.00 -5.67
CA TYR B 534 14.78 47.31 -6.73
C TYR B 534 14.99 48.81 -6.85
N PHE B 535 13.90 49.58 -6.87
CA PHE B 535 14.06 51.03 -6.96
C PHE B 535 14.45 51.68 -5.65
N SER B 536 14.49 50.94 -4.55
CA SER B 536 14.88 51.50 -3.26
C SER B 536 16.38 51.47 -3.03
N GLN B 537 17.17 51.16 -4.05
CA GLN B 537 18.62 51.06 -3.92
C GLN B 537 19.03 50.04 -2.86
N ARG B 538 18.38 48.89 -2.88
CA ARG B 538 18.74 47.73 -2.05
C ARG B 538 18.96 46.54 -2.97
N LYS B 539 19.96 45.73 -2.66
CA LYS B 539 20.28 44.56 -3.46
C LYS B 539 19.54 43.30 -3.00
N GLU B 540 18.63 43.41 -2.04
CA GLU B 540 17.87 42.26 -1.57
C GLU B 540 16.73 41.89 -2.50
N TYR B 541 16.49 42.65 -3.57
CA TYR B 541 15.35 42.37 -4.43
C TYR B 541 15.43 40.98 -5.05
N VAL B 542 16.64 40.47 -5.28
CA VAL B 542 16.78 39.15 -5.87
C VAL B 542 16.14 38.12 -4.98
N ALA B 543 16.23 38.32 -3.66
CA ALA B 543 15.62 37.38 -2.72
C ALA B 543 14.12 37.27 -2.94
N SER B 544 13.48 38.38 -3.31
CA SER B 544 12.07 38.28 -3.67
C SER B 544 11.90 37.64 -5.03
N MET B 545 12.72 38.05 -6.00
CA MET B 545 12.41 37.76 -7.40
C MET B 545 12.38 36.26 -7.62
N VAL B 546 13.38 35.55 -7.09
CA VAL B 546 13.49 34.13 -7.33
C VAL B 546 12.26 33.42 -6.81
N PHE B 547 11.71 33.86 -5.69
CA PHE B 547 10.51 33.20 -5.19
C PHE B 547 9.40 33.31 -6.21
N SER B 548 9.20 34.51 -6.76
CA SER B 548 8.19 34.66 -7.80
C SER B 548 8.51 33.74 -8.96
N LEU B 549 9.79 33.69 -9.35
CA LEU B 549 10.19 32.86 -10.48
C LEU B 549 9.81 31.42 -10.24
N ALA B 550 10.02 30.92 -9.01
CA ALA B 550 9.67 29.54 -8.73
C ALA B 550 8.19 29.31 -8.95
N MET B 551 7.34 30.14 -8.34
CA MET B 551 5.91 29.96 -8.54
C MET B 551 5.54 30.18 -9.99
N GLY B 552 6.29 31.05 -10.67
CA GLY B 552 5.99 31.34 -12.06
C GLY B 552 5.98 30.09 -12.90
N TRP B 553 6.81 29.11 -12.56
CA TRP B 553 6.74 27.84 -13.26
C TRP B 553 5.65 26.95 -12.69
N THR B 554 5.61 26.85 -11.36
CA THR B 554 4.88 25.75 -10.74
C THR B 554 3.40 25.81 -11.05
N ASN B 555 2.77 26.96 -10.84
CA ASN B 555 1.35 27.06 -11.06
C ASN B 555 0.96 26.96 -12.53
N MET B 556 1.92 26.76 -13.44
CA MET B 556 1.58 26.36 -14.78
C MET B 556 0.76 25.08 -14.78
N LEU B 557 0.87 24.25 -13.73
CA LEU B 557 0.06 23.05 -13.65
C LEU B 557 -1.43 23.35 -13.70
N TYR B 558 -1.84 24.58 -13.39
CA TYR B 558 -3.24 24.95 -13.51
C TYR B 558 -3.78 24.67 -14.90
N TYR B 559 -2.97 24.93 -15.92
CA TYR B 559 -3.50 24.72 -17.26
C TYR B 559 -3.61 23.25 -17.63
N THR B 560 -3.08 22.33 -16.81
CA THR B 560 -3.32 20.93 -17.11
C THR B 560 -4.73 20.50 -16.75
N ARG B 561 -5.44 21.27 -15.93
CA ARG B 561 -6.86 21.00 -15.75
C ARG B 561 -7.57 21.19 -17.07
N GLY B 562 -8.53 20.33 -17.34
CA GLY B 562 -9.26 20.33 -18.59
C GLY B 562 -8.80 19.26 -19.57
N PHE B 563 -7.65 18.65 -19.33
CA PHE B 563 -7.23 17.49 -20.11
C PHE B 563 -7.86 16.26 -19.51
N GLN B 564 -8.19 15.29 -20.37
CA GLN B 564 -8.95 14.13 -19.91
C GLN B 564 -8.17 13.32 -18.89
N GLN B 565 -6.88 13.09 -19.12
CA GLN B 565 -6.07 12.24 -18.28
C GLN B 565 -5.12 13.01 -17.37
N MET B 566 -4.38 13.96 -17.92
CA MET B 566 -3.30 14.59 -17.17
C MET B 566 -3.80 15.60 -16.14
N GLY B 567 -5.11 15.79 -16.00
CA GLY B 567 -5.60 16.76 -15.05
C GLY B 567 -5.64 16.28 -13.61
N ILE B 568 -5.66 14.98 -13.38
CA ILE B 568 -5.82 14.47 -12.01
C ILE B 568 -4.63 14.84 -11.15
N TYR B 569 -3.45 14.98 -11.73
CA TYR B 569 -2.25 15.25 -10.96
C TYR B 569 -2.22 16.65 -10.39
N ALA B 570 -3.19 17.50 -10.73
CA ALA B 570 -3.33 18.79 -10.06
C ALA B 570 -4.23 18.71 -8.85
N VAL B 571 -5.41 18.10 -9.00
CA VAL B 571 -6.35 18.07 -7.89
C VAL B 571 -5.82 17.19 -6.78
N MET B 572 -5.09 16.11 -7.10
CA MET B 572 -4.50 15.31 -6.04
C MET B 572 -3.52 16.13 -5.20
N ILE B 573 -2.71 16.97 -5.84
CA ILE B 573 -1.78 17.80 -5.09
C ILE B 573 -2.53 18.80 -4.24
N GLU B 574 -3.59 19.40 -4.78
CA GLU B 574 -4.34 20.37 -3.99
C GLU B 574 -4.90 19.72 -2.73
N LYS B 575 -5.52 18.55 -2.88
CA LYS B 575 -6.12 17.92 -1.71
C LYS B 575 -5.06 17.51 -0.70
N MET B 576 -3.97 16.90 -1.15
CA MET B 576 -2.95 16.46 -0.21
C MET B 576 -2.33 17.64 0.52
N ILE B 577 -2.06 18.73 -0.19
CA ILE B 577 -1.32 19.80 0.46
C ILE B 577 -2.23 20.64 1.36
N LEU B 578 -3.54 20.66 1.12
CA LEU B 578 -4.42 21.39 2.03
C LEU B 578 -4.93 20.52 3.17
N ARG B 579 -5.68 19.47 2.87
CA ARG B 579 -6.47 18.80 3.90
C ARG B 579 -5.70 17.69 4.59
N ASP B 580 -4.40 17.56 4.35
CA ASP B 580 -3.59 16.58 5.09
C ASP B 580 -2.48 17.21 5.91
N LEU B 581 -1.54 17.95 5.29
CA LEU B 581 -0.37 18.34 6.06
C LEU B 581 -0.67 19.41 7.10
N CYS B 582 -1.74 20.19 6.94
CA CYS B 582 -2.07 21.14 8.00
C CYS B 582 -2.51 20.45 9.28
N ARG B 583 -2.76 19.14 9.25
CA ARG B 583 -3.01 18.33 10.44
C ARG B 583 -1.78 17.58 10.92
N PHE B 584 -1.01 16.98 10.03
CA PHE B 584 0.16 16.23 10.47
C PHE B 584 1.26 17.15 10.98
N MET B 585 1.23 18.42 10.56
CA MET B 585 2.23 19.39 10.98
C MET B 585 2.39 19.44 12.49
N PHE B 586 1.27 19.44 13.22
CA PHE B 586 1.35 19.59 14.67
C PHE B 586 2.10 18.43 15.30
N VAL B 587 1.72 17.21 14.96
CA VAL B 587 2.34 16.04 15.58
C VAL B 587 3.83 16.02 15.30
N TYR B 588 4.21 16.22 14.04
CA TYR B 588 5.63 16.16 13.74
C TYR B 588 6.39 17.27 14.45
N LEU B 589 5.82 18.47 14.50
CA LEU B 589 6.55 19.56 15.16
C LEU B 589 6.72 19.29 16.63
N VAL B 590 5.73 18.71 17.28
CA VAL B 590 5.88 18.40 18.70
C VAL B 590 7.05 17.46 18.91
N PHE B 591 7.10 16.38 18.12
CA PHE B 591 8.23 15.44 18.29
C PHE B 591 9.56 16.11 18.04
N LEU B 592 9.66 16.86 16.94
CA LEU B 592 10.93 17.47 16.57
C LEU B 592 11.39 18.43 17.65
N PHE B 593 10.50 19.28 18.13
CA PHE B 593 10.91 20.30 19.09
C PHE B 593 11.30 19.67 20.42
N GLY B 594 10.53 18.67 20.86
CA GLY B 594 10.86 18.03 22.13
C GLY B 594 12.24 17.41 22.11
N PHE B 595 12.50 16.57 21.10
CA PHE B 595 13.80 15.91 21.07
C PHE B 595 14.92 16.91 20.79
N SER B 596 14.63 17.97 20.02
CA SER B 596 15.65 18.96 19.72
C SER B 596 16.12 19.67 20.97
N THR B 597 15.18 20.11 21.81
CA THR B 597 15.59 20.76 23.06
C THR B 597 16.26 19.76 23.99
N ALA B 598 15.83 18.51 23.97
CA ALA B 598 16.49 17.53 24.83
C ALA B 598 17.96 17.38 24.44
N VAL B 599 18.24 17.23 23.15
CA VAL B 599 19.62 17.05 22.75
C VAL B 599 20.42 18.31 22.98
N VAL B 600 19.83 19.49 22.76
CA VAL B 600 20.64 20.68 22.85
C VAL B 600 20.99 20.98 24.30
N THR B 601 20.11 20.68 25.24
CA THR B 601 20.46 20.93 26.64
C THR B 601 21.31 19.82 27.23
N LEU B 602 21.26 18.61 26.66
CA LEU B 602 22.09 17.53 27.20
C LEU B 602 23.56 17.83 26.98
N ILE B 603 23.94 18.18 25.76
CA ILE B 603 25.33 18.48 25.42
C ILE B 603 25.59 19.96 25.64
N GLU B 604 26.64 20.28 26.39
CA GLU B 604 27.05 21.67 26.63
C GLU B 604 28.55 21.68 26.83
N ASP B 605 29.16 22.85 26.67
CA ASP B 605 30.60 22.98 26.84
C ASP B 605 30.99 24.43 27.14
N SER B 630 26.73 20.72 14.01
CA SER B 630 27.55 20.48 15.19
C SER B 630 26.75 20.54 16.49
N TYR B 631 25.44 20.76 16.39
CA TYR B 631 24.58 20.91 17.56
C TYR B 631 25.00 22.10 18.44
N ASN B 632 25.59 23.13 17.83
CA ASN B 632 26.01 24.28 18.61
C ASN B 632 24.87 25.22 18.96
N SER B 633 23.70 25.06 18.35
CA SER B 633 22.58 25.96 18.57
C SER B 633 21.30 25.20 18.29
N LEU B 634 20.18 25.80 18.68
CA LEU B 634 18.90 25.13 18.48
C LEU B 634 18.59 24.94 17.00
N TYR B 635 18.92 25.92 16.17
CA TYR B 635 18.58 25.82 14.76
C TYR B 635 19.31 24.67 14.09
N SER B 636 20.61 24.55 14.32
CA SER B 636 21.38 23.51 13.68
C SER B 636 20.88 22.13 14.09
N THR B 637 20.57 21.95 15.37
CA THR B 637 20.07 20.66 15.82
C THR B 637 18.71 20.35 15.22
N CYS B 638 17.86 21.37 15.07
CA CYS B 638 16.59 21.15 14.39
C CYS B 638 16.82 20.64 12.98
N LEU B 639 17.77 21.25 12.26
CA LEU B 639 18.09 20.77 10.91
C LEU B 639 18.60 19.34 10.93
N GLU B 640 19.47 19.01 11.89
CA GLU B 640 20.04 17.68 11.92
C GLU B 640 18.97 16.62 12.13
N LEU B 641 18.08 16.84 13.08
CA LEU B 641 17.05 15.84 13.30
C LEU B 641 16.10 15.78 12.12
N PHE B 642 15.86 16.90 11.44
CA PHE B 642 15.05 16.84 10.24
C PHE B 642 15.71 15.97 9.18
N LYS B 643 17.03 16.11 9.03
CA LYS B 643 17.72 15.24 8.09
C LYS B 643 17.57 13.78 8.47
N PHE B 644 17.59 13.48 9.78
CA PHE B 644 17.38 12.09 10.19
C PHE B 644 16.00 11.60 9.80
N THR B 645 15.00 12.50 9.79
CA THR B 645 13.63 12.04 9.54
C THR B 645 13.47 11.42 8.16
N ILE B 646 14.11 11.98 7.14
CA ILE B 646 13.90 11.55 5.76
C ILE B 646 15.06 10.71 5.25
N GLY B 647 15.79 10.05 6.14
CA GLY B 647 16.72 9.02 5.71
C GLY B 647 17.97 9.53 5.04
N MET B 648 18.18 10.83 4.99
CA MET B 648 19.37 11.39 4.36
C MET B 648 20.51 11.60 5.33
N GLY B 649 20.24 11.67 6.63
CA GLY B 649 21.25 12.00 7.61
C GLY B 649 22.20 10.85 7.83
N ASP B 650 23.13 11.05 8.75
CA ASP B 650 24.13 10.05 9.07
C ASP B 650 24.43 10.10 10.56
N LEU B 651 24.74 8.93 11.10
CA LEU B 651 24.99 8.72 12.53
C LEU B 651 26.48 8.46 12.70
N GLU B 652 27.23 9.49 13.04
CA GLU B 652 28.69 9.37 13.12
C GLU B 652 29.19 8.99 14.50
N PHE B 653 28.64 9.59 15.56
CA PHE B 653 29.10 9.36 16.92
C PHE B 653 30.59 9.66 17.07
N THR B 654 30.90 10.95 16.96
CA THR B 654 32.25 11.42 17.21
C THR B 654 32.55 11.35 18.70
N GLU B 655 33.79 11.72 19.04
CA GLU B 655 34.27 11.65 20.41
C GLU B 655 33.91 12.93 21.17
N ASN B 656 34.25 12.94 22.46
CA ASN B 656 34.37 14.12 23.30
C ASN B 656 33.04 14.71 23.74
N TYR B 657 31.92 14.09 23.44
CA TYR B 657 30.66 14.46 24.07
C TYR B 657 30.62 13.75 25.41
N ASP B 658 30.36 14.49 26.47
CA ASP B 658 30.04 13.87 27.74
C ASP B 658 28.62 13.33 27.65
N PHE B 659 28.32 12.36 28.51
CA PHE B 659 27.02 11.71 28.51
C PHE B 659 26.74 11.03 27.17
N LYS B 660 27.77 10.50 26.53
CA LYS B 660 27.58 9.90 25.21
C LYS B 660 26.63 8.71 25.27
N ALA B 661 26.72 7.91 26.34
CA ALA B 661 25.90 6.71 26.41
C ALA B 661 24.41 7.04 26.46
N VAL B 662 24.05 8.21 26.95
CA VAL B 662 22.65 8.64 26.93
C VAL B 662 22.30 9.28 25.60
N PHE B 663 23.26 9.99 25.00
CA PHE B 663 23.03 10.59 23.70
C PHE B 663 22.66 9.55 22.68
N ILE B 664 23.36 8.41 22.68
CA ILE B 664 23.04 7.36 21.72
C ILE B 664 21.63 6.84 21.93
N ILE B 665 21.23 6.63 23.19
CA ILE B 665 19.90 6.08 23.44
C ILE B 665 18.84 7.05 22.97
N LEU B 666 19.03 8.34 23.23
CA LEU B 666 18.05 9.31 22.74
C LEU B 666 17.95 9.27 21.22
N LEU B 667 19.09 9.24 20.53
CA LEU B 667 19.01 9.26 19.06
C LEU B 667 18.35 8.01 18.52
N LEU B 668 18.67 6.84 19.09
CA LEU B 668 18.04 5.63 18.58
C LEU B 668 16.54 5.64 18.84
N ALA B 669 16.12 6.13 20.00
CA ALA B 669 14.69 6.26 20.25
C ALA B 669 14.05 7.19 19.23
N TYR B 670 14.73 8.29 18.91
CA TYR B 670 14.16 9.24 17.96
C TYR B 670 14.03 8.64 16.58
N VAL B 671 15.09 7.97 16.11
CA VAL B 671 15.06 7.39 14.78
C VAL B 671 13.96 6.34 14.68
N ILE B 672 13.85 5.47 15.68
CA ILE B 672 12.80 4.46 15.64
C ILE B 672 11.43 5.11 15.66
N LEU B 673 11.26 6.16 16.48
CA LEU B 673 9.94 6.75 16.62
C LEU B 673 9.51 7.48 15.36
N THR B 674 10.42 8.22 14.74
CA THR B 674 10.05 9.05 13.61
C THR B 674 10.16 8.31 12.28
N TYR B 675 11.33 7.74 11.98
CA TYR B 675 11.56 7.27 10.63
C TYR B 675 10.72 6.05 10.30
N ILE B 676 10.70 5.06 11.18
CA ILE B 676 9.95 3.85 10.87
C ILE B 676 8.47 4.05 11.14
N LEU B 677 8.13 4.55 12.32
CA LEU B 677 6.75 4.49 12.79
C LEU B 677 5.88 5.60 12.23
N LEU B 678 6.25 6.86 12.50
CA LEU B 678 5.36 7.97 12.18
C LEU B 678 5.27 8.22 10.68
N LEU B 679 6.42 8.25 10.01
CA LEU B 679 6.43 8.64 8.60
C LEU B 679 5.62 7.66 7.76
N ASN B 680 5.79 6.36 7.98
CA ASN B 680 5.05 5.40 7.19
C ASN B 680 3.56 5.45 7.51
N MET B 681 3.19 5.91 8.71
CA MET B 681 1.79 6.19 8.98
C MET B 681 1.28 7.30 8.08
N LEU B 682 2.04 8.38 7.95
CA LEU B 682 1.64 9.45 7.04
C LEU B 682 1.48 8.92 5.63
N ILE B 683 2.40 8.05 5.21
CA ILE B 683 2.35 7.50 3.85
C ILE B 683 1.10 6.67 3.65
N ALA B 684 0.72 5.88 4.66
CA ALA B 684 -0.51 5.11 4.55
C ALA B 684 -1.71 6.03 4.37
N LEU B 685 -1.76 7.13 5.11
CA LEU B 685 -2.90 8.04 4.95
C LEU B 685 -2.92 8.66 3.55
N MET B 686 -1.77 9.07 3.04
CA MET B 686 -1.76 9.65 1.70
C MET B 686 -2.13 8.61 0.65
N GLY B 687 -1.72 7.36 0.82
CA GLY B 687 -2.16 6.33 -0.11
C GLY B 687 -3.66 6.18 -0.10
N GLU B 688 -4.26 6.24 1.09
CA GLU B 688 -5.72 6.19 1.18
C GLU B 688 -6.35 7.34 0.42
N THR B 689 -5.81 8.55 0.59
CA THR B 689 -6.36 9.70 -0.13
C THR B 689 -6.24 9.53 -1.64
N VAL B 690 -5.08 9.06 -2.12
CA VAL B 690 -4.88 8.94 -3.56
C VAL B 690 -5.85 7.92 -4.15
N ASN B 691 -5.98 6.77 -3.51
CA ASN B 691 -6.92 5.79 -4.04
C ASN B 691 -8.36 6.24 -3.89
N LYS B 692 -8.64 7.15 -2.96
CA LYS B 692 -10.02 7.58 -2.76
C LYS B 692 -10.59 8.26 -3.99
N ILE B 693 -9.79 9.02 -4.73
CA ILE B 693 -10.25 9.79 -5.88
C ILE B 693 -9.61 9.31 -7.17
N ALA B 694 -9.24 8.03 -7.25
CA ALA B 694 -8.91 7.46 -8.54
C ALA B 694 -10.12 7.41 -9.45
N GLN B 695 -11.31 7.16 -8.89
CA GLN B 695 -12.51 6.89 -9.68
C GLN B 695 -13.34 8.14 -9.91
N GLU B 696 -13.61 8.91 -8.87
CA GLU B 696 -14.46 10.09 -8.98
C GLU B 696 -13.82 11.16 -9.85
N SER B 697 -12.52 11.05 -10.13
CA SER B 697 -11.81 12.05 -10.92
C SER B 697 -12.46 12.32 -12.26
N LYS B 698 -13.08 11.32 -12.87
CA LYS B 698 -13.77 11.53 -14.13
C LYS B 698 -14.85 12.60 -13.98
N ASN B 699 -15.73 12.41 -13.00
CA ASN B 699 -16.77 13.40 -12.78
C ASN B 699 -16.16 14.74 -12.38
N ILE B 700 -15.09 14.69 -11.57
CA ILE B 700 -14.41 15.92 -11.18
C ILE B 700 -13.90 16.64 -12.42
N TRP B 701 -13.35 15.89 -13.38
CA TRP B 701 -12.86 16.53 -14.59
C TRP B 701 -13.98 17.29 -15.29
N LYS B 702 -15.18 16.71 -15.32
CA LYS B 702 -16.31 17.41 -15.93
C LYS B 702 -16.52 18.75 -15.26
N LEU B 703 -16.53 18.75 -13.92
CA LEU B 703 -16.69 20.02 -13.20
C LEU B 703 -15.57 20.97 -13.56
N GLN B 704 -14.35 20.45 -13.62
CA GLN B 704 -13.21 21.31 -13.88
C GLN B 704 -13.27 21.86 -15.30
N ARG B 705 -13.90 21.11 -16.22
CA ARG B 705 -14.15 21.68 -17.53
C ARG B 705 -15.10 22.86 -17.42
N ALA B 706 -16.24 22.64 -16.74
CA ALA B 706 -17.35 23.58 -16.82
C ALA B 706 -16.95 24.95 -16.31
N ILE B 707 -16.33 25.00 -15.14
CA ILE B 707 -15.94 26.28 -14.55
C ILE B 707 -15.02 27.03 -15.48
N THR B 708 -14.10 26.30 -16.13
CA THR B 708 -13.14 26.95 -17.02
C THR B 708 -13.85 27.66 -18.15
N ILE B 709 -14.92 27.06 -18.65
CA ILE B 709 -15.70 27.70 -19.71
C ILE B 709 -16.36 28.97 -19.16
N LEU B 710 -16.98 28.87 -17.99
CA LEU B 710 -17.88 29.93 -17.54
C LEU B 710 -17.13 31.22 -17.27
N ASP B 711 -15.87 31.12 -16.85
CA ASP B 711 -15.05 32.32 -16.70
C ASP B 711 -14.72 32.93 -18.05
N THR B 712 -14.34 32.10 -19.01
CA THR B 712 -13.91 32.61 -20.30
C THR B 712 -15.09 33.15 -21.09
N GLU B 713 -16.16 32.35 -21.21
CA GLU B 713 -17.31 32.75 -22.02
C GLU B 713 -17.92 34.03 -21.51
N LYS B 714 -18.05 34.16 -20.19
CA LYS B 714 -18.58 35.39 -19.62
C LYS B 714 -17.68 36.57 -19.95
N SER B 715 -16.36 36.38 -19.89
CA SER B 715 -15.46 37.47 -20.24
C SER B 715 -15.42 37.66 -21.75
N PHE B 716 -14.75 36.75 -22.46
CA PHE B 716 -14.75 36.62 -23.92
C PHE B 716 -14.02 37.73 -24.67
N LEU B 717 -13.80 38.87 -24.04
CA LEU B 717 -12.81 39.88 -24.44
C LEU B 717 -12.91 40.35 -25.89
N LYS B 718 -14.04 40.11 -26.59
CA LYS B 718 -14.21 40.60 -27.95
C LYS B 718 -15.57 41.26 -28.23
N CYS B 719 -16.46 41.33 -27.23
CA CYS B 719 -17.70 42.09 -27.34
C CYS B 719 -18.64 41.59 -28.45
N MET B 720 -18.48 40.35 -28.89
CA MET B 720 -19.44 39.69 -29.76
C MET B 720 -20.39 38.85 -28.90
N ARG B 721 -21.44 38.33 -29.54
CA ARG B 721 -22.49 37.56 -28.87
C ARG B 721 -22.76 36.25 -29.61
N LYS B 722 -21.69 35.55 -29.96
CA LYS B 722 -21.78 34.30 -30.70
C LYS B 722 -21.97 33.08 -29.80
N ALA B 723 -22.22 33.29 -28.51
CA ALA B 723 -22.28 32.17 -27.57
C ALA B 723 -23.60 31.40 -27.65
N PHE B 724 -24.66 32.00 -28.17
CA PHE B 724 -25.95 31.33 -28.25
C PHE B 724 -25.87 30.13 -29.18
N ARG B 725 -26.65 29.09 -28.87
CA ARG B 725 -26.57 27.87 -29.66
C ARG B 725 -27.09 28.08 -31.08
N SER B 726 -28.38 28.39 -31.22
CA SER B 726 -28.93 28.59 -32.55
C SER B 726 -30.33 29.16 -32.45
N GLY B 727 -30.60 30.18 -33.27
CA GLY B 727 -31.96 30.49 -33.66
C GLY B 727 -32.84 31.14 -32.62
N LYS B 728 -33.70 32.06 -33.07
CA LYS B 728 -34.91 32.45 -32.35
C LYS B 728 -36.03 31.59 -32.92
N LEU B 729 -36.00 30.31 -32.57
CA LEU B 729 -36.85 29.32 -33.22
C LEU B 729 -38.30 29.53 -32.81
N LEU B 730 -39.16 29.79 -33.79
CA LEU B 730 -40.57 30.07 -33.57
C LEU B 730 -41.45 28.82 -33.63
N GLN B 731 -40.88 27.64 -33.85
CA GLN B 731 -41.69 26.44 -34.02
C GLN B 731 -42.39 26.02 -32.73
N VAL B 732 -41.99 26.56 -31.58
CA VAL B 732 -42.69 26.26 -30.33
C VAL B 732 -43.92 27.16 -30.24
N GLY B 733 -43.70 28.47 -30.13
CA GLY B 733 -44.74 29.46 -30.33
C GLY B 733 -45.98 29.31 -29.46
N PHE B 734 -45.86 28.69 -28.30
CA PHE B 734 -47.03 28.41 -27.45
C PHE B 734 -47.26 29.57 -26.50
N THR B 735 -48.50 30.03 -26.42
CA THR B 735 -48.89 31.11 -25.54
C THR B 735 -50.41 31.17 -25.51
N PRO B 736 -51.03 31.59 -24.40
CA PRO B 736 -52.49 31.76 -24.42
C PRO B 736 -52.95 32.83 -25.39
N ASP B 737 -52.06 33.77 -25.76
CA ASP B 737 -52.38 34.78 -26.75
C ASP B 737 -52.28 34.16 -28.15
N GLY B 738 -52.63 34.94 -29.17
CA GLY B 738 -52.49 34.50 -30.54
C GLY B 738 -51.11 34.68 -31.13
N LYS B 739 -50.14 35.09 -30.33
CA LYS B 739 -48.82 35.43 -30.82
C LYS B 739 -47.90 34.21 -30.87
N ASP B 740 -46.74 34.39 -31.48
CA ASP B 740 -45.68 33.39 -31.55
C ASP B 740 -44.59 33.77 -30.55
N ASP B 741 -43.61 32.87 -30.40
CA ASP B 741 -42.55 33.09 -29.42
C ASP B 741 -41.42 32.10 -29.70
N TYR B 742 -40.28 32.34 -29.06
CA TYR B 742 -39.12 31.47 -29.17
C TYR B 742 -38.47 31.35 -27.79
N ARG B 743 -37.70 30.27 -27.61
CA ARG B 743 -37.03 30.00 -26.34
C ARG B 743 -35.58 29.55 -26.56
N TRP B 744 -34.96 29.89 -27.70
CA TRP B 744 -33.60 29.47 -28.01
C TRP B 744 -33.45 27.95 -27.95
N CYS B 745 -34.40 27.25 -28.55
CA CYS B 745 -34.44 25.80 -28.43
C CYS B 745 -33.27 25.16 -29.17
N PHE B 746 -32.89 23.97 -28.72
CA PHE B 746 -31.76 23.21 -29.25
C PHE B 746 -32.21 21.79 -29.54
N ARG B 747 -31.94 21.34 -30.76
CA ARG B 747 -32.26 19.97 -31.17
C ARG B 747 -31.14 19.04 -30.78
N VAL B 748 -31.45 18.02 -29.99
CA VAL B 748 -30.48 17.05 -29.50
C VAL B 748 -30.99 15.64 -29.79
N ASP B 749 -30.14 14.82 -30.39
CA ASP B 749 -30.47 13.42 -30.62
C ASP B 749 -30.10 12.62 -29.37
N GLU B 750 -31.08 11.92 -28.81
CA GLU B 750 -30.87 10.97 -27.72
C GLU B 750 -31.04 9.57 -28.28
N VAL B 751 -30.04 8.72 -28.05
CA VAL B 751 -30.03 7.33 -28.52
C VAL B 751 -30.15 6.44 -27.29
N ASN B 752 -31.33 5.87 -27.07
CA ASN B 752 -31.64 5.22 -25.80
C ASN B 752 -32.74 4.19 -26.03
N TRP B 753 -32.42 2.91 -25.84
CA TRP B 753 -33.42 1.85 -25.96
C TRP B 753 -33.03 0.61 -25.16
N ARG C 284 -36.29 -20.69 40.65
CA ARG C 284 -34.98 -20.91 41.26
C ARG C 284 -33.98 -19.85 40.78
N ASP C 285 -32.99 -19.56 41.62
CA ASP C 285 -32.01 -18.53 41.35
C ASP C 285 -30.70 -18.91 42.01
N SER C 286 -29.64 -18.15 41.69
CA SER C 286 -28.30 -18.42 42.20
C SER C 286 -27.99 -17.60 43.46
N VAL C 287 -28.06 -16.27 43.34
CA VAL C 287 -27.63 -15.37 44.40
C VAL C 287 -28.71 -14.36 44.73
N GLY C 288 -29.97 -14.77 44.62
CA GLY C 288 -31.07 -13.84 44.80
C GLY C 288 -31.39 -13.01 43.58
N ASN C 289 -30.92 -13.43 42.41
CA ASN C 289 -31.17 -12.68 41.19
C ASN C 289 -32.64 -12.71 40.82
N THR C 290 -33.15 -11.58 40.36
CA THR C 290 -34.52 -11.51 39.88
C THR C 290 -34.61 -12.09 38.47
N VAL C 291 -35.85 -12.29 38.00
CA VAL C 291 -36.06 -12.82 36.66
C VAL C 291 -35.53 -11.84 35.62
N LEU C 292 -35.74 -10.54 35.85
CA LEU C 292 -35.17 -9.54 34.95
C LEU C 292 -33.65 -9.65 34.91
N HIS C 293 -33.04 -9.92 36.06
CA HIS C 293 -31.59 -10.11 36.13
C HIS C 293 -31.15 -11.29 35.27
N ALA C 294 -31.85 -12.41 35.39
CA ALA C 294 -31.53 -13.57 34.57
C ALA C 294 -31.71 -13.26 33.09
N LEU C 295 -32.72 -12.46 32.76
CA LEU C 295 -32.91 -12.07 31.36
C LEU C 295 -31.79 -11.20 30.86
N VAL C 296 -31.25 -10.32 31.70
CA VAL C 296 -30.08 -9.55 31.29
C VAL C 296 -28.91 -10.48 31.05
N GLU C 297 -28.72 -11.47 31.93
CA GLU C 297 -27.63 -12.41 31.72
C GLU C 297 -27.81 -13.19 30.42
N VAL C 298 -29.04 -13.59 30.11
CA VAL C 298 -29.28 -14.51 29.00
C VAL C 298 -29.23 -13.77 27.67
N ALA C 299 -29.65 -12.50 27.65
CA ALA C 299 -29.76 -11.76 26.40
C ALA C 299 -28.39 -11.67 25.72
N ASP C 300 -28.39 -11.90 24.39
CA ASP C 300 -27.18 -11.86 23.59
C ASP C 300 -27.32 -10.94 22.37
N ASN C 301 -28.16 -9.91 22.48
CA ASN C 301 -28.29 -8.86 21.47
C ASN C 301 -28.80 -9.38 20.13
N THR C 302 -29.42 -10.57 20.10
CA THR C 302 -30.12 -11.02 18.89
C THR C 302 -31.49 -10.35 18.83
N VAL C 303 -31.97 -10.12 17.60
CA VAL C 303 -33.20 -9.37 17.39
C VAL C 303 -34.39 -10.10 18.01
N ASP C 304 -34.51 -11.40 17.77
CA ASP C 304 -35.64 -12.13 18.30
C ASP C 304 -35.53 -12.32 19.81
N ASN C 305 -34.31 -12.52 20.32
CA ASN C 305 -34.12 -12.50 21.75
C ASN C 305 -34.42 -11.14 22.34
N THR C 306 -34.13 -10.06 21.59
CA THR C 306 -34.50 -8.73 22.06
C THR C 306 -36.01 -8.61 22.19
N LYS C 307 -36.77 -9.08 21.20
CA LYS C 307 -38.22 -9.07 21.29
C LYS C 307 -38.70 -9.91 22.47
N PHE C 308 -38.10 -11.08 22.66
CA PHE C 308 -38.48 -11.98 23.74
C PHE C 308 -38.31 -11.31 25.10
N VAL C 309 -37.11 -10.81 25.38
CA VAL C 309 -36.86 -10.19 26.66
C VAL C 309 -37.67 -8.91 26.80
N THR C 310 -37.93 -8.22 25.70
CA THR C 310 -38.74 -7.01 25.77
C THR C 310 -40.16 -7.32 26.22
N SER C 311 -40.78 -8.31 25.59
CA SER C 311 -42.15 -8.67 25.96
C SER C 311 -42.20 -9.20 27.39
N MET C 312 -41.19 -10.00 27.76
CA MET C 312 -41.13 -10.50 29.13
C MET C 312 -41.02 -9.35 30.12
N TYR C 313 -40.20 -8.35 29.81
CA TYR C 313 -40.08 -7.19 30.69
C TYR C 313 -41.40 -6.45 30.80
N ASN C 314 -42.09 -6.25 29.67
CA ASN C 314 -43.35 -5.53 29.70
C ASN C 314 -44.36 -6.25 30.61
N GLU C 315 -44.54 -7.55 30.39
CA GLU C 315 -45.50 -8.30 31.17
C GLU C 315 -45.10 -8.35 32.65
N ILE C 316 -43.82 -8.61 32.93
CA ILE C 316 -43.37 -8.75 34.30
C ILE C 316 -43.52 -7.45 35.05
N LEU C 317 -43.14 -6.33 34.42
CA LEU C 317 -43.28 -5.04 35.07
C LEU C 317 -44.75 -4.71 35.35
N ILE C 318 -45.63 -5.02 34.39
CA ILE C 318 -47.06 -4.77 34.64
C ILE C 318 -47.53 -5.60 35.82
N LEU C 319 -47.15 -6.87 35.85
CA LEU C 319 -47.60 -7.74 36.93
C LEU C 319 -47.08 -7.25 38.29
N GLY C 320 -45.81 -6.86 38.34
CA GLY C 320 -45.25 -6.36 39.58
C GLY C 320 -45.94 -5.10 40.04
N ALA C 321 -46.27 -4.21 39.11
CA ALA C 321 -46.99 -2.99 39.49
C ALA C 321 -48.36 -3.32 40.05
N LYS C 322 -49.01 -4.33 39.49
CA LYS C 322 -50.36 -4.68 39.96
C LYS C 322 -50.33 -5.44 41.28
N LEU C 323 -49.29 -6.25 41.53
CA LEU C 323 -49.28 -7.13 42.68
C LEU C 323 -48.94 -6.39 43.97
N HIS C 324 -47.77 -5.73 44.00
CA HIS C 324 -47.25 -5.10 45.21
C HIS C 324 -46.81 -3.68 44.89
N PRO C 325 -47.76 -2.78 44.65
CA PRO C 325 -47.41 -1.35 44.45
C PRO C 325 -47.08 -0.65 45.76
N THR C 326 -46.04 -1.15 46.45
CA THR C 326 -45.68 -0.69 47.79
C THR C 326 -44.25 -0.18 47.91
N LEU C 327 -43.32 -0.67 47.08
CA LEU C 327 -41.92 -0.24 47.17
C LEU C 327 -41.24 -0.52 45.84
N LYS C 328 -40.11 0.15 45.63
CA LYS C 328 -39.33 -0.04 44.41
C LYS C 328 -38.51 -1.32 44.51
N LEU C 329 -38.55 -2.12 43.45
CA LEU C 329 -37.87 -3.41 43.41
C LEU C 329 -36.72 -3.47 42.42
N GLU C 330 -36.50 -2.39 41.64
CA GLU C 330 -35.43 -2.40 40.65
C GLU C 330 -34.05 -2.28 41.27
N GLU C 331 -33.94 -1.70 42.47
CA GLU C 331 -32.65 -1.49 43.12
C GLU C 331 -32.23 -2.73 43.91
N ILE C 332 -32.11 -3.85 43.20
CA ILE C 332 -31.73 -5.09 43.86
C ILE C 332 -30.26 -5.06 44.23
N THR C 333 -29.94 -5.57 45.41
CA THR C 333 -28.56 -5.78 45.79
C THR C 333 -28.04 -7.09 45.20
N ASN C 334 -26.72 -7.24 45.20
CA ASN C 334 -26.08 -8.43 44.68
C ASN C 334 -24.68 -8.50 45.28
N ARG C 335 -23.94 -9.55 44.92
CA ARG C 335 -22.56 -9.68 45.38
C ARG C 335 -21.69 -8.56 44.81
N LYS C 336 -21.93 -8.16 43.56
CA LYS C 336 -21.29 -6.99 42.96
C LYS C 336 -22.14 -5.73 43.10
N GLY C 337 -23.34 -5.82 43.65
CA GLY C 337 -24.20 -4.66 43.77
C GLY C 337 -24.70 -4.10 42.46
N LEU C 338 -25.05 -4.97 41.51
CA LEU C 338 -25.46 -4.57 40.17
C LEU C 338 -26.96 -4.68 40.03
N THR C 339 -27.60 -3.60 39.59
CA THR C 339 -28.99 -3.65 39.17
C THR C 339 -29.05 -4.22 37.75
N PRO C 340 -30.23 -4.65 37.29
CA PRO C 340 -30.35 -5.10 35.91
C PRO C 340 -29.91 -4.06 34.90
N LEU C 341 -30.20 -2.78 35.17
CA LEU C 341 -29.65 -1.71 34.35
C LEU C 341 -28.13 -1.69 34.47
N ALA C 342 -27.61 -1.79 35.70
CA ALA C 342 -26.18 -1.77 35.90
C ALA C 342 -25.50 -2.95 35.21
N LEU C 343 -26.10 -4.14 35.32
CA LEU C 343 -25.50 -5.31 34.70
C LEU C 343 -25.57 -5.22 33.19
N ALA C 344 -26.71 -4.77 32.65
CA ALA C 344 -26.83 -4.59 31.21
C ALA C 344 -25.79 -3.61 30.70
N ALA C 345 -25.53 -2.55 31.45
CA ALA C 345 -24.48 -1.62 31.05
C ALA C 345 -23.11 -2.27 31.14
N SER C 346 -22.87 -3.05 32.20
CA SER C 346 -21.55 -3.63 32.40
C SER C 346 -21.20 -4.66 31.34
N SER C 347 -22.13 -5.55 31.03
CA SER C 347 -21.85 -6.67 30.14
C SER C 347 -21.99 -6.34 28.67
N GLY C 348 -22.43 -5.13 28.32
CA GLY C 348 -22.59 -4.80 26.92
C GLY C 348 -23.86 -5.31 26.30
N LYS C 349 -24.93 -5.48 27.08
CA LYS C 349 -26.21 -5.92 26.56
C LYS C 349 -26.98 -4.72 26.01
N ILE C 350 -26.51 -4.25 24.85
CA ILE C 350 -27.03 -3.01 24.26
C ILE C 350 -28.52 -3.14 23.98
N GLY C 351 -28.99 -4.35 23.64
CA GLY C 351 -30.40 -4.53 23.33
C GLY C 351 -31.29 -4.20 24.51
N VAL C 352 -30.84 -4.50 25.72
CA VAL C 352 -31.63 -4.19 26.90
C VAL C 352 -31.62 -2.69 27.17
N LEU C 353 -30.46 -2.04 26.99
CA LEU C 353 -30.40 -0.59 27.19
C LEU C 353 -31.30 0.13 26.20
N ALA C 354 -31.44 -0.44 24.99
CA ALA C 354 -32.26 0.20 23.96
C ALA C 354 -33.70 0.39 24.42
N TYR C 355 -34.19 -0.50 25.29
CA TYR C 355 -35.58 -0.48 25.75
C TYR C 355 -35.72 0.06 27.17
N ILE C 356 -34.92 -0.46 28.11
CA ILE C 356 -35.17 -0.22 29.53
C ILE C 356 -35.03 1.25 29.87
N LEU C 357 -34.21 1.98 29.13
CA LEU C 357 -34.05 3.42 29.33
C LEU C 357 -35.09 4.25 28.59
N GLN C 358 -35.99 3.62 27.83
CA GLN C 358 -36.98 4.34 27.04
C GLN C 358 -38.34 3.67 27.14
N ARG C 359 -38.73 3.23 28.33
CA ARG C 359 -40.05 2.65 28.51
C ARG C 359 -41.11 3.72 28.31
N GLU C 360 -42.09 3.41 27.47
CA GLU C 360 -43.18 4.33 27.15
C GLU C 360 -44.45 3.51 27.06
N ILE C 361 -45.40 3.75 27.98
CA ILE C 361 -46.61 2.95 28.04
C ILE C 361 -47.69 3.74 28.74
N HIS C 362 -48.94 3.52 28.33
CA HIS C 362 -50.13 4.01 29.02
C HIS C 362 -50.88 2.78 29.53
N GLU C 363 -50.60 2.42 30.78
CA GLU C 363 -51.31 1.35 31.48
C GLU C 363 -51.97 1.98 32.70
N PRO C 364 -53.30 2.13 32.73
CA PRO C 364 -53.94 2.79 33.88
C PRO C 364 -53.63 2.06 35.19
N GLU C 365 -53.43 2.86 36.24
CA GLU C 365 -53.07 2.41 37.60
C GLU C 365 -51.62 1.92 37.69
N CYS C 366 -50.89 1.90 36.58
CA CYS C 366 -49.50 1.44 36.56
C CYS C 366 -48.68 2.32 35.62
N ARG C 367 -48.87 3.64 35.71
CA ARG C 367 -48.18 4.59 34.85
C ARG C 367 -46.90 5.12 35.46
N HIS C 368 -46.51 4.65 36.65
CA HIS C 368 -45.32 5.16 37.33
C HIS C 368 -44.05 4.41 36.94
N LEU C 369 -44.12 3.50 35.98
CA LEU C 369 -42.94 2.80 35.46
C LEU C 369 -42.45 3.33 34.12
N SER C 370 -43.05 4.41 33.61
CA SER C 370 -42.66 4.97 32.32
C SER C 370 -41.51 5.96 32.49
N ARG C 371 -40.58 5.94 31.53
CA ARG C 371 -39.43 6.84 31.51
C ARG C 371 -39.52 7.90 30.44
N LYS C 372 -40.26 7.66 29.36
CA LYS C 372 -40.38 8.57 28.23
C LYS C 372 -41.80 9.10 28.17
N PHE C 373 -41.95 10.39 27.87
CA PHE C 373 -43.25 11.03 27.75
C PHE C 373 -43.21 12.00 26.57
N THR C 374 -44.34 12.65 26.30
CA THR C 374 -44.45 13.62 25.21
C THR C 374 -45.30 14.80 25.65
N GLU C 375 -44.94 15.99 25.18
CA GLU C 375 -45.70 17.21 25.42
C GLU C 375 -46.23 17.83 24.13
N TRP C 376 -45.35 18.13 23.19
CA TRP C 376 -45.70 18.64 21.87
C TRP C 376 -45.37 17.58 20.82
N ALA C 377 -46.16 17.55 19.76
CA ALA C 377 -45.93 16.59 18.67
C ALA C 377 -46.31 17.22 17.35
N TYR C 378 -45.47 16.97 16.34
CA TYR C 378 -45.72 17.41 14.98
C TYR C 378 -45.47 16.25 14.03
N GLY C 379 -45.46 16.49 12.73
CA GLY C 379 -45.28 15.43 11.77
C GLY C 379 -43.91 14.78 11.86
N PRO C 380 -42.85 15.51 11.48
CA PRO C 380 -41.50 14.94 11.53
C PRO C 380 -40.77 15.14 12.85
N VAL C 381 -41.21 16.06 13.71
CA VAL C 381 -40.49 16.47 14.90
C VAL C 381 -41.37 16.27 16.12
N HIS C 382 -40.80 15.69 17.18
CA HIS C 382 -41.50 15.44 18.43
C HIS C 382 -40.67 15.92 19.60
N SER C 383 -41.29 16.70 20.48
CA SER C 383 -40.62 17.26 21.66
C SER C 383 -40.80 16.32 22.84
N SER C 384 -40.05 15.22 22.80
CA SER C 384 -40.18 14.20 23.83
C SER C 384 -39.61 14.70 25.15
N LEU C 385 -40.07 14.07 26.24
CA LEU C 385 -39.60 14.35 27.59
C LEU C 385 -38.94 13.09 28.13
N TYR C 386 -37.63 13.16 28.37
CA TYR C 386 -36.84 12.00 28.76
C TYR C 386 -36.49 12.06 30.24
N ASP C 387 -36.71 10.94 30.93
CA ASP C 387 -36.24 10.76 32.30
C ASP C 387 -34.72 10.59 32.29
N LEU C 388 -34.05 11.33 33.18
CA LEU C 388 -32.59 11.32 33.27
C LEU C 388 -32.10 10.87 34.64
N SER C 389 -32.97 10.30 35.48
CA SER C 389 -32.54 9.91 36.81
C SER C 389 -31.64 8.68 36.74
N CYS C 390 -30.82 8.52 37.77
CA CYS C 390 -29.93 7.37 37.95
C CYS C 390 -28.83 7.28 36.90
N ILE C 391 -28.61 8.34 36.12
CA ILE C 391 -27.54 8.38 35.12
C ILE C 391 -26.37 9.24 35.60
N ASP C 392 -26.69 10.38 36.22
CA ASP C 392 -25.66 11.29 36.73
C ASP C 392 -25.41 11.09 38.22
N THR C 393 -26.48 10.98 39.03
CA THR C 393 -26.37 10.80 40.48
C THR C 393 -27.23 9.60 40.85
N CYS C 394 -26.65 8.41 40.73
CA CYS C 394 -27.20 7.18 41.27
C CYS C 394 -26.47 6.73 42.51
N GLU C 395 -25.29 7.30 42.78
CA GLU C 395 -24.54 7.16 44.03
C GLU C 395 -23.87 5.81 44.20
N LYS C 396 -24.09 4.85 43.28
CA LYS C 396 -23.38 3.58 43.32
C LYS C 396 -22.57 3.31 42.05
N ASN C 397 -23.25 3.20 40.90
CA ASN C 397 -22.62 2.81 39.65
C ASN C 397 -23.55 3.20 38.51
N SER C 398 -23.30 4.36 37.90
CA SER C 398 -24.19 4.82 36.85
C SER C 398 -23.88 4.10 35.54
N VAL C 399 -24.73 4.33 34.54
CA VAL C 399 -24.48 3.73 33.23
C VAL C 399 -23.21 4.31 32.62
N LEU C 400 -23.02 5.62 32.74
CA LEU C 400 -21.82 6.25 32.22
C LEU C 400 -20.58 5.74 32.93
N GLU C 401 -20.70 5.48 34.23
CA GLU C 401 -19.56 5.12 35.06
C GLU C 401 -19.07 3.70 34.82
N VAL C 402 -19.77 2.90 34.02
CA VAL C 402 -19.31 1.56 33.65
C VAL C 402 -19.13 1.44 32.15
N ILE C 403 -19.91 2.20 31.37
CA ILE C 403 -19.74 2.18 29.91
C ILE C 403 -18.41 2.79 29.54
N ALA C 404 -18.07 3.93 30.12
CA ALA C 404 -16.82 4.61 29.83
C ALA C 404 -15.63 4.00 30.57
N TYR C 405 -15.87 3.23 31.62
CA TYR C 405 -14.81 2.63 32.42
C TYR C 405 -14.76 1.12 32.20
N SER C 406 -15.15 0.67 31.02
CA SER C 406 -15.13 -0.75 30.72
C SER C 406 -13.69 -1.22 30.48
N SER C 407 -13.50 -2.54 30.53
CA SER C 407 -12.18 -3.14 30.46
C SER C 407 -11.75 -3.46 29.03
N SER C 408 -12.29 -2.77 28.04
CA SER C 408 -11.89 -2.95 26.64
C SER C 408 -12.15 -4.37 26.14
N GLU C 409 -13.20 -5.01 26.68
CA GLU C 409 -13.77 -6.22 26.12
C GLU C 409 -15.23 -6.06 25.71
N THR C 410 -15.88 -4.98 26.12
CA THR C 410 -17.27 -4.75 25.76
C THR C 410 -17.38 -4.57 24.25
N PRO C 411 -18.25 -5.31 23.55
CA PRO C 411 -18.22 -5.24 22.08
C PRO C 411 -18.80 -3.98 21.50
N ASN C 412 -19.72 -3.31 22.20
CA ASN C 412 -20.44 -2.16 21.66
C ASN C 412 -20.27 -0.90 22.50
N ARG C 413 -19.20 -0.80 23.30
CA ARG C 413 -19.03 0.39 24.12
C ARG C 413 -18.92 1.65 23.26
N HIS C 414 -18.45 1.53 22.03
CA HIS C 414 -18.39 2.69 21.15
C HIS C 414 -19.76 3.14 20.67
N ASP C 415 -20.77 2.26 20.69
CA ASP C 415 -22.12 2.60 20.27
C ASP C 415 -23.08 2.80 21.43
N MET C 416 -22.80 2.21 22.59
CA MET C 416 -23.72 2.28 23.72
C MET C 416 -23.97 3.72 24.16
N LEU C 417 -23.00 4.60 23.95
CA LEU C 417 -23.19 6.01 24.25
C LEU C 417 -24.02 6.74 23.21
N LEU C 418 -24.44 6.06 22.13
CA LEU C 418 -25.28 6.68 21.11
C LEU C 418 -26.77 6.62 21.43
N VAL C 419 -27.17 5.95 22.52
CA VAL C 419 -28.56 6.03 22.97
C VAL C 419 -28.87 7.48 23.32
N GLU C 420 -30.06 7.94 22.92
CA GLU C 420 -30.37 9.38 22.92
C GLU C 420 -30.18 10.10 24.25
N PRO C 421 -30.67 9.61 25.40
CA PRO C 421 -30.49 10.38 26.64
C PRO C 421 -29.02 10.59 26.97
N LEU C 422 -28.21 9.54 26.83
CA LEU C 422 -26.79 9.65 27.10
C LEU C 422 -26.12 10.60 26.12
N ASN C 423 -26.45 10.46 24.83
CA ASN C 423 -25.82 11.28 23.81
C ASN C 423 -26.12 12.75 24.05
N ARG C 424 -27.37 13.07 24.37
CA ARG C 424 -27.74 14.46 24.58
C ARG C 424 -27.14 15.01 25.86
N LEU C 425 -27.10 14.20 26.93
CA LEU C 425 -26.46 14.64 28.16
C LEU C 425 -25.02 15.03 27.90
N LEU C 426 -24.28 14.18 27.20
CA LEU C 426 -22.88 14.47 26.95
C LEU C 426 -22.70 15.68 26.05
N GLN C 427 -23.51 15.79 25.00
CA GLN C 427 -23.38 16.93 24.10
C GLN C 427 -23.65 18.24 24.82
N ASP C 428 -24.72 18.28 25.61
CA ASP C 428 -25.08 19.52 26.27
C ASP C 428 -24.08 19.88 27.37
N LYS C 429 -23.61 18.87 28.12
CA LYS C 429 -22.62 19.15 29.15
C LYS C 429 -21.32 19.64 28.53
N TRP C 430 -20.95 19.11 27.36
CA TRP C 430 -19.79 19.64 26.65
C TRP C 430 -20.00 21.10 26.28
N ASP C 431 -21.13 21.40 25.63
CA ASP C 431 -21.34 22.76 25.14
C ASP C 431 -21.46 23.77 26.29
N ARG C 432 -21.98 23.34 27.43
CA ARG C 432 -22.37 24.30 28.46
C ARG C 432 -21.15 24.91 29.15
N PHE C 433 -20.37 24.09 29.84
CA PHE C 433 -19.31 24.61 30.71
C PHE C 433 -17.98 23.87 30.57
N VAL C 434 -17.99 22.64 30.05
CA VAL C 434 -16.81 21.80 30.13
C VAL C 434 -15.66 22.40 29.32
N LYS C 435 -15.97 22.97 28.15
CA LYS C 435 -14.93 23.47 27.26
C LYS C 435 -14.07 24.53 27.94
N ARG C 436 -14.69 25.41 28.73
CA ARG C 436 -13.90 26.45 29.40
C ARG C 436 -12.89 25.86 30.36
N ILE C 437 -13.18 24.70 30.93
CA ILE C 437 -12.22 24.04 31.80
C ILE C 437 -11.17 23.30 30.99
N PHE C 438 -11.58 22.61 29.92
CA PHE C 438 -10.61 21.82 29.16
C PHE C 438 -9.57 22.71 28.50
N TYR C 439 -10.01 23.76 27.80
CA TYR C 439 -9.04 24.64 27.16
C TYR C 439 -8.16 25.32 28.18
N PHE C 440 -8.73 25.67 29.33
CA PHE C 440 -7.94 26.27 30.40
C PHE C 440 -6.85 25.31 30.87
N ASN C 441 -7.20 24.04 31.06
CA ASN C 441 -6.19 23.05 31.44
C ASN C 441 -5.09 22.97 30.41
N PHE C 442 -5.47 22.95 29.13
CA PHE C 442 -4.49 22.84 28.08
C PHE C 442 -3.52 24.00 28.11
N PHE C 443 -4.06 25.21 28.28
CA PHE C 443 -3.21 26.39 28.34
C PHE C 443 -2.27 26.33 29.54
N VAL C 444 -2.78 25.91 30.69
CA VAL C 444 -1.93 25.85 31.88
C VAL C 444 -0.80 24.87 31.67
N TYR C 445 -1.10 23.70 31.11
CA TYR C 445 -0.04 22.73 30.87
C TYR C 445 1.00 23.28 29.90
N CYS C 446 0.56 23.95 28.84
CA CYS C 446 1.52 24.50 27.89
C CYS C 446 2.43 25.52 28.56
N LEU C 447 1.88 26.38 29.42
CA LEU C 447 2.73 27.31 30.14
C LEU C 447 3.73 26.58 31.02
N TYR C 448 3.27 25.53 31.68
CA TYR C 448 4.17 24.78 32.55
C TYR C 448 5.33 24.20 31.77
N MET C 449 5.04 23.63 30.60
CA MET C 449 6.13 23.06 29.80
C MET C 449 7.08 24.13 29.27
N ILE C 450 6.56 25.29 28.87
CA ILE C 450 7.45 26.34 28.41
C ILE C 450 8.37 26.79 29.53
N ILE C 451 7.82 26.96 30.74
CA ILE C 451 8.66 27.38 31.85
C ILE C 451 9.70 26.31 32.15
N PHE C 452 9.31 25.05 32.11
CA PHE C 452 10.26 23.98 32.38
C PHE C 452 11.40 24.01 31.37
N THR C 453 11.06 24.16 30.09
CA THR C 453 12.11 24.17 29.06
C THR C 453 13.06 25.34 29.29
N ALA C 454 12.50 26.51 29.58
CA ALA C 454 13.35 27.67 29.78
C ALA C 454 14.27 27.48 30.97
N ALA C 455 13.75 26.94 32.07
CA ALA C 455 14.60 26.71 33.24
C ALA C 455 15.69 25.71 32.92
N ALA C 456 15.35 24.64 32.20
CA ALA C 456 16.34 23.61 31.92
C ALA C 456 17.45 24.13 31.02
N TYR C 457 17.10 24.94 30.02
CA TYR C 457 18.08 25.35 29.02
C TYR C 457 19.24 26.10 29.66
N TYR C 458 18.94 26.94 30.65
CA TYR C 458 19.92 27.86 31.22
C TYR C 458 20.59 27.31 32.48
N ARG C 459 20.76 26.01 32.59
CA ARG C 459 21.40 25.47 33.78
C ARG C 459 22.86 25.94 33.84
N PRO C 460 23.43 26.09 35.04
CA PRO C 460 24.83 26.48 35.13
C PRO C 460 25.75 25.36 34.68
N VAL C 461 26.94 25.74 34.25
CA VAL C 461 27.87 24.80 33.61
C VAL C 461 28.84 24.19 34.60
N GLU C 462 29.26 24.95 35.61
CA GLU C 462 30.26 24.44 36.55
C GLU C 462 29.71 23.24 37.30
N GLY C 463 30.62 22.38 37.76
CA GLY C 463 30.25 21.08 38.29
C GLY C 463 29.89 21.14 39.76
N LEU C 464 29.59 19.96 40.30
CA LEU C 464 29.33 19.77 41.73
C LEU C 464 28.15 20.60 42.21
N PRO C 465 26.92 20.22 41.85
CA PRO C 465 25.77 20.82 42.49
C PRO C 465 25.72 20.48 43.97
N PRO C 466 24.90 21.18 44.77
CA PRO C 466 24.06 22.32 44.41
C PRO C 466 24.89 23.60 44.31
N TYR C 467 24.39 24.59 43.58
CA TYR C 467 25.13 25.80 43.27
C TYR C 467 24.56 26.98 44.04
N LYS C 468 25.47 27.83 44.51
CA LYS C 468 25.10 28.99 45.31
C LYS C 468 24.66 30.12 44.39
N LEU C 469 23.48 30.66 44.64
CA LEU C 469 22.95 31.70 43.79
C LEU C 469 23.61 33.04 44.09
N LYS C 470 23.71 33.86 43.07
CA LYS C 470 24.16 35.24 43.19
C LYS C 470 22.96 36.16 43.29
N ASN C 471 23.21 37.41 43.67
CA ASN C 471 22.11 38.36 43.83
C ASN C 471 21.64 38.97 42.51
N THR C 472 22.13 38.48 41.38
CA THR C 472 21.64 38.97 40.10
C THR C 472 20.23 38.43 39.83
N VAL C 473 19.49 39.15 38.98
CA VAL C 473 18.09 38.79 38.72
C VAL C 473 17.99 37.44 38.01
N GLY C 474 18.95 37.13 37.13
CA GLY C 474 18.88 35.88 36.41
C GLY C 474 18.84 34.68 37.32
N ASP C 475 19.60 34.72 38.42
CA ASP C 475 19.59 33.59 39.34
C ASP C 475 18.23 33.44 40.00
N TYR C 476 17.60 34.56 40.35
CA TYR C 476 16.27 34.48 40.96
C TYR C 476 15.26 33.89 39.98
N PHE C 477 15.32 34.30 38.72
CA PHE C 477 14.41 33.73 37.75
C PHE C 477 14.67 32.23 37.58
N ARG C 478 15.93 31.82 37.52
CA ARG C 478 16.25 30.40 37.36
C ARG C 478 15.73 29.60 38.54
N VAL C 479 15.93 30.10 39.76
CA VAL C 479 15.47 29.38 40.94
C VAL C 479 13.95 29.27 40.93
N THR C 480 13.27 30.34 40.53
CA THR C 480 11.82 30.27 40.44
C THR C 480 11.37 29.23 39.44
N GLY C 481 12.03 29.18 38.28
CA GLY C 481 11.68 28.17 37.28
C GLY C 481 11.87 26.77 37.80
N GLU C 482 12.98 26.52 38.49
CA GLU C 482 13.22 25.19 39.02
C GLU C 482 12.16 24.81 40.05
N ILE C 483 11.79 25.75 40.92
CA ILE C 483 10.80 25.46 41.95
C ILE C 483 9.46 25.11 41.31
N LEU C 484 9.05 25.89 40.31
CA LEU C 484 7.80 25.57 39.63
C LEU C 484 7.84 24.20 38.97
N SER C 485 8.98 23.86 38.36
CA SER C 485 9.09 22.57 37.69
C SER C 485 8.94 21.42 38.67
N VAL C 486 9.62 21.52 39.81
CA VAL C 486 9.52 20.44 40.79
C VAL C 486 8.10 20.35 41.33
N SER C 487 7.45 21.49 41.52
CA SER C 487 6.07 21.45 42.00
C SER C 487 5.16 20.70 41.03
N GLY C 488 5.30 20.99 39.74
CA GLY C 488 4.54 20.25 38.76
C GLY C 488 4.80 18.76 38.83
N GLY C 489 6.07 18.38 38.96
CA GLY C 489 6.40 16.97 39.05
C GLY C 489 5.73 16.29 40.24
N VAL C 490 5.77 16.95 41.40
CA VAL C 490 5.16 16.37 42.59
C VAL C 490 3.65 16.22 42.40
N TYR C 491 3.02 17.24 41.84
CA TYR C 491 1.58 17.19 41.62
C TYR C 491 1.20 16.00 40.76
N PHE C 492 1.92 15.81 39.65
CA PHE C 492 1.60 14.68 38.79
C PHE C 492 1.81 13.36 39.50
N PHE C 493 2.85 13.27 40.33
CA PHE C 493 3.09 12.04 41.08
C PHE C 493 1.88 11.68 41.94
N PHE C 494 1.37 12.66 42.69
CA PHE C 494 0.25 12.34 43.57
C PHE C 494 -1.03 12.06 42.79
N ARG C 495 -1.27 12.77 41.68
CA ARG C 495 -2.45 12.46 40.88
C ARG C 495 -2.39 11.03 40.37
N GLY C 496 -1.21 10.61 39.89
CA GLY C 496 -1.08 9.24 39.40
C GLY C 496 -1.32 8.22 40.50
N ILE C 497 -0.78 8.46 41.69
CA ILE C 497 -0.99 7.52 42.78
C ILE C 497 -2.47 7.41 43.11
N GLN C 498 -3.16 8.55 43.18
CA GLN C 498 -4.59 8.51 43.48
C GLN C 498 -5.34 7.70 42.44
N TYR C 499 -5.02 7.90 41.17
CA TYR C 499 -5.71 7.15 40.12
C TYR C 499 -5.45 5.66 40.28
N PHE C 500 -4.21 5.28 40.53
CA PHE C 500 -3.91 3.85 40.60
C PHE C 500 -4.60 3.22 41.80
N LEU C 501 -4.68 3.93 42.93
CA LEU C 501 -5.37 3.36 44.08
C LEU C 501 -6.87 3.23 43.81
N GLN C 502 -7.48 4.21 43.15
CA GLN C 502 -8.92 4.15 42.94
C GLN C 502 -9.31 3.13 41.87
N ARG C 503 -8.57 3.07 40.76
CA ARG C 503 -8.97 2.21 39.66
C ARG C 503 -8.68 0.75 39.94
N ARG C 504 -7.55 0.45 40.58
CA ARG C 504 -7.11 -0.92 40.84
C ARG C 504 -7.06 -1.72 39.55
N PRO C 505 -6.07 -1.47 38.69
CA PRO C 505 -5.96 -2.25 37.45
C PRO C 505 -5.50 -3.68 37.72
N SER C 506 -5.73 -4.54 36.73
CA SER C 506 -5.54 -5.98 36.91
C SER C 506 -4.08 -6.42 36.92
N LEU C 507 -3.16 -5.59 36.43
CA LEU C 507 -1.76 -5.92 36.13
C LEU C 507 -1.62 -6.78 34.88
N LYS C 508 -2.70 -7.22 34.25
CA LYS C 508 -2.67 -7.89 32.96
C LYS C 508 -3.13 -7.01 31.82
N SER C 509 -4.16 -6.19 32.07
CA SER C 509 -4.55 -5.12 31.17
C SER C 509 -4.07 -3.77 31.66
N LEU C 510 -2.96 -3.75 32.40
CA LEU C 510 -2.42 -2.49 32.90
C LEU C 510 -2.09 -1.54 31.77
N PHE C 511 -1.46 -2.05 30.71
CA PHE C 511 -1.02 -1.21 29.60
C PHE C 511 -2.02 -1.11 28.47
N VAL C 512 -2.99 -2.01 28.39
CA VAL C 512 -3.98 -1.92 27.33
C VAL C 512 -4.85 -0.69 27.52
N ASP C 513 -5.28 -0.43 28.76
CA ASP C 513 -5.97 0.79 29.13
C ASP C 513 -5.02 1.63 29.99
N SER C 514 -5.46 2.85 30.32
CA SER C 514 -4.72 3.70 31.25
C SER C 514 -3.30 3.97 30.77
N TYR C 515 -3.11 4.08 29.46
CA TYR C 515 -1.80 4.38 28.92
C TYR C 515 -1.34 5.76 29.36
N SER C 516 -2.25 6.74 29.32
CA SER C 516 -1.87 8.12 29.57
C SER C 516 -1.41 8.34 31.00
N GLU C 517 -2.12 7.77 31.98
CA GLU C 517 -1.68 7.91 33.35
C GLU C 517 -0.31 7.28 33.54
N ILE C 518 -0.06 6.16 32.87
CA ILE C 518 1.24 5.50 33.01
C ILE C 518 2.34 6.43 32.53
N LEU C 519 2.15 7.06 31.37
CA LEU C 519 3.19 7.93 30.86
C LEU C 519 3.41 9.14 31.76
N PHE C 520 2.32 9.77 32.22
CA PHE C 520 2.49 10.92 33.09
C PHE C 520 3.20 10.52 34.37
N PHE C 521 2.84 9.37 34.93
CA PHE C 521 3.50 8.90 36.13
C PHE C 521 4.98 8.65 35.89
N VAL C 522 5.33 8.08 34.73
CA VAL C 522 6.73 7.85 34.43
C VAL C 522 7.49 9.16 34.39
N GLN C 523 6.87 10.20 33.81
CA GLN C 523 7.48 11.52 33.85
C GLN C 523 7.71 11.95 35.28
N SER C 524 6.74 11.74 36.15
CA SER C 524 6.89 12.20 37.52
C SER C 524 8.04 11.47 38.20
N LEU C 525 8.17 10.17 37.94
CA LEU C 525 9.27 9.41 38.52
C LEU C 525 10.61 9.96 38.07
N PHE C 526 10.74 10.24 36.77
CA PHE C 526 12.03 10.73 36.29
C PHE C 526 12.36 12.07 36.91
N MET C 527 11.39 12.96 37.02
CA MET C 527 11.65 14.25 37.64
C MET C 527 12.10 14.06 39.09
N LEU C 528 11.45 13.17 39.83
CA LEU C 528 11.82 13.00 41.23
C LEU C 528 13.21 12.40 41.37
N VAL C 529 13.55 11.42 40.53
CA VAL C 529 14.90 10.88 40.57
C VAL C 529 15.91 11.98 40.27
N SER C 530 15.57 12.85 39.33
CA SER C 530 16.49 13.93 38.98
C SER C 530 16.75 14.83 40.17
N VAL C 531 15.70 15.22 40.89
CA VAL C 531 15.94 16.12 42.02
C VAL C 531 16.69 15.40 43.14
N VAL C 532 16.41 14.10 43.33
CA VAL C 532 17.12 13.36 44.36
C VAL C 532 18.62 13.34 44.06
N LEU C 533 18.99 13.05 42.81
CA LEU C 533 20.39 13.10 42.46
C LEU C 533 20.96 14.50 42.60
N TYR C 534 20.15 15.51 42.27
CA TYR C 534 20.62 16.89 42.35
C TYR C 534 21.07 17.24 43.75
N PHE C 535 20.27 16.90 44.76
CA PHE C 535 20.68 17.20 46.12
C PHE C 535 21.70 16.23 46.67
N SER C 536 22.03 15.16 45.96
CA SER C 536 23.02 14.20 46.41
C SER C 536 24.44 14.56 46.01
N GLN C 537 24.67 15.77 45.50
CA GLN C 537 25.99 16.21 45.06
C GLN C 537 26.56 15.29 43.98
N ARG C 538 25.73 14.96 42.99
CA ARG C 538 26.15 14.23 41.80
C ARG C 538 25.73 15.03 40.57
N LYS C 539 26.56 14.99 39.54
CA LYS C 539 26.28 15.71 38.30
C LYS C 539 25.47 14.89 37.30
N GLU C 540 25.06 13.67 37.65
CA GLU C 540 24.31 12.84 36.73
C GLU C 540 22.85 13.23 36.62
N TYR C 541 22.38 14.20 37.41
CA TYR C 541 20.96 14.54 37.40
C TYR C 541 20.49 14.97 36.03
N VAL C 542 21.36 15.61 35.24
CA VAL C 542 20.96 16.05 33.92
C VAL C 542 20.54 14.86 33.07
N ALA C 543 21.19 13.72 33.26
CA ALA C 543 20.84 12.54 32.49
C ALA C 543 19.40 12.13 32.76
N SER C 544 18.92 12.33 33.99
CA SER C 544 17.51 12.08 34.23
C SER C 544 16.66 13.19 33.66
N MET C 545 17.08 14.45 33.85
CA MET C 545 16.17 15.57 33.61
C MET C 545 15.73 15.61 32.16
N VAL C 546 16.68 15.44 31.24
CA VAL C 546 16.37 15.56 29.83
C VAL C 546 15.34 14.52 29.44
N PHE C 547 15.40 13.32 30.02
CA PHE C 547 14.40 12.32 29.67
C PHE C 547 13.01 12.82 30.03
N SER C 548 12.86 13.37 31.23
CA SER C 548 11.59 13.94 31.61
C SER C 548 11.20 15.03 30.63
N LEU C 549 12.17 15.87 30.27
CA LEU C 549 11.88 16.98 29.38
C LEU C 549 11.31 16.47 28.07
N ALA C 550 11.87 15.38 27.54
CA ALA C 550 11.37 14.85 26.28
C ALA C 550 9.91 14.47 26.40
N MET C 551 9.59 13.67 27.42
CA MET C 551 8.20 13.26 27.59
C MET C 551 7.34 14.48 27.89
N GLY C 552 7.92 15.49 28.54
CA GLY C 552 7.16 16.67 28.88
C GLY C 552 6.53 17.30 27.66
N TRP C 553 7.22 17.25 26.52
CA TRP C 553 6.59 17.74 25.30
C TRP C 553 5.67 16.69 24.72
N THR C 554 6.11 15.44 24.64
CA THR C 554 5.43 14.46 23.82
C THR C 554 4.02 14.20 24.33
N ASN C 555 3.86 14.12 25.65
CA ASN C 555 2.56 13.84 26.22
C ASN C 555 1.53 14.91 25.93
N MET C 556 1.95 16.06 25.40
CA MET C 556 0.98 17.07 24.99
C MET C 556 0.02 16.51 23.96
N LEU C 557 0.41 15.48 23.20
CA LEU C 557 -0.51 14.88 22.24
C LEU C 557 -1.79 14.40 22.89
N TYR C 558 -1.76 14.09 24.19
CA TYR C 558 -2.98 13.67 24.87
C TYR C 558 -4.08 14.69 24.73
N TYR C 559 -3.75 15.96 24.78
CA TYR C 559 -4.78 16.96 24.72
C TYR C 559 -5.37 17.11 23.32
N THR C 560 -4.78 16.50 22.31
CA THR C 560 -5.42 16.52 21.00
C THR C 560 -6.59 15.57 20.92
N ARG C 561 -6.71 14.63 21.85
CA ARG C 561 -7.92 13.85 21.93
C ARG C 561 -9.07 14.80 22.26
N GLY C 562 -10.23 14.55 21.64
CA GLY C 562 -11.38 15.40 21.78
C GLY C 562 -11.60 16.37 20.65
N PHE C 563 -10.61 16.56 19.78
CA PHE C 563 -10.81 17.31 18.56
C PHE C 563 -11.36 16.39 17.49
N GLN C 564 -12.25 16.92 16.66
CA GLN C 564 -12.97 16.05 15.72
C GLN C 564 -12.01 15.40 14.72
N GLN C 565 -11.05 16.16 14.21
CA GLN C 565 -10.16 15.70 13.15
C GLN C 565 -8.80 15.27 13.70
N MET C 566 -8.14 16.13 14.45
CA MET C 566 -6.75 15.90 14.81
C MET C 566 -6.58 14.87 15.91
N GLY C 567 -7.66 14.26 16.40
CA GLY C 567 -7.53 13.28 17.46
C GLY C 567 -7.06 11.91 17.01
N ILE C 568 -7.17 11.61 15.73
CA ILE C 568 -6.85 10.25 15.27
C ILE C 568 -5.36 9.95 15.45
N TYR C 569 -4.52 10.97 15.32
CA TYR C 569 -3.09 10.75 15.31
C TYR C 569 -2.55 10.38 16.70
N ALA C 570 -3.37 10.43 17.73
CA ALA C 570 -2.98 9.90 19.03
C ALA C 570 -3.32 8.42 19.16
N VAL C 571 -4.55 8.05 18.84
CA VAL C 571 -4.96 6.67 19.04
C VAL C 571 -4.21 5.75 18.10
N MET C 572 -3.92 6.21 16.87
CA MET C 572 -3.15 5.36 15.97
C MET C 572 -1.76 5.07 16.53
N ILE C 573 -1.10 6.07 17.12
CA ILE C 573 0.22 5.85 17.69
C ILE C 573 0.13 4.89 18.86
N GLU C 574 -0.88 5.06 19.72
CA GLU C 574 -1.01 4.14 20.85
C GLU C 574 -1.17 2.71 20.37
N LYS C 575 -2.06 2.48 19.42
CA LYS C 575 -2.31 1.11 18.98
C LYS C 575 -1.09 0.51 18.31
N MET C 576 -0.43 1.28 17.43
CA MET C 576 0.74 0.74 16.76
C MET C 576 1.85 0.44 17.74
N ILE C 577 2.09 1.31 18.70
CA ILE C 577 3.26 1.13 19.55
C ILE C 577 3.02 0.04 20.60
N LEU C 578 1.75 -0.24 20.94
CA LEU C 578 1.51 -1.34 21.88
C LEU C 578 1.34 -2.68 21.18
N ARG C 579 0.31 -2.80 20.34
CA ARG C 579 -0.12 -4.12 19.90
C ARG C 579 0.56 -4.55 18.62
N ASP C 580 1.64 -3.87 18.20
CA ASP C 580 2.44 -4.35 17.08
C ASP C 580 3.89 -4.62 17.42
N LEU C 581 4.64 -3.62 17.90
CA LEU C 581 6.08 -3.82 18.00
C LEU C 581 6.46 -4.75 19.14
N CYS C 582 5.62 -4.95 20.15
CA CYS C 582 5.96 -5.94 21.16
C CYS C 582 5.96 -7.35 20.61
N ARG C 583 5.41 -7.56 19.41
CA ARG C 583 5.49 -8.83 18.70
C ARG C 583 6.66 -8.87 17.73
N PHE C 584 6.84 -7.83 16.94
CA PHE C 584 7.88 -7.83 15.93
C PHE C 584 9.27 -7.76 16.55
N MET C 585 9.36 -7.26 17.78
CA MET C 585 10.64 -7.10 18.47
C MET C 585 11.46 -8.38 18.46
N PHE C 586 10.87 -9.49 18.89
CA PHE C 586 11.65 -10.72 19.02
C PHE C 586 12.08 -11.24 17.66
N VAL C 587 11.20 -11.16 16.66
CA VAL C 587 11.55 -11.67 15.34
C VAL C 587 12.72 -10.89 14.76
N TYR C 588 12.71 -9.57 14.90
CA TYR C 588 13.88 -8.83 14.40
C TYR C 588 15.13 -9.15 15.22
N LEU C 589 14.98 -9.25 16.54
CA LEU C 589 16.16 -9.39 17.38
C LEU C 589 16.88 -10.70 17.12
N VAL C 590 16.16 -11.75 16.75
CA VAL C 590 16.85 -13.00 16.43
C VAL C 590 17.83 -12.79 15.29
N PHE C 591 17.37 -12.15 14.21
CA PHE C 591 18.25 -11.91 13.08
C PHE C 591 19.43 -11.04 13.48
N LEU C 592 19.15 -9.96 14.21
CA LEU C 592 20.21 -9.02 14.55
C LEU C 592 21.28 -9.71 15.36
N PHE C 593 20.89 -10.43 16.41
CA PHE C 593 21.88 -11.04 17.29
C PHE C 593 22.62 -12.15 16.58
N GLY C 594 21.92 -12.96 15.79
CA GLY C 594 22.60 -14.06 15.10
C GLY C 594 23.67 -13.56 14.17
N PHE C 595 23.32 -12.64 13.28
CA PHE C 595 24.32 -12.16 12.35
C PHE C 595 25.39 -11.34 13.05
N SER C 596 25.05 -10.65 14.13
CA SER C 596 26.04 -9.87 14.86
C SER C 596 27.13 -10.77 15.43
N THR C 597 26.74 -11.86 16.09
CA THR C 597 27.75 -12.77 16.62
C THR C 597 28.51 -13.46 15.51
N ALA C 598 27.84 -13.75 14.39
CA ALA C 598 28.56 -14.37 13.29
C ALA C 598 29.67 -13.48 12.78
N VAL C 599 29.36 -12.20 12.55
CA VAL C 599 30.39 -11.30 12.04
C VAL C 599 31.46 -11.06 13.08
N VAL C 600 31.09 -10.96 14.35
CA VAL C 600 32.11 -10.59 15.31
C VAL C 600 33.09 -11.73 15.53
N THR C 601 32.63 -12.97 15.46
CA THR C 601 33.57 -14.08 15.63
C THR C 601 34.31 -14.41 14.35
N LEU C 602 33.77 -14.06 13.18
CA LEU C 602 34.48 -14.34 11.95
C LEU C 602 35.77 -13.53 11.88
N ILE C 603 35.67 -12.22 12.09
CA ILE C 603 36.84 -11.34 12.04
C ILE C 603 37.47 -11.27 13.42
N GLU C 604 38.77 -11.52 13.50
CA GLU C 604 39.52 -11.45 14.75
C GLU C 604 40.95 -11.06 14.41
N ASP C 605 41.66 -10.54 15.40
CA ASP C 605 43.04 -10.11 15.18
C ASP C 605 43.80 -10.06 16.51
N SER C 630 33.71 -0.07 13.82
CA SER C 630 34.83 -0.82 13.26
C SER C 630 34.80 -2.29 13.64
N TYR C 631 33.67 -2.77 14.17
CA TYR C 631 33.49 -4.18 14.51
C TYR C 631 34.47 -4.67 15.56
N ASN C 632 34.94 -3.78 16.43
CA ASN C 632 35.89 -4.20 17.45
C ASN C 632 35.22 -4.90 18.63
N SER C 633 33.90 -4.82 18.76
CA SER C 633 33.20 -5.39 19.89
C SER C 633 31.78 -5.70 19.49
N LEU C 634 31.08 -6.44 20.35
CA LEU C 634 29.72 -6.84 20.00
C LEU C 634 28.81 -5.62 19.89
N TYR C 635 28.97 -4.64 20.76
CA TYR C 635 28.08 -3.49 20.73
C TYR C 635 28.21 -2.72 19.43
N SER C 636 29.43 -2.44 19.01
CA SER C 636 29.63 -1.66 17.80
C SER C 636 29.05 -2.37 16.59
N THR C 637 29.26 -3.69 16.51
CA THR C 637 28.72 -4.43 15.38
C THR C 637 27.20 -4.44 15.40
N CYS C 638 26.60 -4.56 16.58
CA CYS C 638 25.14 -4.46 16.66
C CYS C 638 24.66 -3.12 16.11
N LEU C 639 25.35 -2.03 16.46
CA LEU C 639 24.98 -0.74 15.92
C LEU C 639 25.13 -0.69 14.41
N GLU C 640 26.22 -1.25 13.88
CA GLU C 640 26.45 -1.18 12.45
C GLU C 640 25.36 -1.91 11.67
N LEU C 641 25.00 -3.10 12.12
CA LEU C 641 23.96 -3.81 11.41
C LEU C 641 22.61 -3.12 11.57
N PHE C 642 22.38 -2.47 12.71
CA PHE C 642 21.16 -1.70 12.83
C PHE C 642 21.14 -0.57 11.82
N LYS C 643 22.26 0.10 11.62
CA LYS C 643 22.30 1.15 10.61
C LYS C 643 22.02 0.58 9.23
N PHE C 644 22.50 -0.63 8.94
CA PHE C 644 22.17 -1.25 7.66
C PHE C 644 20.67 -1.48 7.52
N THR C 645 19.99 -1.77 8.63
CA THR C 645 18.57 -2.13 8.52
C THR C 645 17.74 -0.99 7.93
N ILE C 646 18.01 0.24 8.30
CA ILE C 646 17.17 1.37 7.91
C ILE C 646 17.82 2.22 6.83
N GLY C 647 18.70 1.63 6.02
CA GLY C 647 19.14 2.27 4.80
C GLY C 647 20.07 3.44 4.99
N MET C 648 20.51 3.71 6.22
CA MET C 648 21.43 4.81 6.47
C MET C 648 22.88 4.40 6.38
N GLY C 649 23.18 3.13 6.57
CA GLY C 649 24.55 2.67 6.63
C GLY C 649 25.20 2.69 5.27
N ASP C 650 26.46 2.25 5.25
CA ASP C 650 27.24 2.23 4.02
C ASP C 650 28.11 0.99 4.00
N LEU C 651 28.32 0.47 2.79
CA LEU C 651 29.07 -0.75 2.55
C LEU C 651 30.40 -0.37 1.94
N GLU C 652 31.44 -0.29 2.76
CA GLU C 652 32.73 0.19 2.27
C GLU C 652 33.62 -0.95 1.78
N PHE C 653 33.67 -2.06 2.50
CA PHE C 653 34.56 -3.17 2.18
C PHE C 653 36.02 -2.70 2.07
N THR C 654 36.55 -2.29 3.22
CA THR C 654 37.96 -1.94 3.32
C THR C 654 38.82 -3.19 3.27
N GLU C 655 40.12 -2.96 3.25
CA GLU C 655 41.08 -4.05 3.09
C GLU C 655 41.42 -4.66 4.45
N ASN C 656 42.28 -5.67 4.42
CA ASN C 656 43.00 -6.22 5.56
C ASN C 656 42.17 -7.07 6.49
N TYR C 657 40.91 -7.36 6.17
CA TYR C 657 40.19 -8.42 6.87
C TYR C 657 40.52 -9.73 6.19
N ASP C 658 40.89 -10.71 6.99
CA ASP C 658 40.95 -12.06 6.47
C ASP C 658 39.53 -12.58 6.27
N PHE C 659 39.39 -13.59 5.43
CA PHE C 659 38.09 -14.17 5.12
C PHE C 659 37.14 -13.14 4.50
N LYS C 660 37.70 -12.19 3.76
CA LYS C 660 36.88 -11.12 3.20
C LYS C 660 35.80 -11.67 2.27
N ALA C 661 36.14 -12.70 1.50
CA ALA C 661 35.19 -13.23 0.53
C ALA C 661 33.95 -13.82 1.19
N VAL C 662 34.07 -14.30 2.42
CA VAL C 662 32.92 -14.80 3.16
C VAL C 662 32.20 -13.67 3.87
N PHE C 663 32.95 -12.69 4.35
CA PHE C 663 32.36 -11.52 4.97
C PHE C 663 31.37 -10.85 4.03
N ILE C 664 31.76 -10.70 2.76
CA ILE C 664 30.88 -10.04 1.80
C ILE C 664 29.59 -10.84 1.63
N ILE C 665 29.70 -12.17 1.53
CA ILE C 665 28.50 -12.97 1.30
C ILE C 665 27.57 -12.86 2.50
N LEU C 666 28.12 -12.90 3.71
CA LEU C 666 27.27 -12.73 4.88
C LEU C 666 26.55 -11.40 4.86
N LEU C 667 27.26 -10.31 4.56
CA LEU C 667 26.60 -9.00 4.58
C LEU C 667 25.54 -8.89 3.51
N LEU C 668 25.81 -9.41 2.31
CA LEU C 668 24.78 -9.32 1.27
C LEU C 668 23.56 -10.14 1.65
N ALA C 669 23.76 -11.31 2.25
CA ALA C 669 22.62 -12.08 2.71
C ALA C 669 21.84 -11.30 3.76
N TYR C 670 22.54 -10.62 4.67
CA TYR C 670 21.85 -9.89 5.72
C TYR C 670 21.06 -8.72 5.15
N VAL C 671 21.66 -7.96 4.25
CA VAL C 671 20.97 -6.81 3.67
C VAL C 671 19.73 -7.26 2.93
N ILE C 672 19.85 -8.32 2.11
CA ILE C 672 18.68 -8.80 1.39
C ILE C 672 17.61 -9.28 2.35
N LEU C 673 18.02 -9.99 3.41
CA LEU C 673 17.03 -10.58 4.31
C LEU C 673 16.31 -9.52 5.12
N THR C 674 17.02 -8.52 5.61
CA THR C 674 16.41 -7.54 6.50
C THR C 674 15.81 -6.37 5.75
N TYR C 675 16.60 -5.70 4.90
CA TYR C 675 16.16 -4.43 4.37
C TYR C 675 15.02 -4.58 3.38
N ILE C 676 15.14 -5.50 2.43
CA ILE C 676 14.10 -5.65 1.43
C ILE C 676 12.93 -6.46 2.00
N LEU C 677 13.21 -7.61 2.59
CA LEU C 677 12.16 -8.58 2.86
C LEU C 677 11.41 -8.29 4.16
N LEU C 678 12.11 -8.26 5.29
CA LEU C 678 11.42 -8.21 6.57
C LEU C 678 10.80 -6.85 6.83
N LEU C 679 11.55 -5.77 6.58
CA LEU C 679 11.08 -4.45 6.94
C LEU C 679 9.80 -4.11 6.19
N ASN C 680 9.75 -4.42 4.91
CA ASN C 680 8.53 -4.12 4.16
C ASN C 680 7.38 -5.02 4.57
N MET C 681 7.65 -6.19 5.14
CA MET C 681 6.58 -6.95 5.78
C MET C 681 6.00 -6.16 6.94
N LEU C 682 6.86 -5.60 7.79
CA LEU C 682 6.37 -4.79 8.89
C LEU C 682 5.54 -3.62 8.38
N ILE C 683 6.00 -2.99 7.30
CA ILE C 683 5.29 -1.83 6.77
C ILE C 683 3.92 -2.23 6.24
N ALA C 684 3.83 -3.39 5.59
CA ALA C 684 2.52 -3.86 5.14
C ALA C 684 1.57 -4.05 6.30
N LEU C 685 2.06 -4.63 7.40
CA LEU C 685 1.17 -4.82 8.55
C LEU C 685 0.71 -3.48 9.13
N MET C 686 1.63 -2.53 9.25
CA MET C 686 1.21 -1.22 9.78
C MET C 686 0.23 -0.53 8.85
N GLY C 687 0.41 -0.66 7.54
CA GLY C 687 -0.57 -0.10 6.62
C GLY C 687 -1.94 -0.72 6.83
N GLU C 688 -1.98 -2.03 7.05
CA GLU C 688 -3.25 -2.68 7.35
C GLU C 688 -3.88 -2.10 8.60
N THR C 689 -3.08 -1.91 9.66
CA THR C 689 -3.62 -1.34 10.89
C THR C 689 -4.17 0.06 10.66
N VAL C 690 -3.43 0.91 9.95
CA VAL C 690 -3.85 2.29 9.76
C VAL C 690 -5.15 2.34 8.97
N ASN C 691 -5.26 1.58 7.90
CA ASN C 691 -6.50 1.60 7.13
C ASN C 691 -7.65 0.97 7.90
N LYS C 692 -7.35 0.05 8.83
CA LYS C 692 -8.42 -0.63 9.54
C LYS C 692 -9.25 0.33 10.38
N ILE C 693 -8.62 1.32 11.01
CA ILE C 693 -9.31 2.24 11.91
C ILE C 693 -9.34 3.66 11.36
N ALA C 694 -9.24 3.82 10.04
CA ALA C 694 -9.46 5.13 9.45
C ALA C 694 -10.91 5.55 9.62
N GLN C 695 -11.85 4.62 9.57
CA GLN C 695 -13.27 4.92 9.57
C GLN C 695 -13.93 4.78 10.93
N GLU C 696 -13.73 3.63 11.58
CA GLU C 696 -14.47 3.33 12.80
C GLU C 696 -14.11 4.29 13.92
N SER C 697 -12.94 4.91 13.88
CA SER C 697 -12.49 5.72 14.99
C SER C 697 -13.28 7.00 15.16
N LYS C 698 -14.12 7.38 14.18
CA LYS C 698 -15.09 8.43 14.41
C LYS C 698 -15.92 8.11 15.66
N ASN C 699 -16.40 6.87 15.75
CA ASN C 699 -17.09 6.46 16.96
C ASN C 699 -16.13 6.48 18.14
N ILE C 700 -14.87 6.13 17.93
CA ILE C 700 -13.91 6.17 19.03
C ILE C 700 -13.76 7.60 19.54
N TRP C 701 -13.82 8.59 18.64
CA TRP C 701 -13.72 9.97 19.10
C TRP C 701 -14.81 10.28 20.12
N LYS C 702 -16.00 9.69 19.94
CA LYS C 702 -17.05 9.90 20.92
C LYS C 702 -16.62 9.39 22.28
N LEU C 703 -16.02 8.19 22.33
CA LEU C 703 -15.48 7.70 23.59
C LEU C 703 -14.45 8.67 24.14
N GLN C 704 -13.59 9.18 23.27
CA GLN C 704 -12.57 10.11 23.72
C GLN C 704 -13.20 11.36 24.30
N ARG C 705 -14.34 11.77 23.75
CA ARG C 705 -15.07 12.87 24.38
C ARG C 705 -15.56 12.45 25.76
N ALA C 706 -16.26 11.31 25.82
CA ALA C 706 -17.07 11.01 26.99
C ALA C 706 -16.21 10.85 28.24
N ILE C 707 -15.15 10.06 28.14
CA ILE C 707 -14.28 9.83 29.28
C ILE C 707 -13.70 11.14 29.78
N THR C 708 -13.34 12.04 28.85
CA THR C 708 -12.75 13.31 29.22
C THR C 708 -13.71 14.12 30.08
N ILE C 709 -15.01 14.05 29.76
CA ILE C 709 -16.01 14.73 30.58
C ILE C 709 -16.07 14.10 31.95
N LEU C 710 -16.14 12.77 32.00
CA LEU C 710 -16.49 12.10 33.25
C LEU C 710 -15.43 12.30 34.31
N ASP C 711 -14.17 12.46 33.90
CA ASP C 711 -13.12 12.76 34.87
C ASP C 711 -13.25 14.18 35.39
N THR C 712 -13.59 15.12 34.50
CA THR C 712 -13.64 16.52 34.89
C THR C 712 -14.85 16.79 35.77
N GLU C 713 -16.04 16.39 35.29
CA GLU C 713 -17.27 16.65 36.04
C GLU C 713 -17.23 16.02 37.42
N LYS C 714 -16.63 14.83 37.52
CA LYS C 714 -16.46 14.18 38.81
C LYS C 714 -15.73 15.09 39.78
N SER C 715 -14.62 15.70 39.34
CA SER C 715 -13.90 16.61 40.22
C SER C 715 -14.56 17.98 40.25
N PHE C 716 -14.43 18.73 39.14
CA PHE C 716 -15.09 20.01 38.86
C PHE C 716 -14.55 21.19 39.68
N LEU C 717 -13.84 20.94 40.77
CA LEU C 717 -12.93 21.88 41.43
C LEU C 717 -13.56 23.22 41.81
N LYS C 718 -14.90 23.35 41.83
CA LYS C 718 -15.56 24.57 42.26
C LYS C 718 -16.66 24.36 43.29
N CYS C 719 -16.94 23.12 43.71
CA CYS C 719 -17.83 22.82 44.82
C CYS C 719 -19.28 23.27 44.59
N MET C 720 -19.67 23.49 43.34
CA MET C 720 -21.08 23.69 42.98
C MET C 720 -21.67 22.36 42.52
N ARG C 721 -22.98 22.36 42.27
CA ARG C 721 -23.72 21.19 41.82
C ARG C 721 -24.60 21.54 40.62
N LYS C 722 -24.02 22.25 39.66
CA LYS C 722 -24.73 22.70 38.47
C LYS C 722 -24.63 21.72 37.31
N ALA C 723 -24.32 20.45 37.59
CA ALA C 723 -24.21 19.45 36.53
C ALA C 723 -25.57 18.99 36.01
N PHE C 724 -26.62 19.07 36.82
CA PHE C 724 -27.94 18.61 36.39
C PHE C 724 -28.45 19.45 35.24
N ARG C 725 -29.18 18.81 34.33
CA ARG C 725 -29.65 19.50 33.13
C ARG C 725 -30.63 20.62 33.48
N SER C 726 -31.76 20.27 34.10
CA SER C 726 -32.75 21.28 34.43
C SER C 726 -33.82 20.69 35.35
N GLY C 727 -34.16 21.43 36.39
CA GLY C 727 -35.45 21.29 37.03
C GLY C 727 -35.67 20.05 37.87
N LYS C 728 -36.43 20.23 38.95
CA LYS C 728 -37.15 19.14 39.61
C LYS C 728 -38.57 19.17 39.05
N LEU C 729 -38.70 18.77 37.79
CA LEU C 729 -39.93 18.95 37.05
C LEU C 729 -41.00 18.02 37.60
N LEU C 730 -42.11 18.59 38.05
CA LEU C 730 -43.21 17.85 38.65
C LEU C 730 -44.30 17.45 37.67
N GLN C 731 -44.16 17.79 36.38
CA GLN C 731 -45.23 17.53 35.43
C GLN C 731 -45.41 16.05 35.14
N VAL C 732 -44.47 15.20 35.54
CA VAL C 732 -44.64 13.75 35.38
C VAL C 732 -45.50 13.24 36.53
N GLY C 733 -44.98 13.34 37.76
CA GLY C 733 -45.78 13.16 38.96
C GLY C 733 -46.54 11.86 39.08
N PHE C 734 -46.08 10.80 38.40
CA PHE C 734 -46.81 9.54 38.40
C PHE C 734 -46.36 8.67 39.56
N THR C 735 -47.34 8.13 40.29
CA THR C 735 -47.08 7.26 41.42
C THR C 735 -48.40 6.61 41.82
N PRO C 736 -48.39 5.37 42.34
CA PRO C 736 -49.65 4.81 42.83
C PRO C 736 -50.25 5.57 44.00
N ASP C 737 -49.44 6.36 44.71
CA ASP C 737 -49.93 7.21 45.78
C ASP C 737 -50.56 8.47 45.18
N GLY C 738 -51.13 9.30 46.03
CA GLY C 738 -51.68 10.58 45.60
C GLY C 738 -50.67 11.70 45.49
N LYS C 739 -49.38 11.41 45.66
CA LYS C 739 -48.36 12.44 45.72
C LYS C 739 -47.82 12.77 44.33
N ASP C 740 -47.02 13.83 44.27
CA ASP C 740 -46.31 14.25 43.07
C ASP C 740 -44.86 13.80 43.16
N ASP C 741 -44.11 13.98 42.08
CA ASP C 741 -42.72 13.55 42.06
C ASP C 741 -42.04 14.16 40.83
N TYR C 742 -40.71 14.04 40.80
CA TYR C 742 -39.89 14.51 39.69
C TYR C 742 -38.81 13.47 39.41
N ARG C 743 -38.32 13.48 38.17
CA ARG C 743 -37.29 12.55 37.72
C ARG C 743 -36.15 13.26 36.99
N TRP C 744 -35.97 14.55 37.22
CA TRP C 744 -34.96 15.34 36.51
C TRP C 744 -35.13 15.24 35.00
N CYS C 745 -36.38 15.28 34.55
CA CYS C 745 -36.66 15.10 33.14
C CYS C 745 -36.18 16.29 32.34
N PHE C 746 -35.85 16.05 31.07
CA PHE C 746 -35.46 17.11 30.15
C PHE C 746 -36.18 16.94 28.82
N ARG C 747 -36.59 18.06 28.22
CA ARG C 747 -37.26 18.05 26.94
C ARG C 747 -36.24 18.05 25.82
N VAL C 748 -36.35 17.09 24.91
CA VAL C 748 -35.47 16.96 23.76
C VAL C 748 -36.31 16.89 22.50
N ASP C 749 -35.97 17.71 21.51
CA ASP C 749 -36.63 17.69 20.22
C ASP C 749 -35.94 16.67 19.33
N GLU C 750 -36.67 15.64 18.91
CA GLU C 750 -36.19 14.63 17.98
C GLU C 750 -36.85 14.83 16.63
N VAL C 751 -36.03 14.95 15.59
CA VAL C 751 -36.48 15.16 14.22
C VAL C 751 -36.14 13.89 13.45
N ASN C 752 -37.16 13.09 13.12
CA ASN C 752 -36.93 11.74 12.61
C ASN C 752 -38.13 11.36 11.74
N TRP C 753 -37.91 11.26 10.44
CA TRP C 753 -38.96 10.82 9.52
C TRP C 753 -38.38 10.31 8.20
N ARG D 284 -33.79 -3.45 -47.19
CA ARG D 284 -32.83 -2.44 -47.61
C ARG D 284 -31.48 -2.67 -46.93
N ASP D 285 -30.41 -2.22 -47.59
CA ASP D 285 -29.06 -2.44 -47.13
C ASP D 285 -28.18 -1.30 -47.62
N SER D 286 -26.95 -1.25 -47.08
CA SER D 286 -25.99 -0.20 -47.41
C SER D 286 -25.04 -0.62 -48.53
N VAL D 287 -24.34 -1.73 -48.35
CA VAL D 287 -23.26 -2.15 -49.25
C VAL D 287 -23.44 -3.62 -49.65
N GLY D 288 -24.68 -4.06 -49.78
CA GLY D 288 -24.95 -5.46 -50.07
C GLY D 288 -24.93 -6.36 -48.86
N ASN D 289 -25.00 -5.79 -47.66
CA ASN D 289 -24.97 -6.59 -46.45
C ASN D 289 -26.23 -7.44 -46.33
N THR D 290 -26.05 -8.68 -45.87
CA THR D 290 -27.17 -9.56 -45.61
C THR D 290 -27.84 -9.19 -44.29
N VAL D 291 -29.02 -9.77 -44.06
CA VAL D 291 -29.73 -9.52 -42.81
C VAL D 291 -28.94 -10.04 -41.62
N LEU D 292 -28.28 -11.19 -41.80
CA LEU D 292 -27.41 -11.69 -40.74
C LEU D 292 -26.28 -10.73 -40.46
N HIS D 293 -25.75 -10.08 -41.50
CA HIS D 293 -24.70 -9.09 -41.33
C HIS D 293 -25.19 -7.90 -40.50
N ALA D 294 -26.35 -7.37 -40.86
CA ALA D 294 -26.92 -6.26 -40.10
C ALA D 294 -27.20 -6.65 -38.66
N LEU D 295 -27.62 -7.90 -38.44
CA LEU D 295 -27.87 -8.36 -37.08
C LEU D 295 -26.60 -8.53 -36.28
N VAL D 296 -25.50 -8.92 -36.93
CA VAL D 296 -24.21 -8.93 -36.25
C VAL D 296 -23.85 -7.49 -35.85
N GLU D 297 -24.08 -6.54 -36.75
CA GLU D 297 -23.82 -5.14 -36.40
C GLU D 297 -24.67 -4.69 -35.22
N VAL D 298 -25.93 -5.09 -35.20
CA VAL D 298 -26.86 -4.55 -34.20
C VAL D 298 -26.61 -5.17 -32.83
N ALA D 299 -26.21 -6.44 -32.80
CA ALA D 299 -26.05 -7.15 -31.52
C ALA D 299 -25.01 -6.45 -30.66
N ASP D 300 -25.31 -6.36 -29.36
CA ASP D 300 -24.44 -5.72 -28.38
C ASP D 300 -24.19 -6.62 -27.17
N ASN D 301 -24.21 -7.93 -27.35
CA ASN D 301 -23.84 -8.91 -26.33
C ASN D 301 -24.76 -8.88 -25.12
N THR D 302 -25.94 -8.27 -25.23
CA THR D 302 -26.95 -8.38 -24.18
C THR D 302 -27.67 -9.73 -24.30
N VAL D 303 -28.07 -10.29 -23.16
CA VAL D 303 -28.64 -11.63 -23.12
C VAL D 303 -29.93 -11.70 -23.94
N ASP D 304 -30.80 -10.70 -23.79
CA ASP D 304 -32.06 -10.75 -24.51
C ASP D 304 -31.88 -10.47 -25.99
N ASN D 305 -31.01 -9.53 -26.33
CA ASN D 305 -30.63 -9.33 -27.73
C ASN D 305 -29.92 -10.56 -28.28
N THR D 306 -29.15 -11.25 -27.44
CA THR D 306 -28.51 -12.48 -27.86
C THR D 306 -29.55 -13.53 -28.25
N LYS D 307 -30.57 -13.72 -27.42
CA LYS D 307 -31.65 -14.64 -27.76
C LYS D 307 -32.38 -14.19 -29.01
N PHE D 308 -32.62 -12.88 -29.14
CA PHE D 308 -33.30 -12.34 -30.31
C PHE D 308 -32.55 -12.67 -31.60
N VAL D 309 -31.27 -12.32 -31.66
CA VAL D 309 -30.52 -12.57 -32.88
C VAL D 309 -30.29 -14.05 -33.07
N THR D 310 -30.14 -14.82 -31.99
CA THR D 310 -29.94 -16.25 -32.12
C THR D 310 -31.14 -16.91 -32.76
N SER D 311 -32.34 -16.61 -32.26
CA SER D 311 -33.54 -17.21 -32.82
C SER D 311 -33.74 -16.76 -34.27
N MET D 312 -33.47 -15.48 -34.54
CA MET D 312 -33.59 -15.02 -35.92
C MET D 312 -32.62 -15.76 -36.83
N TYR D 313 -31.40 -15.98 -36.37
CA TYR D 313 -30.43 -16.70 -37.18
C TYR D 313 -30.87 -18.13 -37.41
N ASN D 314 -31.38 -18.80 -36.37
CA ASN D 314 -31.84 -20.17 -36.52
C ASN D 314 -32.92 -20.27 -37.59
N GLU D 315 -33.97 -19.45 -37.45
CA GLU D 315 -35.07 -19.51 -38.40
C GLU D 315 -34.63 -19.12 -39.81
N ILE D 316 -33.85 -18.04 -39.92
CA ILE D 316 -33.48 -17.51 -41.23
C ILE D 316 -32.57 -18.49 -41.96
N LEU D 317 -31.59 -19.06 -41.24
CA LEU D 317 -30.71 -20.04 -41.86
C LEU D 317 -31.48 -21.29 -42.28
N ILE D 318 -32.44 -21.74 -41.46
CA ILE D 318 -33.22 -22.91 -41.85
C ILE D 318 -33.99 -22.61 -43.13
N LEU D 319 -34.63 -21.44 -43.19
CA LEU D 319 -35.41 -21.09 -44.36
C LEU D 319 -34.53 -20.98 -45.60
N GLY D 320 -33.37 -20.34 -45.47
CA GLY D 320 -32.46 -20.23 -46.60
C GLY D 320 -31.99 -21.58 -47.08
N ALA D 321 -31.72 -22.50 -46.14
CA ALA D 321 -31.29 -23.84 -46.52
C ALA D 321 -32.37 -24.56 -47.30
N LYS D 322 -33.63 -24.37 -46.89
CA LYS D 322 -34.71 -25.08 -47.58
C LYS D 322 -35.04 -24.42 -48.92
N LEU D 323 -34.96 -23.10 -49.02
CA LEU D 323 -35.42 -22.41 -50.22
C LEU D 323 -34.50 -22.64 -51.41
N HIS D 324 -33.20 -22.43 -51.22
CA HIS D 324 -32.22 -22.45 -52.31
C HIS D 324 -30.99 -23.26 -51.91
N PRO D 325 -31.13 -24.59 -51.82
CA PRO D 325 -29.96 -25.43 -51.53
C PRO D 325 -29.07 -25.62 -52.76
N THR D 326 -28.52 -24.50 -53.26
CA THR D 326 -27.74 -24.49 -54.50
C THR D 326 -26.29 -24.02 -54.32
N LEU D 327 -26.01 -23.16 -53.33
CA LEU D 327 -24.66 -22.65 -53.14
C LEU D 327 -24.53 -22.14 -51.71
N LYS D 328 -23.28 -21.97 -51.28
CA LYS D 328 -23.00 -21.44 -49.96
C LYS D 328 -23.13 -19.92 -49.97
N LEU D 329 -23.81 -19.38 -48.97
CA LEU D 329 -24.06 -17.95 -48.85
C LEU D 329 -23.34 -17.30 -47.68
N GLU D 330 -22.74 -18.07 -46.78
CA GLU D 330 -22.09 -17.49 -45.62
C GLU D 330 -20.83 -16.72 -45.99
N GLU D 331 -20.22 -17.02 -47.12
CA GLU D 331 -19.01 -16.32 -47.57
C GLU D 331 -19.36 -15.09 -48.40
N ILE D 332 -20.13 -14.17 -47.82
CA ILE D 332 -20.54 -12.98 -48.54
C ILE D 332 -19.32 -12.12 -48.82
N THR D 333 -19.26 -11.56 -50.02
CA THR D 333 -18.25 -10.54 -50.32
C THR D 333 -18.70 -9.20 -49.77
N ASN D 334 -17.74 -8.29 -49.68
CA ASN D 334 -18.00 -6.95 -49.18
C ASN D 334 -16.87 -6.04 -49.69
N ARG D 335 -16.96 -4.76 -49.35
CA ARG D 335 -15.86 -3.86 -49.66
C ARG D 335 -14.57 -4.30 -48.99
N LYS D 336 -14.66 -4.87 -47.79
CA LYS D 336 -13.53 -5.44 -47.08
C LYS D 336 -13.46 -6.96 -47.17
N GLY D 337 -14.41 -7.60 -47.85
CA GLY D 337 -14.43 -9.05 -47.92
C GLY D 337 -14.66 -9.71 -46.58
N LEU D 338 -15.56 -9.17 -45.78
CA LEU D 338 -15.76 -9.57 -44.39
C LEU D 338 -17.00 -10.44 -44.28
N THR D 339 -16.84 -11.64 -43.73
CA THR D 339 -17.96 -12.52 -43.47
C THR D 339 -18.64 -12.13 -42.17
N PRO D 340 -19.91 -12.52 -41.96
CA PRO D 340 -20.58 -12.16 -40.70
C PRO D 340 -19.89 -12.71 -39.47
N LEU D 341 -19.31 -13.91 -39.56
CA LEU D 341 -18.54 -14.42 -38.44
C LEU D 341 -17.20 -13.70 -38.32
N ALA D 342 -16.60 -13.30 -39.43
CA ALA D 342 -15.40 -12.48 -39.36
C ALA D 342 -15.71 -11.12 -38.75
N LEU D 343 -16.86 -10.54 -39.10
CA LEU D 343 -17.24 -9.27 -38.50
C LEU D 343 -17.49 -9.44 -37.01
N ALA D 344 -18.17 -10.53 -36.63
CA ALA D 344 -18.42 -10.77 -35.22
C ALA D 344 -17.13 -10.93 -34.45
N ALA D 345 -16.15 -11.63 -35.03
CA ALA D 345 -14.84 -11.73 -34.40
C ALA D 345 -14.18 -10.35 -34.31
N SER D 346 -14.29 -9.55 -35.36
CA SER D 346 -13.59 -8.26 -35.38
C SER D 346 -14.15 -7.30 -34.33
N SER D 347 -15.47 -7.23 -34.22
CA SER D 347 -16.11 -6.31 -33.30
C SER D 347 -16.23 -6.85 -31.88
N GLY D 348 -15.94 -8.14 -31.67
CA GLY D 348 -16.05 -8.71 -30.35
C GLY D 348 -17.46 -9.11 -29.94
N LYS D 349 -18.33 -9.40 -30.91
CA LYS D 349 -19.69 -9.82 -30.61
C LYS D 349 -19.68 -11.30 -30.25
N ILE D 350 -19.25 -11.58 -29.02
CA ILE D 350 -19.05 -12.95 -28.56
C ILE D 350 -20.36 -13.74 -28.63
N GLY D 351 -21.49 -13.06 -28.44
CA GLY D 351 -22.77 -13.75 -28.49
C GLY D 351 -23.03 -14.40 -29.82
N VAL D 352 -22.60 -13.76 -30.90
CA VAL D 352 -22.78 -14.35 -32.23
C VAL D 352 -21.87 -15.56 -32.41
N LEU D 353 -20.64 -15.46 -31.93
CA LEU D 353 -19.69 -16.57 -32.08
C LEU D 353 -20.15 -17.78 -31.27
N ALA D 354 -20.79 -17.55 -30.12
CA ALA D 354 -21.21 -18.65 -29.28
C ALA D 354 -22.19 -19.58 -30.00
N TYR D 355 -22.97 -19.05 -30.94
CA TYR D 355 -23.98 -19.81 -31.66
C TYR D 355 -23.55 -20.17 -33.08
N ILE D 356 -23.06 -19.19 -33.85
CA ILE D 356 -22.85 -19.39 -35.28
C ILE D 356 -21.81 -20.46 -35.54
N LEU D 357 -20.87 -20.64 -34.62
CA LEU D 357 -19.89 -21.71 -34.72
C LEU D 357 -20.35 -22.98 -33.99
N GLN D 358 -21.59 -23.03 -33.51
CA GLN D 358 -22.08 -24.14 -32.71
C GLN D 358 -23.44 -24.64 -33.20
N ARG D 359 -23.69 -24.59 -34.50
CA ARG D 359 -24.95 -25.09 -35.03
C ARG D 359 -24.97 -26.61 -35.01
N GLU D 360 -26.07 -27.17 -34.51
CA GLU D 360 -26.24 -28.62 -34.41
C GLU D 360 -27.70 -28.93 -34.69
N ILE D 361 -27.98 -29.63 -35.80
CA ILE D 361 -29.37 -29.89 -36.18
C ILE D 361 -29.40 -31.11 -37.08
N HIS D 362 -30.46 -31.91 -36.93
CA HIS D 362 -30.81 -32.98 -37.87
C HIS D 362 -32.30 -32.85 -38.19
N GLU D 363 -32.62 -32.01 -39.18
CA GLU D 363 -33.96 -31.88 -39.73
C GLU D 363 -33.82 -32.04 -41.24
N PRO D 364 -34.52 -32.99 -41.88
CA PRO D 364 -34.24 -33.25 -43.31
C PRO D 364 -34.47 -32.04 -44.20
N GLU D 365 -33.68 -31.99 -45.28
CA GLU D 365 -33.61 -30.94 -46.29
C GLU D 365 -32.82 -29.73 -45.81
N CYS D 366 -32.40 -29.68 -44.55
CA CYS D 366 -31.55 -28.61 -44.03
C CYS D 366 -30.49 -29.18 -43.10
N ARG D 367 -29.89 -30.30 -43.50
CA ARG D 367 -28.83 -30.94 -42.73
C ARG D 367 -27.43 -30.60 -43.24
N HIS D 368 -27.31 -29.77 -44.27
CA HIS D 368 -26.02 -29.44 -44.87
C HIS D 368 -25.44 -28.13 -44.36
N LEU D 369 -25.97 -27.58 -43.26
CA LEU D 369 -25.41 -26.38 -42.63
C LEU D 369 -25.06 -26.61 -41.16
N SER D 370 -24.97 -27.86 -40.71
CA SER D 370 -24.59 -28.14 -39.32
C SER D 370 -23.08 -28.09 -39.16
N ARG D 371 -22.63 -27.55 -38.02
CA ARG D 371 -21.22 -27.44 -37.68
C ARG D 371 -20.77 -28.39 -36.58
N LYS D 372 -21.67 -28.79 -35.68
CA LYS D 372 -21.36 -29.65 -34.56
C LYS D 372 -22.19 -30.93 -34.63
N PHE D 373 -21.58 -32.04 -34.20
CA PHE D 373 -22.20 -33.36 -34.23
C PHE D 373 -21.80 -34.11 -32.98
N THR D 374 -22.38 -35.31 -32.80
CA THR D 374 -22.05 -36.18 -31.67
C THR D 374 -21.97 -37.61 -32.15
N GLU D 375 -21.01 -38.36 -31.59
CA GLU D 375 -20.86 -39.79 -31.87
C GLU D 375 -21.06 -40.64 -30.62
N TRP D 376 -20.30 -40.40 -29.55
CA TRP D 376 -20.45 -41.10 -28.28
C TRP D 376 -21.03 -40.15 -27.26
N ALA D 377 -21.79 -40.69 -26.31
CA ALA D 377 -22.37 -39.87 -25.26
C ALA D 377 -22.50 -40.68 -23.98
N TYR D 378 -22.19 -40.03 -22.85
CA TYR D 378 -22.34 -40.62 -21.52
C TYR D 378 -23.03 -39.61 -20.62
N GLY D 379 -23.09 -39.89 -19.32
CA GLY D 379 -23.76 -38.99 -18.41
C GLY D 379 -23.09 -37.64 -18.30
N PRO D 380 -21.88 -37.60 -17.72
CA PRO D 380 -21.18 -36.31 -17.57
C PRO D 380 -20.27 -35.93 -18.72
N VAL D 381 -19.91 -36.87 -19.60
CA VAL D 381 -18.90 -36.66 -20.64
C VAL D 381 -19.50 -36.96 -22.01
N HIS D 382 -19.25 -36.07 -22.98
CA HIS D 382 -19.74 -36.22 -24.34
C HIS D 382 -18.60 -35.99 -25.32
N SER D 383 -18.47 -36.90 -26.30
CA SER D 383 -17.39 -36.82 -27.29
C SER D 383 -17.90 -36.11 -28.54
N SER D 384 -17.97 -34.79 -28.45
CA SER D 384 -18.53 -34.00 -29.54
C SER D 384 -17.56 -33.93 -30.72
N LEU D 385 -18.11 -33.67 -31.91
CA LEU D 385 -17.37 -33.57 -33.15
C LEU D 385 -17.57 -32.18 -33.74
N TYR D 386 -16.48 -31.44 -33.90
CA TYR D 386 -16.53 -30.03 -34.28
C TYR D 386 -15.99 -29.82 -35.69
N ASP D 387 -16.72 -29.02 -36.48
CA ASP D 387 -16.20 -28.55 -37.75
C ASP D 387 -15.06 -27.56 -37.52
N LEU D 388 -14.06 -27.60 -38.40
CA LEU D 388 -12.82 -26.84 -38.20
C LEU D 388 -12.55 -25.83 -39.31
N SER D 389 -13.48 -25.61 -40.23
CA SER D 389 -13.22 -24.66 -41.30
C SER D 389 -13.24 -23.24 -40.76
N CYS D 390 -12.65 -22.32 -41.53
CA CYS D 390 -12.58 -20.90 -41.23
C CYS D 390 -11.67 -20.57 -40.05
N ILE D 391 -10.87 -21.52 -39.58
CA ILE D 391 -10.00 -21.34 -38.42
C ILE D 391 -8.53 -21.46 -38.80
N ASP D 392 -8.17 -22.53 -39.52
CA ASP D 392 -6.79 -22.79 -39.91
C ASP D 392 -6.48 -22.29 -41.31
N THR D 393 -7.27 -22.68 -42.32
CA THR D 393 -7.00 -22.35 -43.72
C THR D 393 -8.31 -21.89 -44.34
N CYS D 394 -8.54 -20.58 -44.26
CA CYS D 394 -9.61 -19.89 -44.97
C CYS D 394 -9.09 -19.05 -46.11
N GLU D 395 -7.78 -18.76 -46.12
CA GLU D 395 -7.07 -18.07 -47.19
C GLU D 395 -7.34 -16.57 -47.22
N LYS D 396 -8.28 -16.06 -46.40
CA LYS D 396 -8.54 -14.62 -46.33
C LYS D 396 -8.33 -14.03 -44.95
N ASN D 397 -9.12 -14.47 -43.97
CA ASN D 397 -9.09 -13.89 -42.62
C ASN D 397 -9.71 -14.88 -41.66
N SER D 398 -8.88 -15.72 -41.03
CA SER D 398 -9.42 -16.74 -40.15
C SER D 398 -9.90 -16.11 -38.85
N VAL D 399 -10.57 -16.91 -38.02
CA VAL D 399 -11.04 -16.41 -36.73
C VAL D 399 -9.86 -16.00 -35.87
N LEU D 400 -8.86 -16.87 -35.77
CA LEU D 400 -7.70 -16.57 -34.94
C LEU D 400 -6.94 -15.37 -35.48
N GLU D 401 -6.94 -15.19 -36.80
CA GLU D 401 -6.20 -14.11 -37.43
C GLU D 401 -6.81 -12.74 -37.19
N VAL D 402 -7.99 -12.66 -36.58
CA VAL D 402 -8.64 -11.40 -36.26
C VAL D 402 -8.72 -11.17 -34.76
N ILE D 403 -9.00 -12.21 -33.98
CA ILE D 403 -9.05 -12.05 -32.53
C ILE D 403 -7.66 -11.71 -31.99
N ALA D 404 -6.63 -12.42 -32.47
CA ALA D 404 -5.28 -12.22 -31.98
C ALA D 404 -4.62 -10.97 -32.53
N TYR D 405 -5.10 -10.46 -33.66
CA TYR D 405 -4.52 -9.28 -34.30
C TYR D 405 -5.44 -8.08 -34.19
N SER D 406 -6.28 -8.04 -33.16
CA SER D 406 -7.18 -6.92 -32.97
C SER D 406 -6.40 -5.70 -32.44
N SER D 407 -7.05 -4.54 -32.53
CA SER D 407 -6.39 -3.27 -32.24
C SER D 407 -6.45 -2.88 -30.77
N SER D 408 -6.67 -3.83 -29.86
CA SER D 408 -6.65 -3.57 -28.42
C SER D 408 -7.70 -2.52 -28.02
N GLU D 409 -8.86 -2.57 -28.68
CA GLU D 409 -10.07 -1.89 -28.22
C GLU D 409 -11.21 -2.84 -27.90
N THR D 410 -11.14 -4.09 -28.34
CA THR D 410 -12.22 -5.03 -28.10
C THR D 410 -12.30 -5.33 -26.61
N PRO D 411 -13.47 -5.21 -25.96
CA PRO D 411 -13.50 -5.31 -24.50
C PRO D 411 -13.25 -6.72 -23.98
N ASN D 412 -13.44 -7.74 -24.82
CA ASN D 412 -13.49 -9.14 -24.37
C ASN D 412 -12.59 -10.04 -25.19
N ARG D 413 -11.59 -9.48 -25.89
CA ARG D 413 -10.70 -10.31 -26.70
C ARG D 413 -9.94 -11.32 -25.84
N HIS D 414 -9.76 -11.04 -24.55
CA HIS D 414 -9.12 -12.00 -23.66
C HIS D 414 -10.00 -13.21 -23.37
N ASP D 415 -11.31 -13.09 -23.54
CA ASP D 415 -12.23 -14.20 -23.28
C ASP D 415 -12.64 -14.95 -24.55
N MET D 416 -12.58 -14.30 -25.72
CA MET D 416 -13.08 -14.91 -26.94
C MET D 416 -12.34 -16.20 -27.28
N LEU D 417 -11.07 -16.30 -26.90
CA LEU D 417 -10.30 -17.51 -27.14
C LEU D 417 -10.61 -18.62 -26.13
N LEU D 418 -11.51 -18.39 -25.18
CA LEU D 418 -11.88 -19.41 -24.21
C LEU D 418 -12.95 -20.37 -24.72
N VAL D 419 -13.52 -20.13 -25.90
CA VAL D 419 -14.48 -21.07 -26.47
C VAL D 419 -13.79 -22.38 -26.79
N GLU D 420 -14.54 -23.48 -26.61
CA GLU D 420 -13.97 -24.83 -26.62
C GLU D 420 -13.18 -25.19 -27.88
N PRO D 421 -13.68 -24.96 -29.12
CA PRO D 421 -12.91 -25.36 -30.30
C PRO D 421 -11.56 -24.65 -30.37
N LEU D 422 -11.60 -23.32 -30.29
CA LEU D 422 -10.36 -22.55 -30.37
C LEU D 422 -9.44 -22.86 -29.21
N ASN D 423 -9.98 -22.92 -27.99
CA ASN D 423 -9.16 -23.15 -26.82
C ASN D 423 -8.43 -24.48 -26.93
N ARG D 424 -9.16 -25.54 -27.24
CA ARG D 424 -8.52 -26.85 -27.30
C ARG D 424 -7.60 -26.98 -28.51
N LEU D 425 -7.95 -26.35 -29.63
CA LEU D 425 -7.05 -26.37 -30.78
C LEU D 425 -5.71 -25.75 -30.44
N LEU D 426 -5.73 -24.60 -29.79
CA LEU D 426 -4.48 -23.95 -29.41
C LEU D 426 -3.72 -24.81 -28.41
N GLN D 427 -4.43 -25.42 -27.47
CA GLN D 427 -3.75 -26.28 -26.50
C GLN D 427 -3.02 -27.43 -27.19
N ASP D 428 -3.69 -28.09 -28.13
CA ASP D 428 -3.09 -29.24 -28.79
C ASP D 428 -1.97 -28.83 -29.71
N LYS D 429 -2.13 -27.71 -30.42
CA LYS D 429 -1.05 -27.21 -31.26
C LYS D 429 0.18 -26.89 -30.42
N TRP D 430 -0.03 -26.31 -29.23
CA TRP D 430 1.09 -26.07 -28.33
C TRP D 430 1.77 -27.37 -27.94
N ASP D 431 0.99 -28.35 -27.47
CA ASP D 431 1.61 -29.57 -26.96
C ASP D 431 2.28 -30.38 -28.06
N ARG D 432 1.81 -30.26 -29.30
CA ARG D 432 2.23 -31.21 -30.32
C ARG D 432 3.64 -30.91 -30.82
N PHE D 433 3.83 -29.74 -31.42
CA PHE D 433 5.08 -29.43 -32.12
C PHE D 433 5.65 -28.05 -31.82
N VAL D 434 4.83 -27.12 -31.33
CA VAL D 434 5.25 -25.72 -31.26
C VAL D 434 6.39 -25.56 -30.26
N LYS D 435 6.33 -26.30 -29.14
CA LYS D 435 7.34 -26.14 -28.10
C LYS D 435 8.74 -26.41 -28.63
N ARG D 436 8.90 -27.41 -29.50
CA ARG D 436 10.22 -27.70 -30.04
C ARG D 436 10.79 -26.50 -30.78
N ILE D 437 9.95 -25.69 -31.41
CA ILE D 437 10.43 -24.51 -32.09
C ILE D 437 10.65 -23.36 -31.12
N PHE D 438 9.75 -23.17 -30.15
CA PHE D 438 9.90 -22.03 -29.25
C PHE D 438 11.15 -22.16 -28.38
N TYR D 439 11.32 -23.31 -27.74
CA TYR D 439 12.50 -23.47 -26.89
C TYR D 439 13.77 -23.42 -27.71
N PHE D 440 13.72 -23.95 -28.93
CA PHE D 440 14.88 -23.87 -29.81
C PHE D 440 15.24 -22.44 -30.12
N ASN D 441 14.22 -21.62 -30.44
CA ASN D 441 14.47 -20.20 -30.69
C ASN D 441 15.10 -19.54 -29.48
N PHE D 442 14.58 -19.84 -28.30
CA PHE D 442 15.09 -19.21 -27.10
C PHE D 442 16.56 -19.56 -26.89
N PHE D 443 16.90 -20.83 -27.08
CA PHE D 443 18.28 -21.24 -26.94
C PHE D 443 19.18 -20.54 -27.96
N VAL D 444 18.71 -20.45 -29.21
CA VAL D 444 19.54 -19.83 -30.24
C VAL D 444 19.80 -18.37 -29.90
N TYR D 445 18.76 -17.67 -29.45
CA TYR D 445 18.95 -16.26 -29.09
C TYR D 445 19.93 -16.12 -27.94
N CYS D 446 19.82 -16.99 -26.93
CA CYS D 446 20.75 -16.90 -25.80
C CYS D 446 22.18 -17.11 -26.26
N LEU D 447 22.41 -18.08 -27.14
CA LEU D 447 23.76 -18.26 -27.66
C LEU D 447 24.23 -17.03 -28.41
N TYR D 448 23.35 -16.42 -29.19
CA TYR D 448 23.73 -15.23 -29.94
C TYR D 448 24.16 -14.12 -29.00
N MET D 449 23.40 -13.91 -27.92
CA MET D 449 23.76 -12.83 -27.01
C MET D 449 25.05 -13.13 -26.26
N ILE D 450 25.30 -14.39 -25.89
CA ILE D 450 26.55 -14.72 -25.22
C ILE D 450 27.72 -14.44 -26.15
N ILE D 451 27.61 -14.84 -27.41
CA ILE D 451 28.68 -14.58 -28.36
C ILE D 451 28.89 -13.09 -28.54
N PHE D 452 27.80 -12.33 -28.62
CA PHE D 452 27.95 -10.88 -28.79
C PHE D 452 28.67 -10.28 -27.60
N THR D 453 28.30 -10.67 -26.38
CA THR D 453 28.94 -10.10 -25.21
C THR D 453 30.42 -10.43 -25.20
N ALA D 454 30.76 -11.69 -25.52
CA ALA D 454 32.16 -12.08 -25.51
C ALA D 454 32.95 -11.29 -26.54
N ALA D 455 32.40 -11.11 -27.74
CA ALA D 455 33.12 -10.35 -28.76
C ALA D 455 33.29 -8.91 -28.32
N ALA D 456 32.28 -8.33 -27.70
CA ALA D 456 32.38 -6.93 -27.31
C ALA D 456 33.42 -6.73 -26.22
N TYR D 457 33.47 -7.64 -25.25
CA TYR D 457 34.34 -7.43 -24.09
C TYR D 457 35.79 -7.28 -24.50
N TYR D 458 36.24 -8.06 -25.50
CA TYR D 458 37.64 -8.16 -25.86
C TYR D 458 38.02 -7.26 -27.03
N ARG D 459 37.37 -6.11 -27.18
CA ARG D 459 37.73 -5.22 -28.27
C ARG D 459 39.16 -4.72 -28.07
N PRO D 460 39.89 -4.41 -29.14
CA PRO D 460 41.24 -3.86 -28.96
C PRO D 460 41.19 -2.45 -28.41
N VAL D 461 42.28 -2.06 -27.76
CA VAL D 461 42.33 -0.80 -27.02
C VAL D 461 42.90 0.33 -27.86
N GLU D 462 43.85 0.05 -28.73
CA GLU D 462 44.47 1.10 -29.54
C GLU D 462 43.44 1.76 -30.43
N GLY D 463 43.69 3.03 -30.78
CA GLY D 463 42.71 3.85 -31.43
C GLY D 463 42.69 3.68 -32.94
N LEU D 464 41.81 4.47 -33.57
CA LEU D 464 41.71 4.54 -35.01
C LEU D 464 41.39 3.20 -35.65
N PRO D 465 40.16 2.73 -35.55
CA PRO D 465 39.73 1.58 -36.35
C PRO D 465 39.75 1.93 -37.83
N PRO D 466 39.68 0.94 -38.72
CA PRO D 466 39.67 -0.51 -38.45
C PRO D 466 41.06 -1.02 -38.14
N TYR D 467 41.15 -2.15 -37.45
CA TYR D 467 42.40 -2.67 -36.94
C TYR D 467 42.82 -3.90 -37.73
N LYS D 468 44.13 -4.01 -37.97
CA LYS D 468 44.68 -5.10 -38.75
C LYS D 468 44.87 -6.32 -37.86
N LEU D 469 44.32 -7.45 -38.28
CA LEU D 469 44.39 -8.66 -37.47
C LEU D 469 45.77 -9.30 -37.59
N LYS D 470 46.17 -9.97 -36.52
CA LYS D 470 47.39 -10.77 -36.48
C LYS D 470 47.02 -12.23 -36.73
N ASN D 471 48.04 -13.04 -36.98
CA ASN D 471 47.81 -14.45 -37.28
C ASN D 471 47.58 -15.29 -36.02
N THR D 472 47.47 -14.68 -34.85
CA THR D 472 47.16 -15.44 -33.65
C THR D 472 45.70 -15.88 -33.65
N VAL D 473 45.42 -16.95 -32.91
CA VAL D 473 44.07 -17.52 -32.90
C VAL D 473 43.06 -16.57 -32.30
N GLY D 474 43.46 -15.79 -31.29
CA GLY D 474 42.54 -14.88 -30.64
C GLY D 474 41.92 -13.89 -31.62
N ASP D 475 42.72 -13.40 -32.56
CA ASP D 475 42.18 -12.46 -33.54
C ASP D 475 41.15 -13.13 -34.42
N TYR D 476 41.39 -14.38 -34.81
CA TYR D 476 40.42 -15.08 -35.64
C TYR D 476 39.12 -15.28 -34.89
N PHE D 477 39.20 -15.65 -33.61
CA PHE D 477 37.98 -15.80 -32.83
C PHE D 477 37.23 -14.47 -32.71
N ARG D 478 37.97 -13.38 -32.47
CA ARG D 478 37.31 -12.09 -32.34
C ARG D 478 36.63 -11.68 -33.64
N VAL D 479 37.30 -11.88 -34.77
CA VAL D 479 36.69 -11.52 -36.05
C VAL D 479 35.45 -12.35 -36.30
N THR D 480 35.50 -13.65 -35.97
CA THR D 480 34.32 -14.49 -36.12
C THR D 480 33.17 -13.97 -35.26
N GLY D 481 33.46 -13.61 -34.01
CA GLY D 481 32.41 -13.09 -33.16
C GLY D 481 31.78 -11.82 -33.72
N GLU D 482 32.62 -10.91 -34.22
CA GLU D 482 32.08 -9.68 -34.77
C GLU D 482 31.20 -9.97 -35.98
N ILE D 483 31.63 -10.89 -36.84
CA ILE D 483 30.85 -11.20 -38.04
C ILE D 483 29.49 -11.77 -37.66
N LEU D 484 29.47 -12.69 -36.70
CA LEU D 484 28.20 -13.26 -36.25
C LEU D 484 27.30 -12.17 -35.68
N SER D 485 27.87 -11.24 -34.91
CA SER D 485 27.06 -10.19 -34.30
C SER D 485 26.41 -9.32 -35.36
N VAL D 486 27.18 -8.92 -36.37
CA VAL D 486 26.62 -8.07 -37.41
C VAL D 486 25.55 -8.83 -38.19
N SER D 487 25.76 -10.12 -38.41
CA SER D 487 24.76 -10.90 -39.13
C SER D 487 23.44 -10.92 -38.35
N GLY D 488 23.51 -11.12 -37.04
CA GLY D 488 22.29 -11.07 -36.24
C GLY D 488 21.60 -9.73 -36.35
N GLY D 489 22.37 -8.65 -36.28
CA GLY D 489 21.78 -7.32 -36.40
C GLY D 489 21.05 -7.13 -37.72
N VAL D 490 21.68 -7.55 -38.82
CA VAL D 490 21.06 -7.39 -40.13
C VAL D 490 19.76 -8.20 -40.21
N TYR D 491 19.80 -9.44 -39.69
CA TYR D 491 18.61 -10.28 -39.72
C TYR D 491 17.46 -9.62 -39.00
N PHE D 492 17.71 -9.10 -37.80
CA PHE D 492 16.63 -8.46 -37.06
C PHE D 492 16.10 -7.24 -37.80
N PHE D 493 16.99 -6.50 -38.44
CA PHE D 493 16.55 -5.32 -39.19
C PHE D 493 15.55 -5.73 -40.26
N PHE D 494 15.88 -6.77 -41.03
CA PHE D 494 14.96 -7.14 -42.11
C PHE D 494 13.67 -7.73 -41.58
N ARG D 495 13.71 -8.49 -40.49
CA ARG D 495 12.47 -8.99 -39.92
C ARG D 495 11.57 -7.85 -39.49
N GLY D 496 12.15 -6.83 -38.86
CA GLY D 496 11.34 -5.67 -38.49
C GLY D 496 10.74 -4.97 -39.68
N ILE D 497 11.52 -4.82 -40.76
CA ILE D 497 11.00 -4.17 -41.96
C ILE D 497 9.81 -4.95 -42.50
N GLN D 498 9.94 -6.27 -42.57
CA GLN D 498 8.83 -7.07 -43.09
C GLN D 498 7.59 -6.92 -42.24
N TYR D 499 7.76 -6.94 -40.92
CA TYR D 499 6.61 -6.81 -40.04
C TYR D 499 5.93 -5.48 -40.24
N PHE D 500 6.70 -4.39 -40.30
CA PHE D 500 6.09 -3.08 -40.42
C PHE D 500 5.38 -2.92 -41.76
N LEU D 501 5.95 -3.47 -42.83
CA LEU D 501 5.26 -3.38 -44.11
C LEU D 501 3.97 -4.19 -44.11
N GLN D 502 3.97 -5.39 -43.51
CA GLN D 502 2.77 -6.20 -43.56
C GLN D 502 1.67 -5.71 -42.63
N ARG D 503 2.02 -5.27 -41.42
CA ARG D 503 1.00 -4.93 -40.43
C ARG D 503 0.36 -3.58 -40.72
N ARG D 504 1.15 -2.61 -41.20
CA ARG D 504 0.68 -1.24 -41.43
C ARG D 504 0.07 -0.66 -40.15
N PRO D 505 0.89 -0.30 -39.17
CA PRO D 505 0.34 0.34 -37.97
C PRO D 505 -0.17 1.74 -38.26
N SER D 506 -1.04 2.21 -37.37
CA SER D 506 -1.76 3.46 -37.59
C SER D 506 -0.91 4.71 -37.38
N LEU D 507 0.23 4.61 -36.70
CA LEU D 507 1.05 5.70 -36.19
C LEU D 507 0.42 6.40 -34.99
N LYS D 508 -0.79 6.03 -34.56
CA LYS D 508 -1.40 6.51 -33.33
C LYS D 508 -1.42 5.47 -32.24
N SER D 509 -1.68 4.22 -32.60
CA SER D 509 -1.50 3.07 -31.72
C SER D 509 -0.22 2.32 -32.05
N LEU D 510 0.79 3.02 -32.59
CA LEU D 510 2.04 2.37 -32.93
C LEU D 510 2.69 1.75 -31.70
N PHE D 511 2.69 2.46 -30.57
CA PHE D 511 3.36 2.00 -29.37
C PHE D 511 2.47 1.23 -28.42
N VAL D 512 1.15 1.35 -28.57
CA VAL D 512 0.26 0.59 -27.69
C VAL D 512 0.38 -0.90 -27.96
N ASP D 513 0.41 -1.28 -29.23
CA ASP D 513 0.69 -2.64 -29.65
C ASP D 513 2.08 -2.68 -30.29
N SER D 514 2.55 -3.87 -30.63
CA SER D 514 3.79 -4.03 -31.38
C SER D 514 4.98 -3.42 -30.66
N TYR D 515 4.96 -3.46 -29.32
CA TYR D 515 6.07 -2.93 -28.56
C TYR D 515 7.35 -3.71 -28.82
N SER D 516 7.23 -5.04 -28.87
CA SER D 516 8.40 -5.88 -28.97
C SER D 516 9.14 -5.71 -30.29
N GLU D 517 8.40 -5.64 -31.39
CA GLU D 517 9.06 -5.40 -32.68
C GLU D 517 9.77 -4.07 -32.66
N ILE D 518 9.18 -3.06 -32.02
CA ILE D 518 9.80 -1.75 -31.97
C ILE D 518 11.14 -1.82 -31.26
N LEU D 519 11.19 -2.51 -30.12
CA LEU D 519 12.45 -2.59 -29.39
C LEU D 519 13.49 -3.37 -30.17
N PHE D 520 13.11 -4.49 -30.77
CA PHE D 520 14.09 -5.25 -31.55
C PHE D 520 14.61 -4.42 -32.70
N PHE D 521 13.71 -3.69 -33.38
CA PHE D 521 14.15 -2.86 -34.49
C PHE D 521 15.10 -1.78 -34.02
N VAL D 522 14.82 -1.19 -32.86
CA VAL D 522 15.71 -0.16 -32.33
C VAL D 522 17.10 -0.74 -32.10
N GLN D 523 17.17 -1.95 -31.54
CA GLN D 523 18.45 -2.61 -31.42
C GLN D 523 19.14 -2.73 -32.76
N SER D 524 18.40 -3.13 -33.79
CA SER D 524 19.02 -3.32 -35.09
C SER D 524 19.57 -2.00 -35.61
N LEU D 525 18.83 -0.92 -35.42
CA LEU D 525 19.32 0.38 -35.86
C LEU D 525 20.61 0.74 -35.15
N PHE D 526 20.68 0.53 -33.85
CA PHE D 526 21.89 0.90 -33.12
C PHE D 526 23.07 0.09 -33.60
N MET D 527 22.88 -1.21 -33.82
CA MET D 527 23.97 -2.03 -34.32
C MET D 527 24.46 -1.54 -35.68
N LEU D 528 23.53 -1.21 -36.58
CA LEU D 528 23.95 -0.76 -37.90
C LEU D 528 24.68 0.57 -37.83
N VAL D 529 24.21 1.50 -36.99
CA VAL D 529 24.92 2.76 -36.83
C VAL D 529 26.32 2.50 -36.32
N SER D 530 26.45 1.55 -35.39
CA SER D 530 27.76 1.24 -34.84
C SER D 530 28.72 0.76 -35.92
N VAL D 531 28.25 -0.15 -36.78
CA VAL D 531 29.17 -0.66 -37.79
C VAL D 531 29.50 0.42 -38.81
N VAL D 532 28.54 1.29 -39.13
CA VAL D 532 28.81 2.37 -40.07
C VAL D 532 29.90 3.28 -39.52
N LEU D 533 29.80 3.66 -38.24
CA LEU D 533 30.85 4.47 -37.66
C LEU D 533 32.17 3.70 -37.62
N TYR D 534 32.11 2.40 -37.38
CA TYR D 534 33.33 1.60 -37.30
C TYR D 534 34.12 1.69 -38.60
N PHE D 535 33.45 1.53 -39.73
CA PHE D 535 34.19 1.61 -40.99
C PHE D 535 34.49 3.04 -41.42
N SER D 536 33.99 4.04 -40.71
CA SER D 536 34.25 5.43 -41.04
C SER D 536 35.49 5.99 -40.35
N GLN D 537 36.29 5.14 -39.70
CA GLN D 537 37.51 5.58 -39.02
C GLN D 537 37.21 6.59 -37.92
N ARG D 538 36.25 6.27 -37.06
CA ARG D 538 35.92 7.05 -35.88
C ARG D 538 35.91 6.13 -34.67
N LYS D 539 36.20 6.69 -33.49
CA LYS D 539 36.19 5.92 -32.26
C LYS D 539 34.82 5.85 -31.61
N GLU D 540 33.84 6.60 -32.08
CA GLU D 540 32.57 6.71 -31.39
C GLU D 540 31.70 5.47 -31.54
N TYR D 541 32.10 4.48 -32.33
CA TYR D 541 31.25 3.32 -32.53
C TYR D 541 30.94 2.60 -31.23
N VAL D 542 31.89 2.63 -30.28
CA VAL D 542 31.66 1.96 -29.01
C VAL D 542 30.47 2.60 -28.31
N ALA D 543 30.31 3.91 -28.44
CA ALA D 543 29.18 4.58 -27.82
C ALA D 543 27.86 4.06 -28.36
N SER D 544 27.83 3.69 -29.64
CA SER D 544 26.63 3.03 -30.14
C SER D 544 26.55 1.61 -29.63
N MET D 545 27.67 0.87 -29.68
CA MET D 545 27.60 -0.58 -29.53
C MET D 545 27.04 -0.96 -28.18
N VAL D 546 27.52 -0.30 -27.12
CA VAL D 546 27.12 -0.67 -25.78
C VAL D 546 25.62 -0.50 -25.63
N PHE D 547 25.04 0.52 -26.25
CA PHE D 547 23.60 0.68 -26.12
C PHE D 547 22.88 -0.53 -26.68
N SER D 548 23.30 -0.98 -27.86
CA SER D 548 22.72 -2.19 -28.41
C SER D 548 22.93 -3.34 -27.45
N LEU D 549 24.13 -3.44 -26.89
CA LEU D 549 24.44 -4.54 -25.99
C LEU D 549 23.47 -4.55 -24.82
N ALA D 550 23.15 -3.38 -24.28
CA ALA D 550 22.23 -3.36 -23.14
C ALA D 550 20.88 -3.93 -23.54
N MET D 551 20.32 -3.44 -24.64
CA MET D 551 19.03 -3.95 -25.06
C MET D 551 19.14 -5.42 -25.43
N GLY D 552 20.32 -5.84 -25.91
CA GLY D 552 20.51 -7.21 -26.29
C GLY D 552 20.20 -8.16 -25.16
N TRP D 553 20.52 -7.76 -23.94
CA TRP D 553 20.11 -8.59 -22.81
C TRP D 553 18.66 -8.36 -22.44
N THR D 554 18.24 -7.10 -22.38
CA THR D 554 16.97 -6.78 -21.73
C THR D 554 15.81 -7.40 -22.49
N ASN D 555 15.86 -7.38 -23.81
CA ASN D 555 14.76 -7.91 -24.59
C ASN D 555 14.59 -9.40 -24.42
N MET D 556 15.53 -10.09 -23.78
CA MET D 556 15.32 -11.49 -23.47
C MET D 556 14.06 -11.70 -22.65
N LEU D 557 13.61 -10.69 -21.89
CA LEU D 557 12.38 -10.82 -21.13
C LEU D 557 11.19 -11.17 -22.02
N TYR D 558 11.25 -10.83 -23.30
CA TYR D 558 10.17 -11.19 -24.21
C TYR D 558 9.89 -12.67 -24.18
N TYR D 559 10.93 -13.49 -24.11
CA TYR D 559 10.70 -14.92 -24.15
C TYR D 559 10.11 -15.46 -22.87
N THR D 560 10.04 -14.67 -21.80
CA THR D 560 9.36 -15.16 -20.61
C THR D 560 7.85 -15.14 -20.79
N ARG D 561 7.33 -14.40 -21.77
CA ARG D 561 5.92 -14.54 -22.10
C ARG D 561 5.69 -15.96 -22.59
N GLY D 562 4.56 -16.53 -22.18
CA GLY D 562 4.23 -17.90 -22.49
C GLY D 562 4.48 -18.88 -21.35
N PHE D 563 5.18 -18.47 -20.31
CA PHE D 563 5.29 -19.25 -19.10
C PHE D 563 4.11 -18.95 -18.20
N GLN D 564 3.63 -19.96 -17.48
CA GLN D 564 2.38 -19.81 -16.75
C GLN D 564 2.50 -18.76 -15.66
N GLN D 565 3.62 -18.75 -14.94
CA GLN D 565 3.81 -17.88 -13.79
C GLN D 565 4.72 -16.69 -14.09
N MET D 566 5.88 -16.94 -14.68
CA MET D 566 6.89 -15.90 -14.79
C MET D 566 6.59 -14.90 -15.90
N GLY D 567 5.48 -15.03 -16.62
CA GLY D 567 5.19 -14.10 -17.69
C GLY D 567 4.64 -12.76 -17.25
N ILE D 568 4.09 -12.66 -16.04
CA ILE D 568 3.41 -11.43 -15.65
C ILE D 568 4.40 -10.27 -15.51
N TYR D 569 5.64 -10.58 -15.16
CA TYR D 569 6.63 -9.54 -14.90
C TYR D 569 7.09 -8.84 -16.17
N ALA D 570 6.63 -9.26 -17.35
CA ALA D 570 6.87 -8.52 -18.58
C ALA D 570 5.74 -7.55 -18.88
N VAL D 571 4.50 -8.04 -18.81
CA VAL D 571 3.37 -7.18 -19.16
C VAL D 571 3.22 -6.06 -18.14
N MET D 572 3.53 -6.32 -16.87
CA MET D 572 3.48 -5.25 -15.89
C MET D 572 4.46 -4.14 -16.23
N ILE D 573 5.67 -4.49 -16.67
CA ILE D 573 6.64 -3.47 -17.04
C ILE D 573 6.16 -2.70 -18.25
N GLU D 574 5.59 -3.39 -19.24
CA GLU D 574 5.10 -2.69 -20.41
C GLU D 574 4.04 -1.65 -20.03
N LYS D 575 3.07 -2.05 -19.22
CA LYS D 575 2.01 -1.12 -18.88
C LYS D 575 2.55 0.05 -18.06
N MET D 576 3.39 -0.22 -17.05
CA MET D 576 3.88 0.86 -16.23
C MET D 576 4.72 1.83 -17.05
N ILE D 577 5.55 1.33 -17.96
CA ILE D 577 6.47 2.23 -18.63
C ILE D 577 5.80 2.99 -19.76
N LEU D 578 4.70 2.47 -20.32
CA LEU D 578 3.99 3.24 -21.35
C LEU D 578 2.93 4.15 -20.77
N ARG D 579 1.93 3.59 -20.09
CA ARG D 579 0.72 4.33 -19.79
C ARG D 579 0.78 5.03 -18.45
N ASP D 580 1.96 5.11 -17.82
CA ASP D 580 2.11 5.90 -16.61
C ASP D 580 3.13 7.01 -16.71
N LEU D 581 4.39 6.70 -17.02
CA LEU D 581 5.41 7.74 -16.90
C LEU D 581 5.33 8.78 -18.00
N CYS D 582 4.73 8.46 -19.15
CA CYS D 582 4.56 9.50 -20.17
C CYS D 582 3.60 10.60 -19.71
N ARG D 583 2.85 10.36 -18.64
CA ARG D 583 2.01 11.36 -18.00
C ARG D 583 2.71 12.05 -16.86
N PHE D 584 3.36 11.30 -15.98
CA PHE D 584 4.00 11.89 -14.82
C PHE D 584 5.23 12.71 -15.20
N MET D 585 5.80 12.45 -16.37
CA MET D 585 7.01 13.15 -16.82
C MET D 585 6.86 14.67 -16.75
N PHE D 586 5.79 15.20 -17.33
CA PHE D 586 5.67 16.65 -17.40
C PHE D 586 5.46 17.26 -16.02
N VAL D 587 4.66 16.61 -15.19
CA VAL D 587 4.39 17.14 -13.85
C VAL D 587 5.68 17.20 -13.04
N TYR D 588 6.50 16.17 -13.11
CA TYR D 588 7.77 16.26 -12.39
C TYR D 588 8.69 17.30 -13.00
N LEU D 589 8.74 17.38 -14.33
CA LEU D 589 9.71 18.26 -14.96
C LEU D 589 9.43 19.71 -14.66
N VAL D 590 8.17 20.09 -14.49
CA VAL D 590 7.89 21.48 -14.14
C VAL D 590 8.59 21.84 -12.83
N PHE D 591 8.44 21.00 -11.82
CA PHE D 591 9.09 21.28 -10.54
C PHE D 591 10.59 21.32 -10.68
N LEU D 592 11.15 20.34 -11.39
CA LEU D 592 12.60 20.27 -11.49
C LEU D 592 13.16 21.52 -12.15
N PHE D 593 12.59 21.89 -13.29
CA PHE D 593 13.13 23.03 -14.02
C PHE D 593 12.92 24.33 -13.26
N GLY D 594 11.74 24.50 -12.65
CA GLY D 594 11.50 25.74 -11.92
C GLY D 594 12.47 25.94 -10.80
N PHE D 595 12.60 24.94 -9.93
CA PHE D 595 13.52 25.11 -8.81
C PHE D 595 14.96 25.17 -9.27
N SER D 596 15.30 24.47 -10.36
CA SER D 596 16.67 24.50 -10.86
C SER D 596 17.06 25.91 -11.29
N THR D 597 16.20 26.57 -12.07
CA THR D 597 16.52 27.94 -12.47
C THR D 597 16.50 28.88 -11.29
N ALA D 598 15.62 28.65 -10.33
CA ALA D 598 15.62 29.51 -9.15
C ALA D 598 16.94 29.43 -8.41
N VAL D 599 17.44 28.22 -8.18
CA VAL D 599 18.68 28.10 -7.44
C VAL D 599 19.84 28.63 -8.26
N VAL D 600 19.84 28.42 -9.58
CA VAL D 600 21.01 28.81 -10.32
C VAL D 600 21.11 30.31 -10.44
N THR D 601 19.99 31.01 -10.53
CA THR D 601 20.06 32.46 -10.60
C THR D 601 20.22 33.11 -9.24
N LEU D 602 19.83 32.42 -8.16
CA LEU D 602 20.00 33.00 -6.84
C LEU D 602 21.49 33.14 -6.52
N ILE D 603 22.24 32.06 -6.68
CA ILE D 603 23.67 32.07 -6.38
C ILE D 603 24.45 32.48 -7.64
N GLU D 604 25.31 33.48 -7.49
CA GLU D 604 26.14 33.95 -8.59
C GLU D 604 27.44 34.49 -8.00
N ASP D 605 28.47 34.57 -8.83
CA ASP D 605 29.77 35.05 -8.37
C ASP D 605 30.61 35.56 -9.54
N SER D 630 28.41 21.37 -8.02
CA SER D 630 28.72 22.61 -7.32
C SER D 630 27.87 23.78 -7.78
N TYR D 631 26.80 23.50 -8.51
CA TYR D 631 25.84 24.52 -8.96
C TYR D 631 26.48 25.56 -9.87
N ASN D 632 27.52 25.20 -10.61
CA ASN D 632 28.16 26.18 -11.48
C ASN D 632 27.41 26.39 -12.79
N SER D 633 26.47 25.51 -13.13
CA SER D 633 25.77 25.61 -14.40
C SER D 633 24.40 24.98 -14.25
N LEU D 634 23.54 25.18 -15.24
CA LEU D 634 22.20 24.64 -15.15
C LEU D 634 22.21 23.12 -15.11
N TYR D 635 23.09 22.49 -15.89
CA TYR D 635 23.11 21.03 -15.95
C TYR D 635 23.45 20.43 -14.59
N SER D 636 24.50 20.94 -13.95
CA SER D 636 24.93 20.36 -12.69
C SER D 636 23.84 20.50 -11.63
N THR D 637 23.18 21.65 -11.58
CA THR D 637 22.12 21.84 -10.60
C THR D 637 20.94 20.93 -10.90
N CYS D 638 20.61 20.72 -12.17
CA CYS D 638 19.56 19.77 -12.49
C CYS D 638 19.92 18.39 -11.95
N LEU D 639 21.17 17.98 -12.11
CA LEU D 639 21.57 16.68 -11.56
C LEU D 639 21.47 16.66 -10.05
N GLU D 640 21.89 17.72 -9.38
CA GLU D 640 21.88 17.73 -7.92
C GLU D 640 20.46 17.59 -7.38
N LEU D 641 19.54 18.35 -7.95
CA LEU D 641 18.17 18.23 -7.46
C LEU D 641 17.59 16.88 -7.80
N PHE D 642 17.98 16.29 -8.93
CA PHE D 642 17.52 14.94 -9.21
C PHE D 642 18.02 13.97 -8.15
N LYS D 643 19.28 14.12 -7.74
CA LYS D 643 19.78 13.26 -6.68
C LYS D 643 18.98 13.45 -5.39
N PHE D 644 18.57 14.68 -5.10
CA PHE D 644 17.73 14.89 -3.92
C PHE D 644 16.42 14.15 -4.04
N THR D 645 15.87 14.03 -5.25
CA THR D 645 14.54 13.46 -5.40
C THR D 645 14.48 12.02 -4.92
N ILE D 646 15.51 11.22 -5.16
CA ILE D 646 15.48 9.79 -4.87
C ILE D 646 16.32 9.46 -3.63
N GLY D 647 16.50 10.42 -2.73
CA GLY D 647 17.03 10.12 -1.42
C GLY D 647 18.50 9.78 -1.38
N MET D 648 19.20 9.90 -2.49
CA MET D 648 20.63 9.60 -2.52
C MET D 648 21.50 10.81 -2.22
N GLY D 649 20.98 12.01 -2.42
CA GLY D 649 21.78 13.21 -2.29
C GLY D 649 22.08 13.51 -0.84
N ASP D 650 22.78 14.63 -0.65
CA ASP D 650 23.19 15.05 0.69
C ASP D 650 23.10 16.57 0.79
N LEU D 651 22.74 17.02 1.98
CA LEU D 651 22.53 18.43 2.28
C LEU D 651 23.70 18.90 3.13
N GLU D 652 24.69 19.53 2.50
CA GLU D 652 25.89 19.92 3.21
C GLU D 652 25.82 21.33 3.78
N PHE D 653 25.31 22.28 3.02
CA PHE D 653 25.28 23.69 3.42
C PHE D 653 26.68 24.19 3.79
N THR D 654 27.52 24.26 2.77
CA THR D 654 28.85 24.82 2.93
C THR D 654 28.77 26.34 3.04
N GLU D 655 29.92 26.95 3.33
CA GLU D 655 29.98 28.37 3.57
C GLU D 655 30.07 29.13 2.26
N ASN D 656 30.11 30.47 2.37
CA ASN D 656 30.53 31.40 1.32
C ASN D 656 29.51 31.60 0.21
N TYR D 657 28.31 31.04 0.32
CA TYR D 657 27.22 31.49 -0.54
C TYR D 657 26.56 32.68 0.11
N ASP D 658 26.40 33.74 -0.65
CA ASP D 658 25.53 34.82 -0.21
C ASP D 658 24.08 34.36 -0.31
N PHE D 659 23.21 35.03 0.44
CA PHE D 659 21.80 34.67 0.48
C PHE D 659 21.59 33.25 0.99
N LYS D 660 22.47 32.80 1.89
CA LYS D 660 22.39 31.43 2.36
C LYS D 660 21.05 31.14 3.04
N ALA D 661 20.56 32.12 3.81
CA ALA D 661 19.33 31.90 4.57
C ALA D 661 18.13 31.65 3.67
N VAL D 662 18.14 32.17 2.45
CA VAL D 662 17.06 31.91 1.52
C VAL D 662 17.31 30.61 0.76
N PHE D 663 18.57 30.33 0.47
CA PHE D 663 18.93 29.08 -0.17
C PHE D 663 18.41 27.89 0.63
N ILE D 664 18.59 27.93 1.95
CA ILE D 664 18.14 26.83 2.79
C ILE D 664 16.63 26.67 2.70
N ILE D 665 15.90 27.79 2.74
CA ILE D 665 14.44 27.68 2.72
C ILE D 665 13.98 27.09 1.39
N LEU D 666 14.59 27.52 0.30
CA LEU D 666 14.21 26.94 -0.99
C LEU D 666 14.47 25.44 -1.01
N LEU D 667 15.63 24.99 -0.54
CA LEU D 667 15.92 23.57 -0.60
C LEU D 667 14.99 22.77 0.29
N LEU D 668 14.68 23.27 1.49
CA LEU D 668 13.77 22.53 2.34
C LEU D 668 12.39 22.44 1.72
N ALA D 669 11.93 23.52 1.10
CA ALA D 669 10.66 23.46 0.41
C ALA D 669 10.70 22.43 -0.71
N TYR D 670 11.80 22.37 -1.44
CA TYR D 670 11.89 21.43 -2.56
C TYR D 670 11.88 19.99 -2.06
N VAL D 671 12.67 19.70 -1.03
CA VAL D 671 12.74 18.35 -0.51
C VAL D 671 11.38 17.90 -0.01
N ILE D 672 10.70 18.76 0.74
CA ILE D 672 9.37 18.39 1.24
C ILE D 672 8.41 18.19 0.08
N LEU D 673 8.47 19.05 -0.92
CA LEU D 673 7.49 18.98 -2.01
C LEU D 673 7.71 17.75 -2.86
N THR D 674 8.96 17.42 -3.18
CA THR D 674 9.23 16.32 -4.10
C THR D 674 9.35 14.98 -3.39
N TYR D 675 10.23 14.88 -2.40
CA TYR D 675 10.58 13.57 -1.87
C TYR D 675 9.43 12.94 -1.10
N ILE D 676 8.82 13.69 -0.19
CA ILE D 676 7.74 13.10 0.61
C ILE D 676 6.45 13.07 -0.17
N LEU D 677 6.06 14.20 -0.76
CA LEU D 677 4.70 14.34 -1.25
C LEU D 677 4.50 13.73 -2.63
N LEU D 678 5.25 14.20 -3.62
CA LEU D 678 4.97 13.82 -5.00
C LEU D 678 5.36 12.36 -5.29
N LEU D 679 6.55 11.95 -4.85
CA LEU D 679 7.04 10.63 -5.23
C LEU D 679 6.14 9.54 -4.68
N ASN D 680 5.73 9.66 -3.42
CA ASN D 680 4.87 8.62 -2.86
C ASN D 680 3.50 8.63 -3.51
N MET D 681 3.06 9.77 -4.06
CA MET D 681 1.87 9.76 -4.88
C MET D 681 2.06 8.89 -6.11
N LEU D 682 3.20 9.04 -6.79
CA LEU D 682 3.47 8.17 -7.93
C LEU D 682 3.47 6.71 -7.52
N ILE D 683 4.05 6.41 -6.36
CA ILE D 683 4.12 5.03 -5.90
C ILE D 683 2.72 4.48 -5.63
N ALA D 684 1.85 5.29 -5.04
CA ALA D 684 0.48 4.82 -4.83
C ALA D 684 -0.20 4.48 -6.15
N LEU D 685 0.00 5.32 -7.17
CA LEU D 685 -0.63 5.02 -8.45
C LEU D 685 -0.08 3.72 -9.04
N MET D 686 1.22 3.51 -8.99
CA MET D 686 1.76 2.27 -9.54
C MET D 686 1.29 1.06 -8.76
N GLY D 687 1.15 1.19 -7.45
CA GLY D 687 0.61 0.09 -6.66
C GLY D 687 -0.80 -0.27 -7.11
N GLU D 688 -1.62 0.74 -7.38
CA GLU D 688 -2.95 0.45 -7.90
C GLU D 688 -2.87 -0.24 -9.26
N THR D 689 -1.95 0.21 -10.12
CA THR D 689 -1.84 -0.42 -11.44
C THR D 689 -1.48 -1.90 -11.33
N VAL D 690 -0.50 -2.25 -10.49
CA VAL D 690 -0.09 -3.65 -10.44
C VAL D 690 -1.16 -4.50 -9.77
N ASN D 691 -1.83 -4.00 -8.73
CA ASN D 691 -2.93 -4.78 -8.19
C ASN D 691 -4.08 -4.91 -9.18
N LYS D 692 -4.22 -3.98 -10.12
CA LYS D 692 -5.33 -4.05 -11.05
C LYS D 692 -5.27 -5.27 -11.97
N ILE D 693 -4.09 -5.82 -12.22
CA ILE D 693 -3.92 -6.98 -13.08
C ILE D 693 -3.28 -8.14 -12.35
N ALA D 694 -3.52 -8.26 -11.05
CA ALA D 694 -3.21 -9.51 -10.37
C ALA D 694 -4.20 -10.60 -10.75
N GLN D 695 -5.46 -10.25 -10.96
CA GLN D 695 -6.51 -11.24 -11.15
C GLN D 695 -6.63 -11.71 -12.59
N GLU D 696 -6.41 -10.81 -13.55
CA GLU D 696 -6.55 -11.12 -14.95
C GLU D 696 -5.40 -11.97 -15.48
N SER D 697 -4.42 -12.30 -14.63
CA SER D 697 -3.17 -12.91 -15.08
C SER D 697 -3.38 -14.16 -15.91
N LYS D 698 -4.37 -14.99 -15.54
CA LYS D 698 -4.63 -16.20 -16.31
C LYS D 698 -5.03 -15.84 -17.73
N ASN D 699 -6.04 -14.99 -17.88
CA ASN D 699 -6.55 -14.69 -19.20
C ASN D 699 -5.50 -13.97 -20.03
N ILE D 700 -4.75 -13.08 -19.39
CA ILE D 700 -3.67 -12.39 -20.07
C ILE D 700 -2.70 -13.40 -20.64
N TRP D 701 -2.31 -14.39 -19.84
CA TRP D 701 -1.36 -15.38 -20.30
C TRP D 701 -1.87 -16.11 -21.53
N LYS D 702 -3.19 -16.33 -21.60
CA LYS D 702 -3.75 -17.02 -22.75
C LYS D 702 -3.45 -16.26 -24.03
N LEU D 703 -3.65 -14.93 -24.00
CA LEU D 703 -3.31 -14.13 -25.18
C LEU D 703 -1.84 -14.29 -25.51
N GLN D 704 -0.99 -14.26 -24.49
CA GLN D 704 0.44 -14.40 -24.72
C GLN D 704 0.77 -15.73 -25.38
N ARG D 705 0.02 -16.77 -25.02
CA ARG D 705 0.20 -18.03 -25.72
C ARG D 705 -0.22 -17.89 -27.18
N ALA D 706 -1.44 -17.38 -27.40
CA ALA D 706 -2.08 -17.56 -28.69
C ALA D 706 -1.30 -16.88 -29.80
N ILE D 707 -0.97 -15.61 -29.59
CA ILE D 707 -0.25 -14.85 -30.60
C ILE D 707 1.08 -15.53 -30.92
N THR D 708 1.75 -16.05 -29.89
CA THR D 708 3.05 -16.67 -30.09
C THR D 708 2.93 -17.86 -31.04
N ILE D 709 1.84 -18.60 -30.94
CA ILE D 709 1.62 -19.73 -31.85
C ILE D 709 1.42 -19.21 -33.26
N LEU D 710 0.58 -18.18 -33.42
CA LEU D 710 0.13 -17.79 -34.75
C LEU D 710 1.28 -17.25 -35.58
N ASP D 711 2.26 -16.63 -34.95
CA ASP D 711 3.44 -16.19 -35.69
C ASP D 711 4.29 -17.37 -36.11
N THR D 712 4.44 -18.36 -35.22
CA THR D 712 5.32 -19.48 -35.52
C THR D 712 4.73 -20.38 -36.59
N GLU D 713 3.46 -20.78 -36.43
CA GLU D 713 2.85 -21.67 -37.41
C GLU D 713 2.73 -21.00 -38.76
N LYS D 714 2.49 -19.69 -38.78
CA LYS D 714 2.51 -18.95 -40.03
C LYS D 714 3.89 -19.04 -40.68
N SER D 715 4.95 -18.95 -39.87
CA SER D 715 6.30 -18.98 -40.41
C SER D 715 6.73 -20.41 -40.72
N PHE D 716 6.64 -21.31 -39.74
CA PHE D 716 6.72 -22.78 -39.78
C PHE D 716 8.07 -23.35 -40.22
N LEU D 717 8.92 -22.55 -40.87
CA LEU D 717 10.37 -22.73 -40.85
C LEU D 717 10.90 -24.02 -41.47
N LYS D 718 10.03 -24.94 -41.93
CA LYS D 718 10.46 -26.26 -42.41
C LYS D 718 9.64 -26.77 -43.60
N CYS D 719 8.77 -25.95 -44.18
CA CYS D 719 7.96 -26.36 -45.33
C CYS D 719 7.09 -27.58 -45.00
N MET D 720 6.64 -27.67 -43.75
CA MET D 720 5.70 -28.70 -43.31
C MET D 720 4.27 -28.20 -43.45
N ARG D 721 3.33 -29.14 -43.47
CA ARG D 721 1.91 -28.86 -43.55
C ARG D 721 1.15 -29.70 -42.53
N LYS D 722 1.65 -29.75 -41.31
CA LYS D 722 1.07 -30.55 -40.24
C LYS D 722 0.10 -29.75 -39.38
N ALA D 723 -0.35 -28.59 -39.84
CA ALA D 723 -1.20 -27.73 -39.01
C ALA D 723 -2.59 -28.33 -38.82
N PHE D 724 -3.09 -29.09 -39.78
CA PHE D 724 -4.42 -29.67 -39.67
C PHE D 724 -4.46 -30.68 -38.54
N ARG D 725 -5.61 -30.75 -37.85
CA ARG D 725 -5.72 -31.62 -36.70
C ARG D 725 -5.72 -33.08 -37.11
N SER D 726 -6.70 -33.50 -37.89
CA SER D 726 -6.75 -34.90 -38.33
C SER D 726 -7.78 -35.12 -39.43
N GLY D 727 -7.41 -35.85 -40.46
CA GLY D 727 -8.36 -36.50 -41.32
C GLY D 727 -9.14 -35.62 -42.28
N LYS D 728 -9.40 -36.16 -43.47
CA LYS D 728 -10.49 -35.71 -44.33
C LYS D 728 -11.70 -36.60 -44.08
N LEU D 729 -12.26 -36.46 -42.89
CA LEU D 729 -13.26 -37.40 -42.40
C LEU D 729 -14.54 -37.25 -43.20
N LEU D 730 -14.97 -38.35 -43.84
CA LEU D 730 -16.17 -38.39 -44.65
C LEU D 730 -17.41 -38.79 -43.87
N GLN D 731 -17.30 -39.01 -42.56
CA GLN D 731 -18.45 -39.47 -41.78
C GLN D 731 -19.55 -38.42 -41.69
N VAL D 732 -19.25 -37.15 -41.97
CA VAL D 732 -20.28 -36.12 -41.93
C VAL D 732 -21.05 -36.15 -43.25
N GLY D 733 -20.36 -35.81 -44.34
CA GLY D 733 -20.86 -36.08 -45.69
C GLY D 733 -22.22 -35.53 -46.02
N PHE D 734 -22.65 -34.46 -45.35
CA PHE D 734 -23.98 -33.90 -45.57
C PHE D 734 -23.94 -32.87 -46.70
N THR D 735 -24.85 -33.02 -47.65
CA THR D 735 -24.94 -32.11 -48.79
C THR D 735 -26.25 -32.39 -49.50
N PRO D 736 -26.88 -31.38 -50.14
CA PRO D 736 -28.08 -31.67 -50.93
C PRO D 736 -27.82 -32.60 -52.11
N ASP D 737 -26.57 -32.69 -52.57
CA ASP D 737 -26.21 -33.62 -53.63
C ASP D 737 -26.09 -35.03 -53.05
N GLY D 738 -25.87 -36.01 -53.91
CA GLY D 738 -25.62 -37.36 -53.47
C GLY D 738 -24.19 -37.64 -53.07
N LYS D 739 -23.33 -36.63 -53.06
CA LYS D 739 -21.91 -36.81 -52.80
C LYS D 739 -21.60 -36.76 -51.31
N ASP D 740 -20.35 -37.06 -50.99
CA ASP D 740 -19.82 -37.00 -49.63
C ASP D 740 -18.93 -35.77 -49.49
N ASP D 741 -18.46 -35.52 -48.27
CA ASP D 741 -17.69 -34.32 -47.99
C ASP D 741 -17.00 -34.49 -46.63
N TYR D 742 -16.05 -33.61 -46.36
CA TYR D 742 -15.32 -33.60 -45.11
C TYR D 742 -15.08 -32.15 -44.68
N ARG D 743 -14.84 -31.96 -43.37
CA ARG D 743 -14.62 -30.63 -42.81
C ARG D 743 -13.45 -30.61 -41.84
N TRP D 744 -12.52 -31.57 -41.94
CA TRP D 744 -11.40 -31.67 -41.02
C TRP D 744 -11.86 -31.72 -39.57
N CYS D 745 -12.90 -32.52 -39.31
CA CYS D 745 -13.56 -32.49 -38.03
C CYS D 745 -12.64 -32.96 -36.90
N PHE D 746 -12.93 -32.49 -35.69
CA PHE D 746 -12.12 -32.73 -34.52
C PHE D 746 -13.00 -33.32 -33.42
N ARG D 747 -12.61 -34.48 -32.90
CA ARG D 747 -13.29 -35.11 -31.79
C ARG D 747 -12.74 -34.55 -30.48
N VAL D 748 -13.61 -33.96 -29.67
CA VAL D 748 -13.22 -33.35 -28.40
C VAL D 748 -14.17 -33.84 -27.33
N ASP D 749 -13.61 -34.30 -26.22
CA ASP D 749 -14.39 -34.71 -25.05
C ASP D 749 -14.67 -33.47 -24.21
N GLU D 750 -15.94 -33.22 -23.94
CA GLU D 750 -16.37 -32.23 -22.96
C GLU D 750 -16.90 -32.95 -21.74
N VAL D 751 -16.35 -32.62 -20.57
CA VAL D 751 -16.76 -33.19 -19.29
C VAL D 751 -17.36 -32.04 -18.49
N ASN D 752 -18.69 -32.03 -18.36
CA ASN D 752 -19.40 -30.84 -17.86
C ASN D 752 -20.72 -31.31 -17.25
N TRP D 753 -20.81 -31.24 -15.93
CA TRP D 753 -22.05 -31.60 -15.23
C TRP D 753 -22.12 -30.96 -13.85
N ASP E 2 36.92 18.44 35.80
CA ASP E 2 37.99 17.40 35.75
C ASP E 2 37.57 16.25 34.86
N CYS E 3 38.56 15.63 34.23
CA CYS E 3 38.37 14.48 33.36
C CYS E 3 38.57 13.20 34.16
N ALA E 4 38.32 12.07 33.52
CA ALA E 4 38.55 10.77 34.13
C ALA E 4 39.96 10.27 33.81
N LYS E 5 40.43 9.36 34.66
CA LYS E 5 41.73 8.73 34.55
C LYS E 5 41.59 7.36 33.89
N GLU E 6 42.73 6.75 33.59
CA GLU E 6 42.73 5.46 32.91
C GLU E 6 42.05 4.40 33.76
N GLY E 7 41.16 3.64 33.13
CA GLY E 7 40.42 2.59 33.79
C GLY E 7 39.08 3.02 34.35
N GLU E 8 38.85 4.32 34.50
CA GLU E 8 37.59 4.82 35.01
C GLU E 8 36.54 4.83 33.91
N VAL E 9 35.28 4.81 34.31
CA VAL E 9 34.18 4.80 33.36
C VAL E 9 34.05 6.20 32.77
N CYS E 10 34.21 6.31 31.46
CA CYS E 10 34.10 7.58 30.76
C CYS E 10 32.80 7.62 29.97
N SER E 11 32.40 8.83 29.64
CA SER E 11 31.27 9.18 28.77
C SER E 11 29.92 9.11 29.46
N TRP E 12 29.82 8.63 30.70
CA TRP E 12 28.53 8.65 31.40
C TRP E 12 28.34 9.95 32.16
N GLY E 13 29.39 10.52 32.72
CA GLY E 13 29.35 11.89 33.17
C GLY E 13 30.64 12.66 32.93
N LYS E 14 31.65 12.00 32.35
CA LYS E 14 32.99 12.58 32.27
C LYS E 14 33.67 12.06 31.02
N LYS E 15 34.51 12.90 30.42
CA LYS E 15 35.45 12.46 29.38
C LYS E 15 36.83 12.27 29.98
N CYS E 16 37.67 11.54 29.27
CA CYS E 16 39.05 11.33 29.69
C CYS E 16 39.97 12.32 28.98
N CYS E 17 41.08 12.63 29.64
CA CYS E 17 42.04 13.61 29.16
C CYS E 17 43.04 12.98 28.19
N ASP E 18 43.80 13.85 27.52
CA ASP E 18 44.89 13.43 26.64
C ASP E 18 44.39 12.53 25.52
N LEU E 19 43.59 13.11 24.61
CA LEU E 19 43.08 12.36 23.48
C LEU E 19 44.19 11.78 22.63
N ASP E 20 45.38 12.40 22.64
CA ASP E 20 46.53 11.83 21.96
C ASP E 20 47.09 10.60 22.67
N ASN E 21 46.71 10.37 23.94
CA ASN E 21 47.10 9.17 24.68
C ASN E 21 45.96 8.23 24.97
N PHE E 22 44.76 8.73 25.26
CA PHE E 22 43.64 7.92 25.73
C PHE E 22 42.39 8.19 24.92
N TYR E 23 41.55 7.15 24.82
CA TYR E 23 40.32 7.20 24.03
C TYR E 23 39.23 6.45 24.78
N CYS E 24 37.98 6.84 24.51
CA CYS E 24 36.84 6.30 25.22
C CYS E 24 36.08 5.35 24.30
N PRO E 25 36.25 4.02 24.44
CA PRO E 25 35.68 3.12 23.44
C PRO E 25 34.16 3.03 23.52
N MET E 26 33.57 2.53 22.44
CA MET E 26 32.12 2.38 22.31
C MET E 26 31.75 0.92 22.61
N GLU E 27 31.54 0.64 23.90
CA GLU E 27 31.16 -0.71 24.35
C GLU E 27 30.01 -0.69 25.35
N PHE E 28 29.32 0.44 25.53
CA PHE E 28 28.23 0.64 26.49
C PHE E 28 28.70 0.70 27.94
N ILE E 29 29.95 0.37 28.23
CA ILE E 29 30.56 0.66 29.53
C ILE E 29 31.97 1.15 29.23
N PRO E 30 32.16 2.38 28.81
CA PRO E 30 33.46 2.78 28.28
C PRO E 30 34.56 2.93 29.32
N HIS E 31 35.28 1.85 29.62
CA HIS E 31 36.52 1.98 30.36
C HIS E 31 37.58 2.60 29.46
N CYS E 32 38.04 3.80 29.81
CA CYS E 32 38.97 4.53 28.95
C CYS E 32 40.35 3.86 28.97
N LYS E 33 40.98 3.80 27.78
CA LYS E 33 42.20 3.04 27.58
C LYS E 33 43.21 3.83 26.76
N LYS E 34 44.47 3.42 26.89
CA LYS E 34 45.58 3.99 26.14
C LYS E 34 45.72 3.32 24.78
N TYR E 35 46.33 4.04 23.84
CA TYR E 35 46.59 3.50 22.51
C TYR E 35 47.70 2.44 22.57
N LYS E 36 47.91 1.79 21.43
CA LYS E 36 48.91 0.75 21.23
C LYS E 36 49.75 1.10 20.01
N PRO E 37 51.00 0.63 19.94
CA PRO E 37 51.80 0.89 18.74
C PRO E 37 51.29 0.11 17.54
N TYR E 38 51.54 0.65 16.36
CA TYR E 38 51.16 -0.02 15.10
C TYR E 38 52.27 -0.99 14.73
N VAL E 39 52.12 -2.23 15.16
CA VAL E 39 53.11 -3.26 14.89
C VAL E 39 53.08 -3.59 13.40
N PRO E 40 54.18 -4.03 12.80
CA PRO E 40 54.15 -4.39 11.38
C PRO E 40 53.54 -5.77 11.17
N VAL E 41 53.42 -6.14 9.90
CA VAL E 41 52.84 -7.43 9.54
C VAL E 41 53.82 -8.54 9.91
N THR E 42 53.30 -9.61 10.49
CA THR E 42 54.09 -10.76 10.90
C THR E 42 54.12 -11.78 9.76
N THR E 43 54.56 -13.00 10.07
CA THR E 43 54.67 -14.07 9.09
C THR E 43 53.29 -14.59 8.71
N ASN E 44 53.29 -15.60 7.83
CA ASN E 44 52.09 -16.29 7.34
C ASN E 44 51.22 -15.41 6.46
N CYS E 45 51.71 -14.27 5.99
CA CYS E 45 51.01 -13.52 4.97
C CYS E 45 51.29 -14.13 3.61
N ALA E 46 50.30 -14.03 2.72
CA ALA E 46 50.46 -14.59 1.39
C ALA E 46 51.30 -13.67 0.52
N LYS E 47 51.84 -14.23 -0.55
CA LYS E 47 52.74 -13.55 -1.47
C LYS E 47 52.11 -13.49 -2.86
N GLU E 48 52.83 -12.90 -3.80
CA GLU E 48 52.26 -12.61 -5.11
C GLU E 48 51.87 -13.90 -5.83
N GLY E 49 50.68 -13.88 -6.43
CA GLY E 49 50.12 -15.02 -7.12
C GLY E 49 49.29 -15.94 -6.26
N GLU E 50 49.31 -15.78 -4.94
CA GLU E 50 48.58 -16.67 -4.05
C GLU E 50 47.18 -16.11 -3.78
N VAL E 51 46.26 -17.01 -3.49
CA VAL E 51 44.89 -16.62 -3.23
C VAL E 51 44.81 -15.91 -1.89
N CYS E 52 44.18 -14.74 -1.88
CA CYS E 52 44.10 -13.88 -0.70
C CYS E 52 42.66 -13.56 -0.38
N GLY E 53 42.38 -13.39 0.91
CA GLY E 53 41.07 -13.03 1.37
C GLY E 53 40.19 -14.20 1.77
N TRP E 54 40.58 -15.43 1.44
CA TRP E 54 39.80 -16.60 1.82
C TRP E 54 40.30 -17.29 3.07
N GLY E 55 41.61 -17.26 3.33
CA GLY E 55 42.14 -17.78 4.57
C GLY E 55 43.29 -16.98 5.14
N SER E 56 43.71 -15.91 4.46
CA SER E 56 44.84 -15.14 4.95
C SER E 56 44.96 -13.87 4.13
N LYS E 57 45.54 -12.85 4.75
CA LYS E 57 45.80 -11.58 4.10
C LYS E 57 47.20 -11.58 3.50
N CYS E 58 47.44 -10.59 2.64
CA CYS E 58 48.73 -10.44 2.01
C CYS E 58 49.62 -9.50 2.82
N CYS E 59 50.91 -9.59 2.54
CA CYS E 59 51.89 -8.78 3.27
C CYS E 59 51.72 -7.31 2.90
N HIS E 60 52.42 -6.45 3.64
CA HIS E 60 52.26 -5.02 3.48
C HIS E 60 52.77 -4.52 2.13
N GLY E 61 53.65 -5.26 1.46
CA GLY E 61 54.24 -4.82 0.21
C GLY E 61 53.43 -5.06 -1.04
N LEU E 62 52.22 -5.61 -0.92
CA LEU E 62 51.43 -5.99 -2.06
C LEU E 62 49.95 -5.95 -1.68
N ASP E 63 49.09 -5.92 -2.70
CA ASP E 63 47.68 -5.63 -2.53
C ASP E 63 46.81 -6.79 -3.01
N CYS E 64 45.61 -6.88 -2.44
CA CYS E 64 44.65 -7.94 -2.68
C CYS E 64 43.42 -7.37 -3.38
N PRO E 65 43.20 -7.57 -4.68
CA PRO E 65 42.08 -6.90 -5.34
C PRO E 65 40.74 -7.47 -4.91
N LEU E 66 39.68 -6.82 -5.38
CA LEU E 66 38.31 -7.23 -5.10
C LEU E 66 37.79 -8.07 -6.25
N ALA E 67 37.58 -9.36 -6.00
CA ALA E 67 36.99 -10.26 -6.98
C ALA E 67 36.61 -11.53 -6.25
N PHE E 68 35.91 -12.42 -6.94
CA PHE E 68 35.41 -13.61 -6.27
C PHE E 68 36.54 -14.51 -5.80
N ILE E 69 37.58 -14.65 -6.60
CA ILE E 69 38.77 -15.42 -6.21
C ILE E 69 39.98 -14.52 -6.42
N PRO E 70 40.31 -13.63 -5.50
CA PRO E 70 41.38 -12.68 -5.74
C PRO E 70 42.75 -13.34 -5.84
N TYR E 71 43.67 -12.65 -6.51
CA TYR E 71 45.08 -12.96 -6.50
C TYR E 71 45.85 -11.68 -6.21
N CYS E 72 46.82 -11.75 -5.29
CA CYS E 72 47.54 -10.56 -4.88
C CYS E 72 48.55 -10.15 -5.95
N GLU E 73 48.85 -8.85 -5.97
CA GLU E 73 49.82 -8.31 -6.91
C GLU E 73 50.58 -7.16 -6.26
N LYS E 74 51.78 -6.90 -6.79
CA LYS E 74 52.57 -5.76 -6.34
C LYS E 74 51.78 -4.47 -6.51
N TYR E 75 51.77 -3.67 -5.46
CA TYR E 75 51.00 -2.44 -5.46
C TYR E 75 51.66 -1.41 -6.37
N ARG E 76 50.95 -0.98 -7.41
CA ARG E 76 51.46 -0.01 -8.37
C ARG E 76 50.36 0.91 -8.85
N ASP F 2 45.82 9.95 -27.94
CA ASP F 2 46.13 11.35 -27.56
C ASP F 2 44.89 12.07 -27.04
N CYS F 3 45.14 13.14 -26.30
CA CYS F 3 44.11 13.90 -25.62
C CYS F 3 43.64 15.06 -26.49
N ALA F 4 42.61 15.75 -25.99
CA ALA F 4 42.11 16.95 -26.64
C ALA F 4 42.83 18.18 -26.10
N LYS F 5 42.75 19.25 -26.88
CA LYS F 5 43.37 20.54 -26.58
C LYS F 5 42.31 21.50 -26.06
N GLU F 6 42.77 22.65 -25.58
CA GLU F 6 41.87 23.63 -24.98
C GLU F 6 40.84 24.12 -25.99
N GLY F 7 39.59 24.12 -25.58
CA GLY F 7 38.48 24.50 -26.43
C GLY F 7 37.83 23.36 -27.18
N GLU F 8 38.48 22.21 -27.27
CA GLU F 8 37.91 21.06 -27.95
C GLU F 8 36.94 20.33 -27.03
N VAL F 9 36.04 19.56 -27.62
CA VAL F 9 35.03 18.85 -26.86
C VAL F 9 35.66 17.61 -26.24
N CYS F 10 35.59 17.52 -24.92
CA CYS F 10 36.09 16.37 -24.18
C CYS F 10 34.93 15.53 -23.67
N SER F 11 35.28 14.31 -23.26
CA SER F 11 34.40 13.39 -22.55
C SER F 11 33.38 12.68 -23.45
N TRP F 12 33.33 13.03 -24.74
CA TRP F 12 32.52 12.24 -25.67
C TRP F 12 33.34 11.17 -26.37
N GLY F 13 34.60 11.45 -26.68
CA GLY F 13 35.51 10.39 -27.04
C GLY F 13 36.94 10.58 -26.55
N LYS F 14 37.21 11.68 -25.86
CA LYS F 14 38.58 12.05 -25.52
C LYS F 14 38.58 12.79 -24.20
N LYS F 15 39.67 12.66 -23.44
CA LYS F 15 39.93 13.46 -22.26
C LYS F 15 40.96 14.55 -22.58
N CYS F 16 40.97 15.59 -21.75
CA CYS F 16 41.92 16.68 -21.90
C CYS F 16 43.14 16.44 -21.02
N CYS F 17 44.30 16.90 -21.51
CA CYS F 17 45.58 16.62 -20.87
C CYS F 17 45.89 17.63 -19.77
N ASP F 18 46.89 17.29 -18.95
CA ASP F 18 47.40 18.17 -17.91
C ASP F 18 46.31 18.55 -16.92
N LEU F 19 45.86 17.57 -16.13
CA LEU F 19 44.81 17.81 -15.15
C LEU F 19 45.19 18.92 -14.18
N ASP F 20 46.48 19.12 -13.94
CA ASP F 20 46.93 20.26 -13.15
C ASP F 20 46.78 21.58 -13.89
N ASN F 21 46.55 21.56 -15.20
CA ASN F 21 46.29 22.76 -16.00
C ASN F 21 44.86 22.85 -16.50
N PHE F 22 44.25 21.74 -16.93
CA PHE F 22 42.96 21.76 -17.61
C PHE F 22 42.00 20.75 -16.99
N TYR F 23 40.71 21.10 -17.05
CA TYR F 23 39.64 20.29 -16.47
C TYR F 23 38.47 20.28 -17.44
N CYS F 24 37.68 19.22 -17.37
CA CYS F 24 36.59 18.97 -18.30
C CYS F 24 35.26 19.17 -17.59
N PRO F 25 34.61 20.34 -17.73
CA PRO F 25 33.42 20.60 -16.90
C PRO F 25 32.24 19.73 -17.26
N MET F 26 31.27 19.70 -16.36
CA MET F 26 30.04 18.92 -16.53
C MET F 26 28.92 19.87 -16.96
N GLU F 27 28.79 20.05 -18.28
CA GLU F 27 27.76 20.90 -18.85
C GLU F 27 27.04 20.26 -20.03
N PHE F 28 27.23 18.95 -20.27
CA PHE F 28 26.67 18.19 -21.39
C PHE F 28 27.33 18.51 -22.73
N ILE F 29 28.17 19.55 -22.81
CA ILE F 29 29.03 19.78 -23.96
C ILE F 29 30.38 20.21 -23.40
N PRO F 30 31.20 19.29 -22.90
CA PRO F 30 32.38 19.70 -22.13
C PRO F 30 33.53 20.29 -22.95
N HIS F 31 33.58 21.62 -23.08
CA HIS F 31 34.79 22.29 -23.54
C HIS F 31 35.72 22.47 -22.35
N CYS F 32 36.87 21.78 -22.34
CA CYS F 32 37.78 21.90 -21.21
C CYS F 32 38.49 23.25 -21.23
N LYS F 33 38.82 23.73 -20.03
CA LYS F 33 39.32 25.08 -19.84
C LYS F 33 40.46 25.05 -18.82
N LYS F 34 41.26 26.12 -18.85
CA LYS F 34 42.36 26.27 -17.92
C LYS F 34 41.86 26.83 -16.58
N TYR F 35 42.59 26.51 -15.51
CA TYR F 35 42.22 27.00 -14.20
C TYR F 35 42.47 28.51 -14.10
N LYS F 36 41.98 29.09 -13.02
CA LYS F 36 42.11 30.50 -12.69
C LYS F 36 42.66 30.65 -11.28
N PRO F 37 43.37 31.73 -10.98
CA PRO F 37 43.91 31.89 -9.63
C PRO F 37 42.80 32.17 -8.63
N TYR F 38 43.06 31.80 -7.38
CA TYR F 38 42.11 32.05 -6.29
C TYR F 38 42.36 33.45 -5.77
N VAL F 39 41.63 34.41 -6.32
CA VAL F 39 41.78 35.81 -5.92
C VAL F 39 41.28 35.96 -4.48
N PRO F 40 41.77 36.92 -3.72
CA PRO F 40 41.27 37.11 -2.35
C PRO F 40 39.92 37.84 -2.34
N VAL F 41 39.38 37.98 -1.14
CA VAL F 41 38.08 38.63 -0.98
C VAL F 41 38.22 40.12 -1.25
N THR F 42 37.28 40.67 -1.99
CA THR F 42 37.25 42.09 -2.34
C THR F 42 36.45 42.86 -1.29
N THR F 43 36.11 44.10 -1.60
CA THR F 43 35.38 44.96 -0.69
C THR F 43 33.91 44.52 -0.59
N ASN F 44 33.14 45.26 0.21
CA ASN F 44 31.71 45.05 0.43
C ASN F 44 31.42 43.76 1.20
N CYS F 45 32.42 43.15 1.82
CA CYS F 45 32.15 42.06 2.76
C CYS F 45 31.72 42.64 4.10
N ALA F 46 30.91 41.87 4.82
CA ALA F 46 30.42 42.35 6.10
C ALA F 46 31.53 42.25 7.14
N LYS F 47 31.42 43.10 8.17
CA LYS F 47 32.37 43.17 9.27
C LYS F 47 31.77 42.51 10.50
N GLU F 48 32.58 42.41 11.55
CA GLU F 48 32.17 41.66 12.74
C GLU F 48 30.95 42.28 13.39
N GLY F 49 30.00 41.44 13.76
CA GLY F 49 28.76 41.87 14.37
C GLY F 49 27.65 42.20 13.40
N GLU F 50 27.92 42.22 12.10
CA GLU F 50 26.91 42.53 11.10
C GLU F 50 26.20 41.26 10.65
N VAL F 51 24.96 41.43 10.17
CA VAL F 51 24.18 40.30 9.71
C VAL F 51 24.77 39.79 8.41
N CYS F 52 25.00 38.48 8.35
CA CYS F 52 25.65 37.83 7.22
C CYS F 52 24.78 36.70 6.70
N GLY F 53 24.88 36.45 5.41
CA GLY F 53 24.15 35.38 4.77
C GLY F 53 22.84 35.79 4.15
N TRP F 54 22.31 36.98 4.47
CA TRP F 54 21.07 37.45 3.90
C TRP F 54 21.26 38.38 2.71
N GLY F 55 22.33 39.16 2.69
CA GLY F 55 22.65 39.95 1.52
C GLY F 55 24.13 39.99 1.17
N SER F 56 25.00 39.42 2.00
CA SER F 56 26.42 39.48 1.73
C SER F 56 27.17 38.54 2.67
N LYS F 57 28.33 38.08 2.19
CA LYS F 57 29.20 37.23 2.97
C LYS F 57 30.16 38.07 3.80
N CYS F 58 30.79 37.41 4.77
CA CYS F 58 31.76 38.07 5.62
C CYS F 58 33.15 37.97 5.01
N CYS F 59 34.05 38.82 5.50
CA CYS F 59 35.41 38.84 5.00
C CYS F 59 36.13 37.56 5.41
N HIS F 60 37.30 37.34 4.82
CA HIS F 60 38.01 36.07 4.98
C HIS F 60 38.51 35.84 6.41
N GLY F 61 38.55 36.89 7.24
CA GLY F 61 39.09 36.76 8.57
C GLY F 61 38.16 36.19 9.62
N LEU F 62 36.93 35.84 9.26
CA LEU F 62 35.98 35.36 10.24
C LEU F 62 34.87 34.58 9.53
N ASP F 63 34.05 33.90 10.34
CA ASP F 63 33.08 32.92 9.87
C ASP F 63 31.66 33.40 10.15
N CYS F 64 30.72 32.90 9.34
CA CYS F 64 29.31 33.23 9.45
C CYS F 64 28.56 32.01 9.96
N PRO F 65 28.11 31.95 11.22
CA PRO F 65 27.54 30.71 11.74
C PRO F 65 26.20 30.38 11.10
N LEU F 66 25.71 29.19 11.43
CA LEU F 66 24.43 28.69 10.92
C LEU F 66 23.35 28.99 11.96
N ALA F 67 22.46 29.91 11.62
CA ALA F 67 21.30 30.21 12.44
C ALA F 67 20.36 31.04 11.59
N PHE F 68 19.16 31.29 12.11
CA PHE F 68 18.17 31.97 11.30
C PHE F 68 18.59 33.40 10.98
N ILE F 69 19.21 34.09 11.93
CA ILE F 69 19.73 35.44 11.71
C ILE F 69 21.19 35.44 12.16
N PRO F 70 22.12 35.01 11.31
CA PRO F 70 23.52 34.88 11.77
C PRO F 70 24.16 36.22 12.09
N TYR F 71 25.20 36.15 12.91
CA TYR F 71 26.14 37.24 13.14
C TYR F 71 27.55 36.68 13.09
N CYS F 72 28.44 37.37 12.38
CA CYS F 72 29.81 36.88 12.21
C CYS F 72 30.62 37.09 13.47
N GLU F 73 31.55 36.17 13.72
CA GLU F 73 32.49 36.28 14.82
C GLU F 73 33.84 35.74 14.39
N LYS F 74 34.90 36.40 14.87
CA LYS F 74 36.25 35.94 14.61
C LYS F 74 36.47 34.57 15.25
N TYR F 75 37.17 33.69 14.53
CA TYR F 75 37.33 32.33 14.99
C TYR F 75 38.27 32.28 16.19
N ARG F 76 37.81 31.64 17.27
CA ARG F 76 38.60 31.55 18.50
C ARG F 76 38.36 30.21 19.19
#